data_2X09
#
_entry.id   2X09
#
_cell.length_a   86.750
_cell.length_b   121.950
_cell.length_c   92.050
_cell.angle_alpha   90.00
_cell.angle_beta   90.65
_cell.angle_gamma   90.00
#
_symmetry.space_group_name_H-M   'P 1 21 1'
#
loop_
_entity.id
_entity.type
_entity.pdbx_description
1 polymer EXO-BETA-D-GLUCOSAMINIDASE
2 non-polymer AMINO-AUSTRALINE
3 non-polymer 'CADMIUM ION'
4 water water
#
_entity_poly.entity_id   1
_entity_poly.type   'polypeptide(L)'
_entity_poly.pdbx_seq_one_letter_code
;VSFRQKRTRIPLLAMTVTALAAAVCGVTTAPAATGAEVAVPLSVGAAAGNATPIPGYVIQSSAQVSDDSAVSKPGFPTSG
WYPVSSRSTVYAGLLQNGKYADPFYSTNMQNVPAAQFSVPWWYRTDLNVDDTSSRTYLDFSGVLSKADVWVNGTKVATKD
QVNGAYTRHDLDITAQVHTGVNSVAFKVYPNDPNRDLSMGWIDWAQTPPDQNMGIVRDVLVRRSGAVALRSAHVIQKLNS
ALDHADLTVKADVRNDSANAVQTTVAGTVAGKPISQTVSLAAKERKTVTFPLVGLDRPNVWWPAGMGGQHRYDLDLTASV
GGTPSDAAKSKFGVRDVKATLNSSGGRQYSVNGKPLLIRGGGYTPDLFLRWNETAAADKLKYVLNLGLNTVRLEGHIEPD
EFFDIADDLGVLTMPGWECCDKWEGQVNGEEKGEPWVESDYPIAKASMFSEAERLRDHPSVISFHIGSDFAPDRRIEQGY
LDAMKAADFLLPVIPAASARPSPITGASGMKMNGPYDYVPPVYWYDKSQKDRGGAWSFNSETSAGVDIPTMDTLKRMMSA
SELDTMWKNPSAKQYHRSSSDTFGNLKLFGDALTKRYGASANLNDFVRKAQLSQYENVRAEFESHSRNYTDSTNPSTGLI
YWMLNSPWTSLHWQLFDAYMDQNGAYYGAKKANEPLHIQYSHDNRSVVVINQTSNAVSGLTATTKLYNLDGTEKYSNTKT
GLSVGALGAKATAVTVPAVSGLSTTYLAKNVLTDSSGKEVSRNVYWLSTKADTLNWGGSDWYYTPQSAFADLSGLNNLGQ
SAVGATANSVAGADGTTTTTVTLKNTSGGRLPAFYVDSKVVDSAGKPVLPVEWNDNAVSLWPGETTTLTAKYRTADLKGS
KPSVRISGWNTGTQTVPADGSGPGPSDPVDYQAEDATIVQGAVESNHAGYTGTGFVNYDNVAGSSVEWTVTVPSAGTYDV
VVRYANGTTTSRPLDFSVNGSISASGVAFGSTGTWPAWTTKTVRVTLAAGVNKIKAVATTANGGPNVDKITL
;
_entity_poly.pdbx_strand_id   A,B
#
# COMPACT_ATOMS: atom_id res chain seq x y z
N GLY A 49 -18.54 -3.21 -12.87
CA GLY A 49 -17.76 -2.17 -12.13
C GLY A 49 -16.37 -2.00 -12.71
N ASN A 50 -16.12 -2.76 -13.77
CA ASN A 50 -14.84 -2.83 -14.42
C ASN A 50 -14.57 -1.60 -15.32
N ALA A 51 -13.42 -0.98 -15.13
CA ALA A 51 -12.91 0.03 -16.04
C ALA A 51 -11.41 -0.21 -16.18
N THR A 52 -10.98 -0.72 -17.34
CA THR A 52 -9.58 -1.09 -17.54
C THR A 52 -8.96 -0.27 -18.66
N PRO A 53 -7.91 0.52 -18.35
CA PRO A 53 -7.28 1.30 -19.41
C PRO A 53 -6.55 0.38 -20.40
N ILE A 54 -6.55 0.77 -21.67
CA ILE A 54 -5.81 0.05 -22.72
C ILE A 54 -4.32 0.36 -22.55
N PRO A 55 -3.50 -0.68 -22.29
CA PRO A 55 -2.06 -0.49 -22.02
C PRO A 55 -1.28 0.18 -23.15
N GLY A 56 -1.57 -0.21 -24.39
CA GLY A 56 -0.78 0.26 -25.54
C GLY A 56 -1.35 -0.05 -26.91
N TYR A 57 -0.70 0.50 -27.94
CA TYR A 57 -1.18 0.40 -29.30
C TYR A 57 0.00 0.10 -30.22
N VAL A 58 -0.31 -0.43 -31.41
CA VAL A 58 0.55 -0.24 -32.57
C VAL A 58 -0.08 0.82 -33.45
N ILE A 59 0.78 1.70 -33.96
CA ILE A 59 0.34 2.80 -34.79
C ILE A 59 1.05 2.69 -36.11
N GLN A 60 0.40 3.21 -37.15
CA GLN A 60 0.98 3.41 -38.47
C GLN A 60 0.22 4.51 -39.21
N SER A 61 0.88 5.11 -40.19
CA SER A 61 0.24 6.10 -41.05
C SER A 61 -0.90 5.46 -41.84
N SER A 62 -1.95 6.23 -42.07
CA SER A 62 -3.01 5.79 -42.96
C SER A 62 -2.50 5.68 -44.41
N ALA A 63 -1.34 6.27 -44.70
CA ALA A 63 -0.66 6.04 -46.00
C ALA A 63 -0.49 4.55 -46.31
N GLN A 64 -0.46 3.72 -45.27
CA GLN A 64 -0.22 2.30 -45.45
C GLN A 64 -1.48 1.45 -45.29
N VAL A 65 -2.64 2.09 -45.16
CA VAL A 65 -3.90 1.37 -45.04
C VAL A 65 -4.91 1.83 -46.09
N SER A 66 -5.26 0.93 -47.00
CA SER A 66 -6.09 1.33 -48.14
C SER A 66 -7.56 0.92 -47.94
N ASP A 67 -7.80 -0.12 -47.15
CA ASP A 67 -9.14 -0.45 -46.65
C ASP A 67 -9.24 -0.20 -45.13
N ASP A 68 -9.91 0.88 -44.74
CA ASP A 68 -10.07 1.23 -43.31
C ASP A 68 -10.66 0.09 -42.49
N SER A 69 -11.71 -0.53 -43.03
CA SER A 69 -12.49 -1.56 -42.33
C SER A 69 -11.67 -2.78 -41.93
N ALA A 70 -10.50 -2.95 -42.55
CA ALA A 70 -9.64 -4.11 -42.28
C ALA A 70 -8.78 -3.95 -41.04
N VAL A 71 -8.49 -2.71 -40.62
CA VAL A 71 -7.65 -2.50 -39.43
C VAL A 71 -8.23 -3.21 -38.18
N SER A 72 -9.52 -3.01 -37.92
CA SER A 72 -10.11 -3.45 -36.65
C SER A 72 -10.62 -4.89 -36.64
N LYS A 73 -10.38 -5.65 -37.71
CA LYS A 73 -10.74 -7.08 -37.76
C LYS A 73 -9.68 -7.96 -37.09
N PRO A 74 -10.09 -8.91 -36.23
CA PRO A 74 -9.08 -9.77 -35.61
C PRO A 74 -8.19 -10.43 -36.65
N GLY A 75 -6.86 -10.30 -36.49
CA GLY A 75 -5.91 -10.91 -37.43
C GLY A 75 -5.23 -10.03 -38.46
N PHE A 76 -5.64 -8.77 -38.55
CA PHE A 76 -5.06 -7.82 -39.49
C PHE A 76 -3.55 -7.74 -39.22
N PRO A 77 -2.72 -7.91 -40.26
CA PRO A 77 -1.25 -7.88 -40.08
C PRO A 77 -0.71 -6.49 -39.78
N THR A 78 0.22 -6.43 -38.83
CA THR A 78 0.79 -5.16 -38.39
C THR A 78 2.31 -5.15 -38.49
N SER A 79 2.82 -5.85 -39.51
CA SER A 79 4.24 -5.82 -39.83
C SER A 79 4.70 -4.38 -40.09
N GLY A 80 5.66 -3.94 -39.29
CA GLY A 80 6.19 -2.59 -39.39
C GLY A 80 5.42 -1.53 -38.61
N TRP A 81 4.32 -1.90 -37.97
CA TRP A 81 3.59 -0.92 -37.14
C TRP A 81 4.42 -0.64 -35.88
N TYR A 82 4.31 0.58 -35.35
CA TYR A 82 5.11 1.00 -34.21
C TYR A 82 4.37 0.77 -32.88
N PRO A 83 4.97 0.01 -31.95
CA PRO A 83 4.36 -0.14 -30.64
C PRO A 83 4.54 1.10 -29.76
N VAL A 84 3.42 1.60 -29.26
CA VAL A 84 3.40 2.75 -28.35
C VAL A 84 2.65 2.47 -27.04
N SER A 85 3.04 3.15 -25.98
CA SER A 85 2.32 3.03 -24.72
C SER A 85 1.08 3.93 -24.79
N SER A 86 0.18 3.74 -23.86
CA SER A 86 -0.92 4.66 -23.63
C SER A 86 -0.45 6.11 -23.56
N ARG A 87 -1.33 7.02 -23.98
CA ARG A 87 -1.13 8.49 -23.89
C ARG A 87 -0.03 9.04 -24.83
N SER A 88 0.21 8.32 -25.91
CA SER A 88 1.26 8.71 -26.86
C SER A 88 0.67 9.51 -28.00
N THR A 89 1.27 10.67 -28.27
CA THR A 89 1.16 11.29 -29.58
C THR A 89 1.99 10.46 -30.57
N VAL A 90 1.82 10.74 -31.87
CA VAL A 90 2.42 9.92 -32.92
C VAL A 90 3.92 10.02 -32.80
N TYR A 91 4.42 11.26 -32.79
CA TYR A 91 5.84 11.57 -32.61
C TYR A 91 6.41 10.98 -31.31
N ALA A 92 5.66 11.11 -30.21
CA ALA A 92 6.08 10.46 -28.98
C ALA A 92 6.32 8.98 -29.24
N GLY A 93 5.36 8.34 -29.91
CA GLY A 93 5.49 6.93 -30.27
C GLY A 93 6.69 6.62 -31.16
N LEU A 94 6.98 7.46 -32.14
CA LEU A 94 8.14 7.22 -33.00
C LEU A 94 9.47 7.47 -32.27
N LEU A 95 9.49 8.48 -31.39
CA LEU A 95 10.64 8.71 -30.51
C LEU A 95 10.89 7.49 -29.58
N GLN A 96 9.80 6.90 -29.10
CA GLN A 96 9.87 5.73 -28.24
C GLN A 96 10.54 4.54 -28.93
N ASN A 97 10.34 4.48 -30.25
CA ASN A 97 10.91 3.42 -31.08
C ASN A 97 12.25 3.79 -31.68
N GLY A 98 12.84 4.87 -31.16
CA GLY A 98 14.12 5.38 -31.62
C GLY A 98 14.17 5.81 -33.09
N LYS A 99 13.05 6.22 -33.66
CA LYS A 99 13.01 6.55 -35.09
C LYS A 99 13.69 7.88 -35.43
N TYR A 100 13.54 8.88 -34.57
CA TYR A 100 14.24 10.14 -34.77
C TYR A 100 15.10 10.49 -33.58
N ALA A 101 16.10 11.33 -33.81
CA ALA A 101 17.02 11.70 -32.75
C ALA A 101 16.31 12.62 -31.73
N ASP A 102 16.97 12.82 -30.59
CA ASP A 102 16.40 13.52 -29.43
C ASP A 102 16.13 15.00 -29.78
N PRO A 103 14.85 15.39 -29.77
CA PRO A 103 14.48 16.76 -30.15
C PRO A 103 14.85 17.80 -29.09
N PHE A 104 15.27 17.36 -27.92
CA PHE A 104 15.74 18.27 -26.87
C PHE A 104 17.13 18.83 -27.18
N TYR A 105 17.82 18.22 -28.16
CA TYR A 105 19.17 18.63 -28.56
C TYR A 105 19.22 19.38 -29.90
N SER A 106 19.86 20.54 -29.86
CA SER A 106 20.10 21.36 -31.04
C SER A 106 18.85 21.46 -31.90
N THR A 107 19.02 21.31 -33.21
CA THR A 107 17.92 21.43 -34.12
C THR A 107 17.41 20.06 -34.56
N ASN A 108 17.78 19.00 -33.83
CA ASN A 108 17.26 17.67 -34.12
C ASN A 108 15.81 17.68 -34.59
N MET A 109 14.96 18.45 -33.90
CA MET A 109 13.54 18.44 -34.22
C MET A 109 13.28 18.95 -35.62
N GLN A 110 14.07 19.92 -36.08
CA GLN A 110 13.89 20.46 -37.44
C GLN A 110 14.00 19.37 -38.51
N ASN A 111 14.72 18.30 -38.19
CA ASN A 111 15.05 17.24 -39.15
C ASN A 111 14.00 16.14 -39.32
N VAL A 112 12.85 16.31 -38.69
CA VAL A 112 11.75 15.32 -38.81
C VAL A 112 10.85 15.76 -39.97
N PRO A 113 10.62 14.86 -40.95
CA PRO A 113 9.76 15.20 -42.07
C PRO A 113 8.34 15.35 -41.58
N ALA A 114 7.80 16.57 -41.71
CA ALA A 114 6.48 16.92 -41.19
C ALA A 114 5.30 16.46 -42.07
N ALA A 115 5.55 16.34 -43.37
CA ALA A 115 4.55 15.96 -44.35
C ALA A 115 3.75 14.71 -43.95
N GLN A 116 4.44 13.73 -43.40
CA GLN A 116 3.82 12.47 -42.95
C GLN A 116 2.73 12.66 -41.89
N PHE A 117 2.69 13.82 -41.24
CA PHE A 117 1.68 14.13 -40.23
C PHE A 117 0.48 14.95 -40.72
N SER A 118 0.32 15.03 -42.04
CA SER A 118 -0.82 15.73 -42.62
C SER A 118 -1.88 14.78 -43.10
N VAL A 119 -1.69 13.50 -42.80
CA VAL A 119 -2.71 12.48 -43.05
C VAL A 119 -3.03 11.76 -41.74
N PRO A 120 -4.14 11.03 -41.71
CA PRO A 120 -4.45 10.23 -40.53
C PRO A 120 -3.40 9.17 -40.12
N TRP A 121 -3.37 8.84 -38.84
CA TRP A 121 -2.61 7.70 -38.34
C TRP A 121 -3.54 6.83 -37.54
N TRP A 122 -3.27 5.54 -37.58
CA TRP A 122 -4.11 4.56 -36.89
C TRP A 122 -3.51 4.15 -35.58
N TYR A 123 -4.37 3.94 -34.59
CA TYR A 123 -3.99 3.37 -33.31
C TYR A 123 -4.83 2.10 -33.16
N ARG A 124 -4.16 0.98 -32.98
CA ARG A 124 -4.81 -0.31 -33.05
C ARG A 124 -4.36 -1.16 -31.88
N THR A 125 -5.31 -1.87 -31.28
CA THR A 125 -4.95 -2.94 -30.34
C THR A 125 -5.93 -4.11 -30.40
N ASP A 126 -5.47 -5.26 -29.92
CA ASP A 126 -6.39 -6.34 -29.60
C ASP A 126 -6.95 -6.15 -28.19
N LEU A 127 -8.06 -6.84 -27.93
CA LEU A 127 -8.77 -6.75 -26.68
C LEU A 127 -9.39 -8.13 -26.43
N ASN A 128 -8.81 -8.89 -25.49
CA ASN A 128 -9.39 -10.18 -25.14
C ASN A 128 -10.67 -10.02 -24.31
N VAL A 129 -11.72 -10.74 -24.72
CA VAL A 129 -13.00 -10.75 -24.01
C VAL A 129 -13.42 -12.19 -23.72
N ASP A 130 -13.41 -12.59 -22.45
CA ASP A 130 -13.69 -13.98 -22.06
C ASP A 130 -15.19 -14.31 -22.02
N ASP A 131 -16.01 -13.27 -22.16
CA ASP A 131 -17.43 -13.36 -21.90
C ASP A 131 -18.20 -12.17 -22.47
N THR A 132 -19.36 -12.40 -23.08
CA THR A 132 -20.20 -11.29 -23.54
C THR A 132 -21.48 -11.12 -22.69
N SER A 133 -21.46 -11.71 -21.48
CA SER A 133 -22.53 -11.51 -20.51
C SER A 133 -22.62 -10.03 -20.13
N SER A 134 -21.50 -9.44 -19.74
CA SER A 134 -21.45 -8.00 -19.46
C SER A 134 -21.46 -7.22 -20.78
N ARG A 135 -22.15 -6.08 -20.80
CA ARG A 135 -22.04 -5.09 -21.88
C ARG A 135 -20.62 -4.49 -21.90
N THR A 136 -20.24 -3.89 -23.04
CA THR A 136 -18.90 -3.35 -23.24
C THR A 136 -18.92 -1.90 -23.73
N TYR A 137 -17.99 -1.09 -23.22
CA TYR A 137 -17.96 0.33 -23.54
C TYR A 137 -16.53 0.83 -23.71
N LEU A 138 -16.39 1.80 -24.61
CA LEU A 138 -15.17 2.57 -24.73
C LEU A 138 -15.41 3.93 -24.13
N ASP A 139 -14.65 4.29 -23.12
CA ASP A 139 -14.80 5.59 -22.52
C ASP A 139 -13.46 6.30 -22.45
N PHE A 140 -13.36 7.46 -23.08
CA PHE A 140 -12.08 8.12 -23.34
C PHE A 140 -12.20 9.60 -23.71
N SER A 141 -11.06 10.29 -23.70
CA SER A 141 -10.93 11.66 -24.16
C SER A 141 -9.48 11.82 -24.58
N GLY A 142 -9.06 13.05 -24.92
CA GLY A 142 -7.66 13.29 -25.31
C GLY A 142 -7.29 12.93 -26.75
N VAL A 143 -8.28 12.85 -27.62
CA VAL A 143 -8.07 12.61 -29.05
C VAL A 143 -7.77 13.94 -29.76
N LEU A 144 -6.58 14.06 -30.34
CA LEU A 144 -6.25 15.23 -31.14
C LEU A 144 -5.97 14.78 -32.55
N SER A 145 -6.73 15.28 -33.54
CA SER A 145 -7.80 16.26 -33.32
C SER A 145 -9.22 15.70 -33.25
N LYS A 146 -9.39 14.48 -33.74
CA LYS A 146 -10.70 13.85 -33.96
C LYS A 146 -10.36 12.48 -34.55
N ALA A 147 -11.27 11.52 -34.43
CA ALA A 147 -11.03 10.17 -34.92
C ALA A 147 -12.30 9.42 -35.35
N ASP A 148 -12.12 8.49 -36.26
CA ASP A 148 -13.08 7.43 -36.51
C ASP A 148 -12.73 6.30 -35.60
N VAL A 149 -13.76 5.64 -35.08
CA VAL A 149 -13.60 4.53 -34.14
C VAL A 149 -14.24 3.25 -34.70
N TRP A 150 -13.45 2.18 -34.76
CA TRP A 150 -13.82 0.93 -35.38
C TRP A 150 -13.66 -0.21 -34.40
N VAL A 151 -14.66 -1.09 -34.33
CA VAL A 151 -14.55 -2.30 -33.52
C VAL A 151 -14.92 -3.50 -34.37
N ASN A 152 -13.99 -4.46 -34.47
CA ASN A 152 -14.21 -5.70 -35.24
C ASN A 152 -14.74 -5.56 -36.67
N GLY A 153 -14.36 -4.49 -37.38
CA GLY A 153 -14.85 -4.26 -38.74
C GLY A 153 -15.99 -3.28 -38.90
N THR A 154 -16.63 -2.92 -37.80
CA THR A 154 -17.75 -1.97 -37.82
C THR A 154 -17.28 -0.59 -37.37
N LYS A 155 -17.66 0.44 -38.13
CA LYS A 155 -17.34 1.81 -37.77
C LYS A 155 -18.35 2.28 -36.72
N VAL A 156 -17.96 2.35 -35.45
CA VAL A 156 -18.90 2.67 -34.36
C VAL A 156 -19.12 4.17 -34.09
N ALA A 157 -18.27 4.99 -34.67
CA ALA A 157 -18.31 6.44 -34.52
C ALA A 157 -17.34 7.09 -35.48
N THR A 158 -17.75 8.27 -35.97
CA THR A 158 -16.98 9.08 -36.91
C THR A 158 -16.34 10.29 -36.22
N LYS A 159 -15.40 10.87 -36.95
CA LYS A 159 -14.70 12.07 -36.55
C LYS A 159 -15.57 13.33 -36.45
N ASP A 160 -16.83 13.26 -36.88
CA ASP A 160 -17.79 14.36 -36.65
C ASP A 160 -18.32 14.30 -35.20
N GLN A 161 -18.45 13.07 -34.69
CA GLN A 161 -18.83 12.84 -33.29
C GLN A 161 -17.62 12.90 -32.35
N VAL A 162 -16.58 12.13 -32.68
CA VAL A 162 -15.36 12.11 -31.87
C VAL A 162 -14.37 13.22 -32.32
N ASN A 163 -14.55 14.41 -31.75
CA ASN A 163 -13.90 15.62 -32.25
C ASN A 163 -13.66 16.53 -31.05
N GLY A 164 -12.43 17.05 -30.92
CA GLY A 164 -12.08 17.86 -29.76
C GLY A 164 -11.29 17.08 -28.72
N ALA A 165 -10.09 17.61 -28.40
CA ALA A 165 -9.19 17.05 -27.39
C ALA A 165 -9.85 16.76 -26.04
N TYR A 166 -10.72 17.66 -25.60
CA TYR A 166 -11.28 17.54 -24.27
C TYR A 166 -12.60 16.81 -24.17
N THR A 167 -13.21 16.46 -25.31
CA THR A 167 -14.51 15.82 -25.29
C THR A 167 -14.41 14.36 -24.90
N ARG A 168 -15.20 13.98 -23.90
CA ARG A 168 -15.28 12.60 -23.45
C ARG A 168 -16.28 11.84 -24.29
N HIS A 169 -16.04 10.55 -24.50
CA HIS A 169 -17.00 9.73 -25.20
C HIS A 169 -17.20 8.41 -24.49
N ASP A 170 -18.42 7.90 -24.60
CA ASP A 170 -18.87 6.72 -23.89
C ASP A 170 -19.61 5.85 -24.89
N LEU A 171 -18.86 5.03 -25.60
CA LEU A 171 -19.41 4.34 -26.75
C LEU A 171 -19.80 2.93 -26.38
N ASP A 172 -21.09 2.63 -26.44
CA ASP A 172 -21.56 1.26 -26.22
C ASP A 172 -21.20 0.42 -27.43
N ILE A 173 -20.37 -0.59 -27.20
CA ILE A 173 -19.88 -1.41 -28.28
C ILE A 173 -20.34 -2.86 -28.12
N THR A 174 -21.29 -3.07 -27.22
CA THR A 174 -21.83 -4.41 -26.97
C THR A 174 -22.21 -5.14 -28.27
N ALA A 175 -22.77 -4.41 -29.23
CA ALA A 175 -23.24 -5.03 -30.46
C ALA A 175 -22.11 -5.66 -31.27
N GLN A 176 -20.96 -5.01 -31.32
CA GLN A 176 -19.83 -5.44 -32.15
C GLN A 176 -18.95 -6.53 -31.50
N VAL A 177 -19.07 -6.65 -30.18
CA VAL A 177 -18.08 -7.36 -29.38
C VAL A 177 -18.41 -8.85 -29.27
N HIS A 178 -17.39 -9.69 -29.41
CA HIS A 178 -17.52 -11.15 -29.26
C HIS A 178 -16.45 -11.72 -28.32
N THR A 179 -16.72 -12.92 -27.81
CA THR A 179 -15.79 -13.65 -26.92
C THR A 179 -14.49 -14.05 -27.65
N GLY A 180 -13.39 -14.04 -26.91
CA GLY A 180 -12.06 -14.26 -27.47
C GLY A 180 -11.41 -12.93 -27.81
N VAL A 181 -10.59 -12.94 -28.86
CA VAL A 181 -9.87 -11.75 -29.31
C VAL A 181 -10.80 -10.79 -30.06
N ASN A 182 -10.88 -9.56 -29.58
CA ASN A 182 -11.51 -8.46 -30.33
C ASN A 182 -10.44 -7.47 -30.75
N SER A 183 -10.72 -6.68 -31.77
CA SER A 183 -9.80 -5.61 -32.14
C SER A 183 -10.54 -4.30 -32.21
N VAL A 184 -9.80 -3.24 -31.92
CA VAL A 184 -10.30 -1.89 -31.86
C VAL A 184 -9.24 -1.04 -32.53
N ALA A 185 -9.68 -0.07 -33.33
CA ALA A 185 -8.75 0.84 -33.96
C ALA A 185 -9.33 2.23 -34.06
N PHE A 186 -8.48 3.21 -33.79
CA PHE A 186 -8.82 4.60 -33.95
C PHE A 186 -8.10 5.06 -35.19
N LYS A 187 -8.81 5.71 -36.11
CA LYS A 187 -8.15 6.49 -37.13
C LYS A 187 -8.18 7.97 -36.70
N VAL A 188 -7.02 8.42 -36.20
CA VAL A 188 -6.79 9.77 -35.65
C VAL A 188 -6.34 10.74 -36.74
N TYR A 189 -7.00 11.88 -36.84
CA TYR A 189 -6.74 12.84 -37.91
C TYR A 189 -5.74 13.91 -37.50
N PRO A 190 -5.08 14.54 -38.49
CA PRO A 190 -4.10 15.58 -38.20
C PRO A 190 -4.64 16.69 -37.32
N ASN A 191 -3.76 17.25 -36.50
CA ASN A 191 -4.13 18.30 -35.59
C ASN A 191 -3.65 19.64 -36.13
N ASP A 192 -4.54 20.62 -36.16
CA ASP A 192 -4.15 22.01 -36.40
C ASP A 192 -4.79 22.87 -35.32
N PRO A 193 -3.96 23.39 -34.41
CA PRO A 193 -4.46 24.06 -33.20
C PRO A 193 -5.29 25.32 -33.49
N ASN A 194 -5.12 25.91 -34.66
CA ASN A 194 -5.89 27.09 -35.05
C ASN A 194 -7.24 26.71 -35.64
N ARG A 195 -7.36 25.47 -36.11
CA ARG A 195 -8.58 24.99 -36.73
C ARG A 195 -9.38 24.13 -35.75
N ASP A 196 -8.66 23.29 -35.00
CA ASP A 196 -9.28 22.36 -34.03
C ASP A 196 -9.31 22.85 -32.57
N LEU A 197 -10.45 22.58 -31.94
CA LEU A 197 -10.65 22.85 -30.51
C LEU A 197 -9.82 21.85 -29.71
N SER A 198 -8.52 22.15 -29.64
CA SER A 198 -7.48 21.18 -29.35
C SER A 198 -6.41 21.71 -28.38
N MET A 199 -5.14 21.50 -28.74
CA MET A 199 -3.97 22.02 -28.03
C MET A 199 -2.91 22.51 -29.04
N GLY A 200 -2.40 23.72 -28.78
CA GLY A 200 -1.24 24.24 -29.48
C GLY A 200 -0.30 24.98 -28.55
N TRP A 201 0.88 25.30 -29.08
CA TRP A 201 2.00 25.73 -28.29
C TRP A 201 2.30 27.24 -28.33
N ILE A 202 1.43 28.01 -28.98
CA ILE A 202 1.53 29.48 -28.92
C ILE A 202 2.96 29.91 -29.34
N ASP A 203 3.67 30.58 -28.46
CA ASP A 203 5.10 30.90 -28.68
C ASP A 203 6.03 30.33 -27.58
N TRP A 204 5.54 29.38 -26.80
CA TRP A 204 6.35 28.82 -25.71
C TRP A 204 7.62 28.13 -26.20
N ALA A 205 7.54 27.47 -27.35
CA ALA A 205 8.64 26.64 -27.81
C ALA A 205 8.78 26.61 -29.34
N GLN A 206 8.79 25.41 -29.90
CA GLN A 206 8.77 25.23 -31.35
C GLN A 206 7.71 24.18 -31.59
N THR A 207 7.08 24.27 -32.77
CA THR A 207 5.99 23.38 -33.15
C THR A 207 6.45 21.94 -33.25
N PRO A 208 5.84 21.03 -32.48
CA PRO A 208 6.11 19.58 -32.56
C PRO A 208 5.73 19.03 -33.94
N PRO A 209 6.63 18.25 -34.57
CA PRO A 209 6.44 17.86 -35.99
C PRO A 209 5.04 17.30 -36.35
N ASP A 210 4.43 16.56 -35.44
CA ASP A 210 3.12 15.94 -35.63
C ASP A 210 2.00 16.82 -35.13
N GLN A 211 2.36 17.92 -34.52
CA GLN A 211 1.40 18.76 -33.82
C GLN A 211 0.54 17.99 -32.81
N ASN A 212 1.18 17.04 -32.13
CA ASN A 212 0.57 16.30 -31.05
C ASN A 212 -0.60 15.41 -31.47
N MET A 213 -0.71 15.09 -32.76
CA MET A 213 -1.85 14.31 -33.19
C MET A 213 -1.77 12.98 -32.46
N GLY A 214 -2.92 12.44 -32.09
CA GLY A 214 -2.97 11.16 -31.38
C GLY A 214 -3.94 11.16 -30.22
N ILE A 215 -3.68 10.24 -29.27
CA ILE A 215 -4.55 9.95 -28.12
C ILE A 215 -3.71 10.06 -26.83
N VAL A 216 -3.91 11.15 -26.09
CA VAL A 216 -2.99 11.57 -25.03
C VAL A 216 -3.52 11.39 -23.60
N ARG A 217 -4.68 10.73 -23.48
CA ARG A 217 -5.22 10.18 -22.21
C ARG A 217 -5.56 8.68 -22.41
N ASP A 218 -6.00 7.98 -21.36
CA ASP A 218 -6.38 6.54 -21.49
C ASP A 218 -7.71 6.35 -22.23
N VAL A 219 -7.84 5.21 -22.92
CA VAL A 219 -9.14 4.73 -23.37
C VAL A 219 -9.51 3.64 -22.41
N LEU A 220 -10.68 3.73 -21.78
CA LEU A 220 -11.11 2.70 -20.84
C LEU A 220 -12.01 1.70 -21.52
N VAL A 221 -11.72 0.43 -21.31
CA VAL A 221 -12.67 -0.60 -21.67
C VAL A 221 -13.49 -0.86 -20.42
N ARG A 222 -14.75 -0.46 -20.49
CA ARG A 222 -15.69 -0.69 -19.41
C ARG A 222 -16.55 -1.92 -19.73
N ARG A 223 -16.79 -2.71 -18.69
CA ARG A 223 -17.82 -3.74 -18.71
C ARG A 223 -18.83 -3.42 -17.61
N SER A 224 -20.05 -3.93 -17.75
CA SER A 224 -21.13 -3.73 -16.78
C SER A 224 -22.40 -4.41 -17.28
N GLY A 225 -23.37 -4.58 -16.39
CA GLY A 225 -24.61 -5.24 -16.76
C GLY A 225 -25.51 -4.28 -17.50
N ALA A 226 -26.80 -4.41 -17.26
CA ALA A 226 -27.82 -3.60 -17.88
C ALA A 226 -27.69 -2.13 -17.53
N VAL A 227 -27.15 -1.81 -16.37
CA VAL A 227 -27.07 -0.42 -15.96
C VAL A 227 -25.62 0.04 -15.93
N ALA A 228 -25.38 1.17 -16.58
CA ALA A 228 -24.08 1.83 -16.54
C ALA A 228 -24.15 2.95 -15.51
N LEU A 229 -23.07 3.13 -14.75
CA LEU A 229 -22.97 4.19 -13.74
C LEU A 229 -21.94 5.21 -14.25
N ARG A 230 -22.34 6.48 -14.22
CA ARG A 230 -21.54 7.56 -14.80
C ARG A 230 -21.73 8.83 -13.95
N SER A 231 -20.68 9.64 -13.92
CA SER A 231 -20.80 11.02 -13.44
C SER A 231 -21.14 11.17 -11.96
N ALA A 232 -20.75 10.18 -11.14
CA ALA A 232 -20.87 10.28 -9.69
C ALA A 232 -19.99 11.42 -9.19
N HIS A 233 -20.55 12.31 -8.38
CA HIS A 233 -19.80 13.41 -7.75
C HIS A 233 -20.48 13.83 -6.44
N VAL A 234 -19.83 14.69 -5.66
CA VAL A 234 -20.36 15.13 -4.38
C VAL A 234 -20.36 16.65 -4.31
N ILE A 235 -21.54 17.26 -4.26
CA ILE A 235 -21.62 18.69 -4.02
C ILE A 235 -21.36 18.91 -2.53
N GLN A 236 -20.42 19.80 -2.20
CA GLN A 236 -20.08 20.01 -0.81
C GLN A 236 -20.14 21.47 -0.39
N LYS A 237 -20.74 21.72 0.77
CA LYS A 237 -20.93 23.06 1.29
C LYS A 237 -20.52 23.14 2.76
N LEU A 238 -19.63 24.07 3.06
CA LEU A 238 -19.05 24.19 4.36
C LEU A 238 -19.65 25.44 4.94
N ASN A 239 -19.94 25.42 6.24
CA ASN A 239 -20.39 26.63 6.92
C ASN A 239 -19.20 27.58 7.06
N SER A 240 -19.46 28.86 7.30
CA SER A 240 -18.36 29.83 7.44
C SER A 240 -17.34 29.50 8.57
N ALA A 241 -17.83 28.96 9.68
CA ALA A 241 -17.01 28.44 10.80
C ALA A 241 -16.08 27.26 10.47
N LEU A 242 -16.39 26.53 9.40
CA LEU A 242 -15.60 25.39 8.90
C LEU A 242 -15.75 24.15 9.79
N ASP A 243 -16.84 24.04 10.54
CA ASP A 243 -16.99 22.83 11.35
C ASP A 243 -18.16 21.92 10.98
N HIS A 244 -18.93 22.31 9.97
CA HIS A 244 -20.03 21.46 9.46
C HIS A 244 -20.12 21.63 7.96
N ALA A 245 -20.38 20.52 7.28
CA ALA A 245 -20.48 20.52 5.83
C ALA A 245 -21.72 19.72 5.41
N ASP A 246 -22.38 20.13 4.33
CA ASP A 246 -23.48 19.35 3.80
C ASP A 246 -23.09 18.77 2.46
N LEU A 247 -23.42 17.49 2.27
CA LEU A 247 -23.02 16.78 1.06
C LEU A 247 -24.18 16.32 0.22
N THR A 248 -24.18 16.68 -1.05
CA THR A 248 -25.15 16.14 -1.95
C THR A 248 -24.50 15.18 -2.96
N VAL A 249 -24.79 13.89 -2.84
CA VAL A 249 -24.22 12.92 -3.76
C VAL A 249 -25.14 12.83 -5.00
N LYS A 250 -24.56 12.99 -6.18
CA LYS A 250 -25.33 12.84 -7.42
C LYS A 250 -24.61 11.82 -8.27
N ALA A 251 -25.37 11.02 -9.01
CA ALA A 251 -24.80 9.98 -9.85
C ALA A 251 -25.79 9.62 -10.93
N ASP A 252 -25.30 9.47 -12.16
CA ASP A 252 -26.16 9.06 -13.26
C ASP A 252 -26.25 7.55 -13.37
N VAL A 253 -27.41 7.06 -13.76
CA VAL A 253 -27.55 5.66 -14.14
C VAL A 253 -28.18 5.56 -15.54
N ARG A 254 -27.69 4.64 -16.35
CA ARG A 254 -28.20 4.47 -17.69
C ARG A 254 -28.51 3.00 -17.94
N ASN A 255 -29.76 2.73 -18.30
CA ASN A 255 -30.18 1.38 -18.65
C ASN A 255 -30.01 1.18 -20.14
N ASP A 256 -29.01 0.38 -20.52
CA ASP A 256 -28.70 0.12 -21.93
C ASP A 256 -29.23 -1.23 -22.40
N SER A 257 -29.91 -1.95 -21.50
CA SER A 257 -30.56 -3.20 -21.85
C SER A 257 -31.89 -2.92 -22.56
N ALA A 258 -32.52 -3.96 -23.10
CA ALA A 258 -33.75 -3.80 -23.90
C ALA A 258 -35.02 -3.84 -23.05
N ASN A 259 -34.83 -4.03 -21.75
CA ASN A 259 -35.93 -4.24 -20.83
C ASN A 259 -35.93 -3.25 -19.67
N ALA A 260 -37.11 -2.83 -19.21
CA ALA A 260 -37.18 -1.90 -18.08
C ALA A 260 -36.64 -2.55 -16.80
N VAL A 261 -35.99 -1.75 -15.96
CA VAL A 261 -35.42 -2.27 -14.71
C VAL A 261 -35.62 -1.34 -13.53
N GLN A 262 -35.40 -1.88 -12.33
CA GLN A 262 -35.28 -1.15 -11.07
C GLN A 262 -33.80 -1.21 -10.72
N THR A 263 -33.18 -0.09 -10.39
CA THR A 263 -31.78 -0.17 -9.96
C THR A 263 -31.58 0.50 -8.60
N THR A 264 -30.72 -0.10 -7.78
CA THR A 264 -30.35 0.47 -6.49
C THR A 264 -28.91 0.99 -6.56
N VAL A 265 -28.74 2.29 -6.31
CA VAL A 265 -27.42 2.91 -6.28
C VAL A 265 -27.11 3.14 -4.82
N ALA A 266 -26.15 2.37 -4.30
CA ALA A 266 -25.80 2.36 -2.86
C ALA A 266 -24.28 2.33 -2.69
N GLY A 267 -23.82 2.78 -1.54
CA GLY A 267 -22.40 2.81 -1.22
C GLY A 267 -22.11 3.65 0.01
N THR A 268 -20.95 4.31 0.01
CA THR A 268 -20.57 5.18 1.12
C THR A 268 -20.07 6.50 0.63
N VAL A 269 -20.43 7.57 1.34
CA VAL A 269 -19.81 8.86 1.13
C VAL A 269 -19.20 9.36 2.44
N ALA A 270 -17.92 9.69 2.43
CA ALA A 270 -17.24 10.15 3.66
C ALA A 270 -17.58 9.29 4.89
N GLY A 271 -17.60 7.97 4.70
CA GLY A 271 -17.82 6.99 5.79
C GLY A 271 -19.28 6.76 6.16
N LYS A 272 -20.20 7.30 5.37
CA LYS A 272 -21.62 7.27 5.67
C LYS A 272 -22.38 6.45 4.66
N PRO A 273 -23.36 5.64 5.12
CA PRO A 273 -24.08 4.76 4.18
C PRO A 273 -25.09 5.54 3.37
N ILE A 274 -25.21 5.24 2.09
CA ILE A 274 -26.24 5.85 1.25
C ILE A 274 -26.86 4.84 0.30
N SER A 275 -28.10 5.09 -0.08
CA SER A 275 -28.84 4.14 -0.88
C SER A 275 -30.07 4.79 -1.51
N GLN A 276 -30.18 4.67 -2.84
CA GLN A 276 -31.40 5.06 -3.55
C GLN A 276 -31.81 3.99 -4.57
N THR A 277 -33.11 3.81 -4.74
CA THR A 277 -33.67 2.90 -5.73
C THR A 277 -34.57 3.71 -6.67
N VAL A 278 -34.31 3.57 -7.98
CA VAL A 278 -35.09 4.20 -9.03
C VAL A 278 -35.46 3.22 -10.14
N SER A 279 -36.39 3.63 -11.00
CA SER A 279 -36.82 2.87 -12.17
C SER A 279 -36.15 3.42 -13.41
N LEU A 280 -35.83 2.53 -14.33
CA LEU A 280 -35.35 2.97 -15.63
C LEU A 280 -36.03 2.17 -16.72
N ALA A 281 -36.63 2.91 -17.67
CA ALA A 281 -37.07 2.34 -18.92
C ALA A 281 -35.83 1.86 -19.68
N ALA A 282 -36.02 1.04 -20.71
CA ALA A 282 -34.94 0.67 -21.63
C ALA A 282 -34.40 1.95 -22.25
N LYS A 283 -33.08 2.06 -22.25
CA LYS A 283 -32.33 3.17 -22.87
C LYS A 283 -32.46 4.51 -22.15
N GLU A 284 -33.08 4.52 -20.97
CA GLU A 284 -33.21 5.74 -20.19
C GLU A 284 -32.01 5.99 -19.27
N ARG A 285 -31.58 7.24 -19.20
CA ARG A 285 -30.60 7.68 -18.23
C ARG A 285 -31.26 8.60 -17.21
N LYS A 286 -31.02 8.34 -15.92
CA LYS A 286 -31.45 9.24 -14.84
C LYS A 286 -30.28 9.76 -14.02
N THR A 287 -30.40 10.98 -13.54
CA THR A 287 -29.49 11.48 -12.52
C THR A 287 -30.17 11.23 -11.17
N VAL A 288 -29.47 10.50 -10.30
CA VAL A 288 -29.98 10.21 -8.97
C VAL A 288 -29.42 11.26 -8.02
N THR A 289 -30.30 11.94 -7.28
CA THR A 289 -29.87 12.87 -6.22
C THR A 289 -30.13 12.18 -4.88
N PHE A 290 -29.08 12.02 -4.09
CA PHE A 290 -29.22 11.40 -2.79
C PHE A 290 -29.63 12.45 -1.78
N PRO A 291 -30.44 12.07 -0.76
CA PRO A 291 -30.78 13.05 0.28
C PRO A 291 -29.54 13.64 0.94
N LEU A 292 -29.64 14.89 1.39
CA LEU A 292 -28.54 15.59 2.05
C LEU A 292 -27.86 14.80 3.18
N VAL A 293 -26.55 14.91 3.26
CA VAL A 293 -25.80 14.20 4.27
C VAL A 293 -25.01 15.20 5.07
N GLY A 294 -25.28 15.25 6.37
CA GLY A 294 -24.50 16.09 7.28
C GLY A 294 -23.19 15.43 7.69
N LEU A 295 -22.18 16.27 7.78
CA LEU A 295 -20.86 15.85 8.15
C LEU A 295 -20.32 16.82 9.19
N ASP A 296 -20.10 16.33 10.42
CA ASP A 296 -19.65 17.17 11.52
C ASP A 296 -18.12 17.13 11.66
N ARG A 297 -17.54 18.29 11.94
CA ARG A 297 -16.09 18.44 12.04
C ARG A 297 -15.36 17.86 10.81
N PRO A 298 -15.69 18.35 9.60
CA PRO A 298 -15.01 17.77 8.45
C PRO A 298 -13.51 18.03 8.51
N ASN A 299 -12.74 17.06 8.03
CA ASN A 299 -11.31 17.24 7.88
C ASN A 299 -11.08 18.14 6.68
N VAL A 300 -11.15 19.44 6.92
CA VAL A 300 -11.15 20.46 5.85
C VAL A 300 -9.84 20.38 5.07
N TRP A 301 -9.96 20.41 3.74
CA TRP A 301 -8.79 20.48 2.86
C TRP A 301 -8.21 21.89 2.88
N TRP A 302 -6.89 22.00 3.00
CA TRP A 302 -6.21 23.29 3.03
C TRP A 302 -5.07 23.35 2.02
N PRO A 303 -4.75 24.56 1.51
CA PRO A 303 -3.51 24.75 0.74
C PRO A 303 -2.28 24.33 1.56
N ALA A 304 -1.20 23.96 0.90
CA ALA A 304 -0.01 23.51 1.60
C ALA A 304 0.39 24.53 2.67
N GLY A 305 0.80 24.04 3.85
CA GLY A 305 1.17 24.92 4.96
C GLY A 305 0.04 25.51 5.80
N MET A 306 -1.20 25.52 5.29
CA MET A 306 -2.34 26.03 6.06
C MET A 306 -3.11 24.95 6.81
N GLY A 307 -2.77 23.68 6.57
CA GLY A 307 -3.38 22.55 7.26
C GLY A 307 -3.16 21.28 6.44
N GLY A 308 -4.01 20.27 6.65
CA GLY A 308 -3.96 19.02 5.89
C GLY A 308 -4.64 19.12 4.52
N GLN A 309 -4.51 18.04 3.75
CA GLN A 309 -4.93 17.97 2.38
C GLN A 309 -5.83 16.74 2.18
N HIS A 310 -6.62 16.45 3.20
CA HIS A 310 -7.46 15.27 3.21
C HIS A 310 -8.44 15.27 2.05
N ARG A 311 -8.55 14.15 1.35
CA ARG A 311 -9.70 13.92 0.52
C ARG A 311 -10.54 12.79 1.07
N TYR A 312 -11.85 12.98 1.01
CA TYR A 312 -12.81 11.96 1.34
C TYR A 312 -13.11 11.09 0.14
N ASP A 313 -13.71 9.93 0.41
CA ASP A 313 -14.01 8.93 -0.61
C ASP A 313 -15.49 8.81 -0.88
N LEU A 314 -15.84 8.60 -2.15
CA LEU A 314 -17.20 8.24 -2.52
C LEU A 314 -17.10 6.93 -3.26
N ASP A 315 -17.94 5.97 -2.91
CA ASP A 315 -17.79 4.64 -3.40
C ASP A 315 -19.19 4.13 -3.69
N LEU A 316 -19.50 3.80 -4.95
CA LEU A 316 -20.89 3.49 -5.30
C LEU A 316 -21.00 2.28 -6.19
N THR A 317 -22.09 1.53 -5.97
CA THR A 317 -22.53 0.40 -6.78
C THR A 317 -23.98 0.57 -7.25
N ALA A 318 -24.20 0.39 -8.54
CA ALA A 318 -25.52 0.25 -9.08
C ALA A 318 -25.77 -1.25 -9.23
N SER A 319 -26.79 -1.73 -8.56
CA SER A 319 -27.13 -3.12 -8.66
C SER A 319 -28.39 -3.23 -9.46
N VAL A 320 -28.54 -4.36 -10.13
CA VAL A 320 -29.80 -4.75 -10.74
C VAL A 320 -30.06 -6.21 -10.40
N GLY A 321 -31.25 -6.47 -9.89
CA GLY A 321 -31.69 -7.81 -9.49
C GLY A 321 -30.93 -8.36 -8.30
N GLY A 322 -30.61 -7.49 -7.34
CA GLY A 322 -29.76 -7.86 -6.20
C GLY A 322 -28.39 -8.33 -6.64
N THR A 323 -27.86 -7.70 -7.69
CA THR A 323 -26.59 -8.08 -8.29
C THR A 323 -25.89 -6.84 -8.84
N PRO A 324 -24.63 -6.59 -8.41
CA PRO A 324 -23.83 -5.46 -8.90
C PRO A 324 -23.88 -5.36 -10.42
N SER A 325 -24.18 -4.19 -10.95
CA SER A 325 -24.11 -4.00 -12.40
C SER A 325 -22.94 -3.13 -12.83
N ASP A 326 -22.60 -2.12 -12.05
CA ASP A 326 -21.47 -1.23 -12.34
C ASP A 326 -21.11 -0.58 -11.00
N ALA A 327 -19.91 -0.03 -10.92
CA ALA A 327 -19.43 0.57 -9.69
C ALA A 327 -18.46 1.68 -10.03
N ALA A 328 -18.39 2.69 -9.16
CA ALA A 328 -17.43 3.76 -9.33
C ALA A 328 -16.94 4.27 -7.98
N LYS A 329 -15.63 4.46 -7.90
CA LYS A 329 -14.98 5.04 -6.75
C LYS A 329 -14.38 6.38 -7.15
N SER A 330 -14.51 7.37 -6.27
CA SER A 330 -13.89 8.65 -6.50
C SER A 330 -13.51 9.32 -5.19
N LYS A 331 -12.99 10.53 -5.30
CA LYS A 331 -12.60 11.32 -4.15
C LYS A 331 -13.07 12.76 -4.29
N PHE A 332 -13.27 13.41 -3.16
CA PHE A 332 -13.55 14.85 -3.15
C PHE A 332 -12.92 15.49 -1.95
N GLY A 333 -12.77 16.81 -2.01
CA GLY A 333 -12.35 17.63 -0.87
C GLY A 333 -13.45 18.54 -0.30
N VAL A 334 -13.35 18.80 1.01
CA VAL A 334 -14.23 19.74 1.70
C VAL A 334 -13.48 21.07 1.93
N ARG A 335 -13.81 22.07 1.10
CA ARG A 335 -13.03 23.29 0.93
C ARG A 335 -13.95 24.29 0.24
N ASP A 336 -13.87 25.56 0.64
CA ASP A 336 -14.64 26.64 0.04
C ASP A 336 -13.68 27.56 -0.67
N VAL A 337 -14.01 27.97 -1.89
CA VAL A 337 -13.15 28.90 -2.58
C VAL A 337 -13.95 30.06 -3.15
N LYS A 338 -13.39 31.26 -3.02
CA LYS A 338 -14.00 32.45 -3.60
C LYS A 338 -12.96 33.27 -4.35
N ALA A 339 -13.42 33.95 -5.39
CA ALA A 339 -12.55 34.82 -6.16
C ALA A 339 -13.42 36.00 -6.53
N THR A 340 -13.26 37.09 -5.80
CA THR A 340 -14.10 38.27 -5.95
C THR A 340 -13.28 39.50 -6.27
N LEU A 341 -13.94 40.52 -6.81
CA LEU A 341 -13.27 41.77 -7.09
C LEU A 341 -13.28 42.66 -5.85
N ASN A 342 -12.11 43.19 -5.51
CA ASN A 342 -11.99 44.12 -4.40
C ASN A 342 -12.37 45.54 -4.83
N SER A 343 -12.27 46.49 -3.91
CA SER A 343 -12.71 47.87 -4.17
C SER A 343 -11.83 48.59 -5.19
N SER A 344 -10.63 48.08 -5.39
CA SER A 344 -9.74 48.53 -6.48
C SER A 344 -10.04 47.85 -7.82
N GLY A 345 -10.97 46.89 -7.84
CA GLY A 345 -11.27 46.08 -9.03
C GLY A 345 -10.32 44.93 -9.36
N GLY A 346 -9.56 44.48 -8.37
CA GLY A 346 -8.59 43.39 -8.57
C GLY A 346 -9.18 42.07 -8.13
N ARG A 347 -8.88 41.00 -8.87
CA ARG A 347 -9.37 39.67 -8.52
C ARG A 347 -8.72 39.14 -7.24
N GLN A 348 -9.54 38.77 -6.28
CA GLN A 348 -9.01 38.33 -4.99
C GLN A 348 -9.53 36.95 -4.58
N TYR A 349 -8.58 36.03 -4.41
CA TYR A 349 -8.88 34.67 -4.04
C TYR A 349 -8.85 34.49 -2.55
N SER A 350 -9.71 33.59 -2.08
CA SER A 350 -9.69 33.19 -0.71
C SER A 350 -10.08 31.73 -0.66
N VAL A 351 -9.44 31.01 0.26
CA VAL A 351 -9.67 29.59 0.44
C VAL A 351 -10.12 29.38 1.88
N ASN A 352 -11.27 28.71 2.05
CA ASN A 352 -11.86 28.50 3.37
C ASN A 352 -11.94 29.78 4.19
N GLY A 353 -12.22 30.89 3.52
CA GLY A 353 -12.42 32.18 4.16
C GLY A 353 -11.16 32.99 4.39
N LYS A 354 -10.00 32.44 4.03
CA LYS A 354 -8.73 33.13 4.21
C LYS A 354 -8.31 33.67 2.86
N PRO A 355 -8.13 34.99 2.77
CA PRO A 355 -7.63 35.56 1.52
C PRO A 355 -6.16 35.19 1.32
N LEU A 356 -5.76 35.04 0.07
CA LEU A 356 -4.40 34.65 -0.28
C LEU A 356 -3.89 35.54 -1.41
N LEU A 357 -2.64 35.95 -1.32
CA LEU A 357 -1.91 36.42 -2.47
C LEU A 357 -1.56 35.18 -3.27
N ILE A 358 -2.03 35.08 -4.50
CA ILE A 358 -1.66 33.97 -5.35
C ILE A 358 -0.20 34.18 -5.77
N ARG A 359 0.66 33.22 -5.43
CA ARG A 359 2.06 33.22 -5.89
C ARG A 359 2.36 31.93 -6.60
N GLY A 360 2.56 32.01 -7.92
CA GLY A 360 2.70 30.80 -8.68
C GLY A 360 3.39 30.99 -10.00
N GLY A 361 3.29 29.96 -10.84
CA GLY A 361 3.79 30.04 -12.19
C GLY A 361 2.93 29.31 -13.19
N GLY A 362 3.07 29.67 -14.47
CA GLY A 362 2.35 29.04 -15.54
C GLY A 362 3.01 27.70 -15.83
N TYR A 363 2.25 26.63 -15.64
CA TYR A 363 2.68 25.27 -15.91
C TYR A 363 2.38 24.83 -17.35
N THR A 364 3.32 24.06 -17.90
CA THR A 364 3.12 23.36 -19.17
C THR A 364 3.50 21.89 -19.02
N PRO A 365 2.81 20.99 -19.72
CA PRO A 365 3.28 19.60 -19.80
C PRO A 365 4.42 19.48 -20.83
N ASP A 366 4.85 18.24 -21.07
CA ASP A 366 5.84 17.93 -22.08
C ASP A 366 5.35 18.38 -23.46
N LEU A 367 6.29 18.88 -24.25
CA LEU A 367 6.05 19.37 -25.61
C LEU A 367 5.35 18.37 -26.55
N PHE A 368 5.50 17.06 -26.26
CA PHE A 368 4.96 15.98 -27.09
C PHE A 368 3.93 15.17 -26.28
N LEU A 369 3.50 15.77 -25.16
CA LEU A 369 2.50 15.22 -24.22
C LEU A 369 2.86 13.86 -23.62
N ARG A 370 4.15 13.59 -23.53
CA ARG A 370 4.63 12.34 -22.92
C ARG A 370 4.31 12.39 -21.43
N TRP A 371 3.49 11.45 -20.98
CA TRP A 371 3.01 11.44 -19.60
C TRP A 371 3.76 10.44 -18.75
N ASN A 372 4.07 10.87 -17.51
CA ASN A 372 4.70 10.03 -16.51
C ASN A 372 4.27 10.52 -15.14
N GLU A 373 3.66 9.63 -14.38
CA GLU A 373 3.04 10.06 -13.15
C GLU A 373 4.04 10.64 -12.16
N THR A 374 5.19 9.99 -11.98
CA THR A 374 6.21 10.46 -11.03
C THR A 374 6.74 11.83 -11.43
N ALA A 375 6.99 12.00 -12.73
CA ALA A 375 7.47 13.27 -13.26
C ALA A 375 6.52 14.38 -12.84
N ALA A 376 5.22 14.09 -12.88
CA ALA A 376 4.19 15.08 -12.62
C ALA A 376 4.20 15.47 -11.15
N ALA A 377 4.26 14.46 -10.27
CA ALA A 377 4.44 14.65 -8.84
C ALA A 377 5.71 15.47 -8.55
N ASP A 378 6.81 15.15 -9.26
CA ASP A 378 8.12 15.78 -9.11
C ASP A 378 8.07 17.26 -9.47
N LYS A 379 7.39 17.56 -10.57
CA LYS A 379 7.15 18.92 -11.01
C LYS A 379 6.29 19.62 -9.95
N LEU A 380 5.21 18.99 -9.50
CA LEU A 380 4.38 19.65 -8.49
C LEU A 380 5.10 19.85 -7.15
N LYS A 381 6.03 18.95 -6.78
CA LYS A 381 6.77 19.11 -5.52
C LYS A 381 7.69 20.33 -5.60
N TYR A 382 8.17 20.60 -6.80
CA TYR A 382 9.08 21.70 -6.98
C TYR A 382 8.37 22.97 -6.67
N VAL A 383 7.05 23.00 -6.94
CA VAL A 383 6.25 24.19 -6.69
C VAL A 383 6.37 24.54 -5.21
N LEU A 384 6.21 23.51 -4.37
CA LEU A 384 6.34 23.67 -2.92
C LEU A 384 7.75 24.04 -2.45
N ASN A 385 8.78 23.38 -3.00
CA ASN A 385 10.20 23.66 -2.69
C ASN A 385 10.57 25.11 -3.08
N LEU A 386 9.89 25.62 -4.09
CA LEU A 386 9.98 27.04 -4.46
C LEU A 386 9.21 27.96 -3.51
N GLY A 387 8.38 27.40 -2.64
CA GLY A 387 7.52 28.21 -1.78
C GLY A 387 6.31 28.86 -2.46
N LEU A 388 5.98 28.40 -3.67
CA LEU A 388 4.83 28.92 -4.45
C LEU A 388 3.57 28.24 -3.99
N ASN A 389 2.42 28.88 -4.16
CA ASN A 389 1.16 28.22 -3.79
C ASN A 389 0.29 27.72 -4.95
N THR A 390 0.66 28.05 -6.19
CA THR A 390 -0.27 27.89 -7.32
C THR A 390 0.39 27.57 -8.68
N VAL A 391 -0.28 26.76 -9.49
CA VAL A 391 0.13 26.70 -10.87
C VAL A 391 -1.02 27.09 -11.78
N ARG A 392 -0.74 27.91 -12.78
CA ARG A 392 -1.73 28.19 -13.81
C ARG A 392 -1.55 27.22 -14.94
N LEU A 393 -2.66 26.76 -15.47
CA LEU A 393 -2.66 25.99 -16.70
C LEU A 393 -3.43 26.77 -17.79
N GLU A 394 -2.66 27.33 -18.73
CA GLU A 394 -3.26 27.86 -19.95
C GLU A 394 -3.41 26.72 -20.97
N GLY A 395 -4.65 26.25 -21.15
CA GLY A 395 -4.91 25.03 -21.91
C GLY A 395 -4.04 23.87 -21.45
N HIS A 396 -3.77 22.95 -22.39
CA HIS A 396 -2.97 21.74 -22.13
C HIS A 396 -3.36 21.07 -20.80
N ILE A 397 -4.66 21.04 -20.52
CA ILE A 397 -5.14 20.62 -19.19
C ILE A 397 -4.89 19.14 -18.97
N GLU A 398 -4.08 18.86 -17.95
CA GLU A 398 -3.45 17.56 -17.72
C GLU A 398 -4.44 16.47 -17.31
N PRO A 399 -4.05 15.19 -17.51
CA PRO A 399 -4.80 14.03 -17.00
C PRO A 399 -5.10 14.17 -15.52
N ASP A 400 -6.08 13.39 -15.08
CA ASP A 400 -6.60 13.47 -13.71
C ASP A 400 -5.54 13.37 -12.66
N GLU A 401 -4.63 12.41 -12.84
CA GLU A 401 -3.61 12.12 -11.83
C GLU A 401 -2.84 13.38 -11.46
N PHE A 402 -2.70 14.28 -12.42
CA PHE A 402 -2.04 15.55 -12.15
C PHE A 402 -2.76 16.33 -11.05
N PHE A 403 -4.09 16.30 -11.08
CA PHE A 403 -4.88 17.01 -10.08
C PHE A 403 -5.03 16.25 -8.76
N ASP A 404 -5.03 14.91 -8.79
CA ASP A 404 -4.99 14.12 -7.53
C ASP A 404 -3.75 14.53 -6.73
N ILE A 405 -2.65 14.66 -7.47
CA ILE A 405 -1.34 14.96 -6.92
C ILE A 405 -1.35 16.36 -6.36
N ALA A 406 -1.73 17.33 -7.18
CA ALA A 406 -1.89 18.69 -6.69
C ALA A 406 -2.79 18.69 -5.43
N ASP A 407 -3.87 17.91 -5.47
CA ASP A 407 -4.76 17.78 -4.32
C ASP A 407 -3.99 17.28 -3.12
N ASP A 408 -3.29 16.15 -3.30
CA ASP A 408 -2.54 15.55 -2.22
C ASP A 408 -1.44 16.48 -1.64
N LEU A 409 -0.84 17.34 -2.46
CA LEU A 409 0.24 18.21 -1.98
C LEU A 409 -0.30 19.56 -1.50
N GLY A 410 -1.50 19.92 -1.91
CA GLY A 410 -2.08 21.21 -1.56
C GLY A 410 -1.49 22.34 -2.41
N VAL A 411 -1.19 22.02 -3.68
CA VAL A 411 -0.77 23.05 -4.62
C VAL A 411 -2.04 23.50 -5.32
N LEU A 412 -2.34 24.79 -5.30
CA LEU A 412 -3.55 25.30 -5.98
C LEU A 412 -3.35 25.32 -7.51
N THR A 413 -4.41 24.98 -8.24
CA THR A 413 -4.37 24.99 -9.69
C THR A 413 -5.39 25.97 -10.30
N MET A 414 -4.97 26.61 -11.39
CA MET A 414 -5.84 27.55 -12.12
C MET A 414 -5.94 27.11 -13.58
N PRO A 415 -6.69 26.05 -13.88
CA PRO A 415 -6.85 25.60 -15.27
C PRO A 415 -7.76 26.52 -16.08
N GLY A 416 -7.73 26.36 -17.41
CA GLY A 416 -8.53 27.19 -18.32
C GLY A 416 -8.18 26.94 -19.78
N TRP A 417 -8.86 27.65 -20.67
CA TRP A 417 -8.58 27.51 -22.09
C TRP A 417 -7.42 28.43 -22.46
N GLU A 418 -6.76 28.13 -23.57
CA GLU A 418 -5.57 28.86 -24.02
C GLU A 418 -5.90 29.93 -25.06
N CYS A 419 -5.04 30.94 -25.17
CA CYS A 419 -5.16 32.00 -26.21
C CYS A 419 -4.66 31.54 -27.57
N CYS A 420 -4.79 32.45 -28.53
CA CYS A 420 -3.91 32.45 -29.72
C CYS A 420 -4.07 31.29 -30.68
N ASP A 421 -5.22 30.63 -30.67
CA ASP A 421 -5.54 29.55 -31.61
C ASP A 421 -7.06 29.40 -31.71
N LYS A 422 -7.57 28.23 -32.12
CA LYS A 422 -9.01 28.05 -32.35
C LYS A 422 -9.93 28.52 -31.21
N TRP A 423 -9.54 28.27 -29.96
CA TRP A 423 -10.39 28.57 -28.80
C TRP A 423 -10.83 30.01 -28.79
N GLU A 424 -9.94 30.89 -29.22
CA GLU A 424 -10.26 32.30 -29.23
C GLU A 424 -10.49 32.88 -30.65
N GLY A 425 -10.61 32.00 -31.65
CA GLY A 425 -10.66 32.42 -33.06
C GLY A 425 -11.83 33.29 -33.47
N GLN A 426 -12.91 33.19 -32.72
CA GLN A 426 -14.14 33.94 -32.97
C GLN A 426 -14.08 35.34 -32.35
N VAL A 427 -13.21 35.54 -31.37
CA VAL A 427 -13.13 36.82 -30.66
C VAL A 427 -11.80 37.56 -30.80
N ASN A 428 -10.76 36.89 -31.28
CA ASN A 428 -9.40 37.43 -31.23
C ASN A 428 -8.86 38.09 -32.49
N GLY A 429 -9.72 38.24 -33.50
CA GLY A 429 -9.40 39.11 -34.64
C GLY A 429 -8.34 38.59 -35.59
N GLU A 430 -7.28 39.38 -35.77
CA GLU A 430 -6.18 39.00 -36.66
C GLU A 430 -5.23 37.98 -36.01
N GLU A 431 -5.36 37.80 -34.69
CA GLU A 431 -4.58 36.79 -33.99
C GLU A 431 -4.93 35.45 -34.58
N LYS A 432 -3.95 34.54 -34.57
CA LYS A 432 -4.12 33.18 -35.07
C LYS A 432 -5.35 32.59 -34.41
N GLY A 433 -6.02 31.70 -35.15
CA GLY A 433 -7.24 31.05 -34.68
C GLY A 433 -8.38 31.38 -35.62
N GLU A 434 -9.05 30.34 -36.12
CA GLU A 434 -10.10 30.50 -37.11
C GLU A 434 -11.47 30.87 -36.52
N PRO A 435 -12.16 31.81 -37.16
CA PRO A 435 -13.54 32.11 -36.79
C PRO A 435 -14.37 30.83 -36.73
N TRP A 436 -15.29 30.77 -35.77
CA TRP A 436 -16.07 29.58 -35.55
C TRP A 436 -17.16 29.41 -36.60
N VAL A 437 -17.39 28.15 -37.00
CA VAL A 437 -18.60 27.80 -37.72
C VAL A 437 -19.55 27.10 -36.77
N GLU A 438 -20.77 26.82 -37.22
CA GLU A 438 -21.82 26.23 -36.38
C GLU A 438 -21.44 24.94 -35.65
N SER A 439 -20.76 24.02 -36.34
CA SER A 439 -20.33 22.74 -35.75
C SER A 439 -19.32 22.87 -34.59
N ASP A 440 -18.65 24.02 -34.50
CA ASP A 440 -17.67 24.29 -33.46
C ASP A 440 -18.32 24.47 -32.10
N TYR A 441 -19.50 25.10 -32.10
CA TYR A 441 -20.17 25.48 -30.87
C TYR A 441 -20.49 24.31 -29.93
N PRO A 442 -20.94 23.15 -30.47
CA PRO A 442 -21.23 21.99 -29.60
C PRO A 442 -19.98 21.31 -29.10
N ILE A 443 -18.96 21.27 -29.94
CA ILE A 443 -17.68 20.72 -29.52
C ILE A 443 -17.14 21.54 -28.33
N ALA A 444 -17.18 22.87 -28.47
CA ALA A 444 -16.72 23.80 -27.44
C ALA A 444 -17.52 23.62 -26.16
N LYS A 445 -18.83 23.57 -26.29
CA LYS A 445 -19.71 23.38 -25.14
C LYS A 445 -19.47 22.02 -24.49
N ALA A 446 -19.43 20.95 -25.30
CA ALA A 446 -19.21 19.61 -24.77
C ALA A 446 -17.87 19.51 -24.07
N SER A 447 -16.87 20.26 -24.55
CA SER A 447 -15.50 20.28 -23.99
C SER A 447 -15.47 20.85 -22.58
N MET A 448 -16.20 21.95 -22.39
CA MET A 448 -16.40 22.53 -21.06
C MET A 448 -17.10 21.53 -20.15
N PHE A 449 -18.17 20.88 -20.64
CA PHE A 449 -18.88 19.92 -19.81
C PHE A 449 -17.95 18.83 -19.33
N SER A 450 -17.19 18.28 -20.28
CA SER A 450 -16.27 17.20 -19.98
C SER A 450 -15.20 17.65 -19.01
N GLU A 451 -14.62 18.83 -19.23
CA GLU A 451 -13.62 19.33 -18.29
C GLU A 451 -14.21 19.66 -16.93
N ALA A 452 -15.42 20.22 -16.94
CA ALA A 452 -16.04 20.66 -15.67
C ALA A 452 -16.37 19.45 -14.82
N GLU A 453 -16.67 18.34 -15.50
CA GLU A 453 -17.02 17.07 -14.88
C GLU A 453 -15.78 16.40 -14.31
N ARG A 454 -14.66 16.53 -15.02
CA ARG A 454 -13.39 15.98 -14.54
C ARG A 454 -12.93 16.69 -13.28
N LEU A 455 -13.12 18.01 -13.24
CA LEU A 455 -12.40 18.89 -12.28
C LEU A 455 -13.14 19.26 -11.01
N ARG A 456 -14.47 19.10 -11.04
CA ARG A 456 -15.38 19.63 -10.00
C ARG A 456 -15.11 19.13 -8.58
N ASP A 457 -14.55 17.92 -8.45
CA ASP A 457 -14.27 17.34 -7.14
C ASP A 457 -12.79 17.38 -6.69
N HIS A 458 -11.96 18.10 -7.44
CA HIS A 458 -10.56 18.29 -7.07
C HIS A 458 -10.37 19.58 -6.28
N PRO A 459 -10.08 19.46 -4.97
CA PRO A 459 -10.00 20.64 -4.11
C PRO A 459 -8.94 21.66 -4.55
N SER A 460 -7.92 21.22 -5.31
CA SER A 460 -6.85 22.12 -5.73
C SER A 460 -7.32 23.19 -6.74
N VAL A 461 -8.26 22.81 -7.61
CA VAL A 461 -8.85 23.75 -8.57
C VAL A 461 -9.50 24.94 -7.87
N ILE A 462 -9.09 26.17 -8.22
CA ILE A 462 -9.64 27.36 -7.55
C ILE A 462 -10.51 28.22 -8.46
N SER A 463 -10.45 27.98 -9.77
CA SER A 463 -11.27 28.71 -10.73
C SER A 463 -11.08 28.08 -12.12
N PHE A 464 -11.92 28.47 -13.07
CA PHE A 464 -11.69 28.08 -14.44
C PHE A 464 -11.72 29.35 -15.29
N HIS A 465 -10.67 29.53 -16.09
CA HIS A 465 -10.59 30.66 -17.00
C HIS A 465 -11.28 30.28 -18.32
N ILE A 466 -12.41 30.90 -18.61
CA ILE A 466 -13.09 30.61 -19.87
C ILE A 466 -12.49 31.41 -21.04
N GLY A 467 -11.62 32.36 -20.74
CA GLY A 467 -10.85 33.07 -21.76
C GLY A 467 -9.44 33.30 -21.26
N SER A 468 -8.53 33.62 -22.16
CA SER A 468 -7.15 33.91 -21.78
C SER A 468 -6.77 35.33 -22.15
N ASP A 469 -6.47 35.59 -23.42
CA ASP A 469 -6.23 36.97 -23.88
C ASP A 469 -7.56 37.65 -24.15
N PHE A 470 -8.46 36.95 -24.85
CA PHE A 470 -9.77 37.52 -25.10
C PHE A 470 -10.87 36.79 -24.33
N ALA A 471 -11.76 37.57 -23.71
CA ALA A 471 -12.96 37.02 -23.11
C ALA A 471 -13.87 36.49 -24.23
N PRO A 472 -14.68 35.46 -23.93
CA PRO A 472 -15.62 34.94 -24.95
C PRO A 472 -16.72 35.95 -25.23
N ASP A 473 -17.35 35.84 -26.39
CA ASP A 473 -18.53 36.65 -26.68
C ASP A 473 -19.70 36.07 -25.87
N ARG A 474 -20.90 36.64 -26.04
CA ARG A 474 -22.11 36.20 -25.30
C ARG A 474 -22.54 34.77 -25.58
N ARG A 475 -22.64 34.40 -26.86
CA ARG A 475 -23.05 33.06 -27.22
C ARG A 475 -22.10 32.00 -26.63
N ILE A 476 -20.81 32.19 -26.85
CA ILE A 476 -19.77 31.27 -26.38
C ILE A 476 -19.71 31.21 -24.87
N GLU A 477 -19.82 32.36 -24.21
CA GLU A 477 -19.87 32.40 -22.75
C GLU A 477 -21.07 31.63 -22.19
N GLN A 478 -22.25 31.90 -22.73
CA GLN A 478 -23.46 31.22 -22.27
C GLN A 478 -23.34 29.69 -22.41
N GLY A 479 -22.72 29.25 -23.50
CA GLY A 479 -22.42 27.82 -23.68
C GLY A 479 -21.50 27.25 -22.60
N TYR A 480 -20.50 28.01 -22.18
CA TYR A 480 -19.63 27.59 -21.07
C TYR A 480 -20.34 27.56 -19.72
N LEU A 481 -21.06 28.64 -19.39
CA LEU A 481 -21.84 28.70 -18.14
C LEU A 481 -22.89 27.58 -18.03
N ASP A 482 -23.62 27.32 -19.13
CA ASP A 482 -24.60 26.22 -19.14
C ASP A 482 -23.92 24.86 -18.92
N ALA A 483 -22.79 24.66 -19.60
CA ALA A 483 -22.04 23.42 -19.46
C ALA A 483 -21.59 23.24 -17.99
N MET A 484 -21.02 24.28 -17.41
CA MET A 484 -20.63 24.20 -16.01
C MET A 484 -21.84 23.98 -15.09
N LYS A 485 -22.94 24.68 -15.34
CA LYS A 485 -24.14 24.46 -14.54
C LYS A 485 -24.56 23.00 -14.54
N ALA A 486 -24.56 22.39 -15.74
CA ALA A 486 -25.06 21.03 -15.92
C ALA A 486 -24.12 20.01 -15.28
N ALA A 487 -22.88 20.44 -15.04
CA ALA A 487 -21.89 19.61 -14.41
C ALA A 487 -21.74 19.86 -12.90
N ASP A 488 -22.52 20.80 -12.34
CA ASP A 488 -22.38 21.19 -10.92
C ASP A 488 -20.95 21.68 -10.58
N PHE A 489 -20.27 22.20 -11.60
CA PHE A 489 -19.00 22.87 -11.44
C PHE A 489 -19.28 24.25 -10.82
N LEU A 490 -18.88 24.44 -9.57
CA LEU A 490 -19.36 25.58 -8.79
C LEU A 490 -18.27 26.60 -8.44
N LEU A 491 -17.11 26.43 -9.05
CA LEU A 491 -15.94 27.24 -8.76
C LEU A 491 -16.01 28.59 -9.48
N PRO A 492 -15.20 29.58 -9.03
CA PRO A 492 -15.20 30.90 -9.68
C PRO A 492 -14.88 30.81 -11.18
N VAL A 493 -15.60 31.57 -12.01
CA VAL A 493 -15.31 31.62 -13.44
C VAL A 493 -14.64 32.94 -13.78
N ILE A 494 -13.42 32.86 -14.28
CA ILE A 494 -12.68 34.07 -14.57
C ILE A 494 -12.85 34.25 -16.08
N PRO A 495 -13.36 35.42 -16.51
CA PRO A 495 -13.69 35.56 -17.94
C PRO A 495 -12.47 35.69 -18.84
N ALA A 496 -11.38 36.25 -18.34
CA ALA A 496 -10.14 36.37 -19.11
C ALA A 496 -8.98 36.52 -18.15
N ALA A 497 -7.76 36.28 -18.66
CA ALA A 497 -6.52 36.56 -17.90
C ALA A 497 -5.99 37.96 -18.12
N SER A 498 -6.47 38.61 -19.19
CA SER A 498 -6.20 40.02 -19.49
C SER A 498 -7.21 40.89 -18.75
N ALA A 499 -7.17 42.21 -18.98
CA ALA A 499 -8.19 43.13 -18.41
C ALA A 499 -9.59 43.06 -19.07
N ARG A 500 -9.70 42.33 -20.19
CA ARG A 500 -10.91 42.36 -21.02
C ARG A 500 -12.06 41.65 -20.34
N PRO A 501 -13.25 42.26 -20.36
CA PRO A 501 -14.35 41.63 -19.64
C PRO A 501 -15.24 40.77 -20.53
N SER A 502 -16.07 39.92 -19.93
CA SER A 502 -17.04 39.16 -20.70
C SER A 502 -18.41 39.82 -20.51
N PRO A 503 -19.35 39.55 -21.42
CA PRO A 503 -20.68 40.18 -21.31
C PRO A 503 -21.51 39.68 -20.14
N ILE A 504 -21.32 38.45 -19.71
CA ILE A 504 -22.14 37.96 -18.61
C ILE A 504 -21.42 38.01 -17.27
N THR A 505 -20.33 37.26 -17.13
CA THR A 505 -19.57 37.21 -15.90
C THR A 505 -18.98 38.58 -15.54
N GLY A 506 -18.61 39.34 -16.57
CA GLY A 506 -18.16 40.72 -16.40
C GLY A 506 -16.66 40.85 -16.36
N ALA A 507 -16.18 41.69 -15.45
CA ALA A 507 -14.79 42.07 -15.37
C ALA A 507 -13.90 40.92 -14.90
N SER A 508 -12.68 40.85 -15.45
CA SER A 508 -11.80 39.75 -15.12
C SER A 508 -11.16 39.97 -13.76
N GLY A 509 -10.78 41.22 -13.50
CA GLY A 509 -10.07 41.55 -12.27
C GLY A 509 -8.59 41.24 -12.42
N MET A 510 -8.17 40.90 -13.65
CA MET A 510 -6.77 40.56 -13.93
C MET A 510 -6.14 41.45 -15.01
N LYS A 511 -4.82 41.35 -15.16
CA LYS A 511 -4.10 42.21 -16.07
C LYS A 511 -3.04 41.41 -16.79
N MET A 512 -2.88 41.74 -18.07
CA MET A 512 -1.89 41.09 -18.92
C MET A 512 -1.24 42.19 -19.74
N ASN A 513 -0.41 42.99 -19.06
CA ASN A 513 0.20 44.17 -19.65
C ASN A 513 1.64 43.92 -20.01
N GLY A 514 2.07 42.66 -19.94
CA GLY A 514 3.49 42.35 -19.97
C GLY A 514 4.15 42.76 -18.65
N PRO A 515 5.49 42.65 -18.54
CA PRO A 515 6.43 42.28 -19.61
C PRO A 515 6.64 40.78 -19.79
N TYR A 516 7.37 40.45 -20.85
CA TYR A 516 7.66 39.09 -21.22
C TYR A 516 9.12 39.01 -21.62
N ASP A 517 9.83 40.11 -21.43
CA ASP A 517 11.25 40.16 -21.78
C ASP A 517 11.93 41.19 -20.89
N TYR A 518 13.23 41.39 -21.09
CA TYR A 518 14.04 42.07 -20.06
C TYR A 518 13.52 43.44 -19.58
N VAL A 519 13.28 43.50 -18.27
CA VAL A 519 13.11 44.75 -17.54
C VAL A 519 14.00 44.67 -16.27
N PRO A 520 14.44 45.84 -15.75
CA PRO A 520 15.33 45.79 -14.58
C PRO A 520 14.49 45.60 -13.33
N PRO A 521 15.11 45.14 -12.21
CA PRO A 521 14.33 44.77 -11.02
C PRO A 521 13.35 45.82 -10.50
N VAL A 522 13.76 47.09 -10.47
CA VAL A 522 12.92 48.18 -9.95
C VAL A 522 11.57 48.35 -10.72
N TYR A 523 11.56 47.97 -12.00
CA TYR A 523 10.32 47.99 -12.81
C TYR A 523 9.15 47.35 -12.05
N TRP A 524 9.43 46.25 -11.33
CA TRP A 524 8.38 45.48 -10.65
C TRP A 524 7.71 46.23 -9.50
N TYR A 525 8.41 47.25 -9.00
CA TYR A 525 7.89 48.11 -7.96
C TYR A 525 7.04 49.28 -8.48
N ASP A 526 6.82 49.35 -9.79
CA ASP A 526 5.99 50.44 -10.34
C ASP A 526 4.49 50.25 -10.06
N LYS A 527 3.88 51.33 -9.59
CA LYS A 527 2.44 51.40 -9.46
C LYS A 527 1.91 52.57 -10.28
N SER A 528 2.84 53.33 -10.88
CA SER A 528 2.48 54.56 -11.61
C SER A 528 1.90 54.33 -13.02
N GLN A 529 2.43 53.34 -13.74
CA GLN A 529 2.08 53.13 -15.15
C GLN A 529 0.98 52.10 -15.33
N LYS A 530 -0.22 52.57 -15.70
CA LYS A 530 -1.41 51.72 -15.68
CA LYS A 530 -1.42 51.72 -15.67
C LYS A 530 -1.49 50.64 -16.77
N ASP A 531 -0.68 50.79 -17.81
CA ASP A 531 -0.64 49.84 -18.92
C ASP A 531 0.58 48.91 -18.78
N ARG A 532 1.24 48.97 -17.62
CA ARG A 532 2.43 48.15 -17.39
C ARG A 532 2.25 47.05 -16.36
N GLY A 533 3.31 46.29 -16.12
CA GLY A 533 3.23 45.07 -15.32
C GLY A 533 3.80 45.14 -13.91
N GLY A 534 3.66 46.31 -13.29
CA GLY A 534 4.05 46.49 -11.89
C GLY A 534 3.20 45.72 -10.89
N ALA A 535 3.67 45.70 -9.64
CA ALA A 535 3.05 44.97 -8.55
C ALA A 535 1.72 45.58 -8.12
N TRP A 536 0.67 45.32 -8.89
CA TRP A 536 -0.68 45.72 -8.51
C TRP A 536 -1.65 45.00 -9.40
N SER A 537 -2.88 44.88 -8.93
CA SER A 537 -3.92 44.01 -9.49
C SER A 537 -3.46 42.56 -9.52
N PHE A 538 -3.96 41.77 -10.47
CA PHE A 538 -3.60 40.36 -10.50
C PHE A 538 -2.82 40.09 -11.77
N ASN A 539 -1.51 39.84 -11.63
CA ASN A 539 -0.62 39.55 -12.77
C ASN A 539 -0.71 38.08 -13.25
N SER A 540 -1.62 37.82 -14.18
CA SER A 540 -1.91 36.46 -14.65
C SER A 540 -0.82 35.72 -15.45
N GLU A 541 0.26 36.43 -15.82
CA GLU A 541 1.33 35.88 -16.68
C GLU A 541 2.35 36.94 -17.03
N THR A 542 3.47 36.97 -16.29
CA THR A 542 4.54 37.91 -16.61
C THR A 542 5.92 37.44 -16.12
N SER A 543 6.95 37.83 -16.87
CA SER A 543 8.34 37.67 -16.46
C SER A 543 9.28 38.64 -17.19
N ALA A 544 10.59 38.45 -16.94
CA ALA A 544 11.67 39.27 -17.50
C ALA A 544 12.36 38.54 -18.64
N GLY A 545 11.74 37.46 -19.09
CA GLY A 545 12.11 36.80 -20.33
C GLY A 545 13.13 35.70 -20.18
N VAL A 546 14.29 35.93 -20.79
CA VAL A 546 15.32 34.93 -20.89
C VAL A 546 15.70 34.35 -19.52
N ASP A 547 15.83 33.02 -19.47
CA ASP A 547 16.31 32.35 -18.26
C ASP A 547 17.29 31.26 -18.69
N ILE A 548 18.55 31.64 -18.84
CA ILE A 548 19.61 30.70 -19.17
C ILE A 548 19.72 29.61 -18.08
N PRO A 549 19.50 28.34 -18.45
CA PRO A 549 19.65 27.17 -17.56
C PRO A 549 21.10 26.93 -17.15
N THR A 550 21.32 25.89 -16.34
CA THR A 550 22.65 25.57 -15.80
C THR A 550 23.56 25.15 -16.94
N MET A 551 24.87 25.22 -16.71
CA MET A 551 25.85 24.74 -17.68
C MET A 551 25.60 23.24 -18.01
N ASP A 552 25.22 22.46 -17.01
CA ASP A 552 24.96 21.03 -17.29
C ASP A 552 23.82 20.84 -18.31
N THR A 553 22.73 21.58 -18.15
CA THR A 553 21.59 21.53 -19.07
C THR A 553 21.97 22.05 -20.47
N LEU A 554 22.61 23.23 -20.49
CA LEU A 554 23.07 23.85 -21.73
C LEU A 554 23.85 22.85 -22.60
N LYS A 555 24.79 22.13 -21.99
CA LYS A 555 25.65 21.20 -22.71
C LYS A 555 24.85 20.02 -23.24
N ARG A 556 23.67 19.82 -22.67
CA ARG A 556 22.80 18.71 -23.11
C ARG A 556 21.82 19.13 -24.19
N MET A 557 21.49 20.42 -24.26
CA MET A 557 20.49 20.94 -25.21
C MET A 557 21.04 21.66 -26.44
N MET A 558 22.29 22.14 -26.37
CA MET A 558 22.87 22.95 -27.44
C MET A 558 24.29 22.50 -27.77
N SER A 559 24.67 22.71 -29.02
CA SER A 559 25.99 22.29 -29.49
C SER A 559 27.01 23.35 -29.11
N ALA A 560 28.29 22.97 -29.17
CA ALA A 560 29.36 23.90 -28.83
C ALA A 560 29.26 25.19 -29.66
N SER A 561 28.97 25.05 -30.95
CA SER A 561 28.87 26.20 -31.83
C SER A 561 27.65 27.06 -31.48
N GLU A 562 26.54 26.40 -31.15
CA GLU A 562 25.32 27.10 -30.74
C GLU A 562 25.56 27.87 -29.44
N LEU A 563 26.25 27.23 -28.50
CA LEU A 563 26.58 27.88 -27.24
C LEU A 563 27.54 29.08 -27.45
N ASP A 564 28.52 28.90 -28.32
CA ASP A 564 29.44 29.97 -28.68
C ASP A 564 28.69 31.20 -29.16
N THR A 565 27.69 30.98 -30.04
CA THR A 565 26.90 32.02 -30.65
C THR A 565 26.03 32.75 -29.63
N MET A 566 25.51 32.01 -28.66
CA MET A 566 24.69 32.55 -27.57
C MET A 566 25.35 33.73 -26.82
N TRP A 567 26.60 33.55 -26.39
CA TRP A 567 27.26 34.60 -25.61
C TRP A 567 27.90 35.70 -26.47
N LYS A 568 28.51 35.30 -27.58
CA LYS A 568 29.11 36.25 -28.53
C LYS A 568 28.08 37.16 -29.23
N ASN A 569 26.99 36.56 -29.73
CA ASN A 569 25.94 37.30 -30.44
C ASN A 569 24.49 37.02 -29.92
N PRO A 570 24.10 37.65 -28.80
CA PRO A 570 22.75 37.40 -28.24
C PRO A 570 21.62 37.78 -29.19
N SER A 571 21.94 38.59 -30.19
CA SER A 571 20.98 39.00 -31.22
C SER A 571 20.57 37.89 -32.17
N ALA A 572 21.40 36.87 -32.31
CA ALA A 572 21.11 35.78 -33.22
C ALA A 572 19.94 34.96 -32.69
N LYS A 573 19.14 34.44 -33.61
CA LYS A 573 17.97 33.62 -33.29
C LYS A 573 18.42 32.34 -32.59
N GLN A 574 17.62 31.89 -31.63
CA GLN A 574 17.89 30.62 -30.96
C GLN A 574 16.71 29.66 -31.11
N TYR A 575 16.98 28.51 -31.73
CA TYR A 575 15.92 27.53 -31.87
C TYR A 575 15.32 27.19 -30.50
N HIS A 576 16.12 27.24 -29.45
CA HIS A 576 15.66 26.86 -28.11
C HIS A 576 15.09 28.00 -27.25
N ARG A 577 14.93 29.19 -27.83
CA ARG A 577 13.97 30.13 -27.27
C ARG A 577 12.58 29.87 -27.88
N SER A 578 12.22 30.57 -28.96
CA SER A 578 10.86 30.48 -29.49
C SER A 578 10.71 30.66 -31.01
N SER A 579 9.62 30.12 -31.53
CA SER A 579 9.28 30.23 -32.94
C SER A 579 8.82 31.62 -33.32
N SER A 580 8.40 32.42 -32.34
CA SER A 580 7.98 33.81 -32.54
C SER A 580 9.17 34.75 -32.84
N ASP A 581 8.97 35.71 -33.74
CA ASP A 581 10.03 36.63 -34.09
C ASP A 581 10.32 37.58 -32.93
N THR A 582 9.27 38.05 -32.29
CA THR A 582 9.41 38.89 -31.10
C THR A 582 10.30 38.27 -30.00
N PHE A 583 10.24 36.94 -29.86
CA PHE A 583 10.95 36.27 -28.78
C PHE A 583 11.90 35.21 -29.30
N GLY A 584 12.38 35.40 -30.52
CA GLY A 584 13.23 34.43 -31.18
C GLY A 584 14.68 34.53 -30.76
N ASN A 585 15.07 35.68 -30.22
CA ASN A 585 16.46 35.91 -29.83
C ASN A 585 16.64 36.31 -28.36
N LEU A 586 17.85 36.71 -28.00
CA LEU A 586 18.20 37.07 -26.61
C LEU A 586 18.73 38.49 -26.49
N LYS A 587 18.35 39.36 -27.43
CA LYS A 587 19.01 40.64 -27.58
C LYS A 587 18.83 41.53 -26.39
N LEU A 588 17.59 41.66 -25.96
CA LEU A 588 17.28 42.59 -24.88
C LEU A 588 18.01 42.18 -23.63
N PHE A 589 18.00 40.88 -23.38
CA PHE A 589 18.66 40.27 -22.25
C PHE A 589 20.18 40.50 -22.39
N GLY A 590 20.72 40.03 -23.52
CA GLY A 590 22.13 40.22 -23.86
C GLY A 590 22.61 41.63 -23.65
N ASP A 591 21.83 42.61 -24.12
CA ASP A 591 22.18 44.04 -23.98
C ASP A 591 22.26 44.47 -22.51
N ALA A 592 21.18 44.19 -21.76
CA ALA A 592 21.10 44.48 -20.32
C ALA A 592 22.19 43.77 -19.50
N LEU A 593 22.50 42.52 -19.83
CA LEU A 593 23.55 41.79 -19.12
C LEU A 593 24.86 42.55 -19.26
N THR A 594 25.31 42.72 -20.50
CA THR A 594 26.51 43.49 -20.86
C THR A 594 26.56 44.87 -20.19
N LYS A 595 25.46 45.61 -20.26
CA LYS A 595 25.42 46.94 -19.67
C LYS A 595 25.53 46.89 -18.15
N ARG A 596 24.80 45.98 -17.51
CA ARG A 596 24.61 46.00 -16.05
C ARG A 596 25.68 45.22 -15.27
N TYR A 597 26.11 44.09 -15.83
CA TYR A 597 27.10 43.23 -15.18
C TYR A 597 28.47 43.34 -15.83
N GLY A 598 28.57 44.09 -16.93
CA GLY A 598 29.76 44.12 -17.76
C GLY A 598 29.77 43.08 -18.89
N ALA A 599 30.41 43.45 -20.01
CA ALA A 599 30.66 42.57 -21.17
C ALA A 599 31.13 41.17 -20.79
N SER A 600 30.68 40.16 -21.54
CA SER A 600 31.03 38.75 -21.27
C SER A 600 32.39 38.35 -21.83
N ALA A 601 33.22 37.79 -20.95
CA ALA A 601 34.59 37.44 -21.29
C ALA A 601 34.64 36.14 -22.09
N ASN A 602 33.65 35.28 -21.85
CA ASN A 602 33.53 33.95 -22.44
C ASN A 602 32.18 33.32 -22.02
N LEU A 603 31.91 32.08 -22.48
CA LEU A 603 30.65 31.39 -22.19
C LEU A 603 30.40 31.23 -20.69
N ASN A 604 31.40 30.73 -19.97
CA ASN A 604 31.34 30.65 -18.51
C ASN A 604 31.00 31.98 -17.82
N ASP A 605 31.54 33.07 -18.33
CA ASP A 605 31.28 34.40 -17.79
C ASP A 605 29.81 34.82 -18.05
N PHE A 606 29.38 34.68 -19.31
CA PHE A 606 28.00 34.89 -19.68
C PHE A 606 27.03 34.12 -18.78
N VAL A 607 27.23 32.82 -18.64
CA VAL A 607 26.31 31.99 -17.88
C VAL A 607 26.33 32.34 -16.40
N ARG A 608 27.51 32.59 -15.83
CA ARG A 608 27.58 33.01 -14.42
C ARG A 608 26.86 34.35 -14.17
N LYS A 609 26.93 35.28 -15.12
CA LYS A 609 26.26 36.57 -15.02
C LYS A 609 24.76 36.45 -15.31
N ALA A 610 24.40 35.56 -16.22
CA ALA A 610 22.99 35.22 -16.41
C ALA A 610 22.31 34.77 -15.09
N GLN A 611 22.95 33.91 -14.30
CA GLN A 611 22.27 33.37 -13.11
C GLN A 611 22.02 34.47 -12.10
N LEU A 612 23.02 35.33 -11.91
CA LEU A 612 22.87 36.49 -11.03
C LEU A 612 21.73 37.35 -11.53
N SER A 613 21.73 37.66 -12.82
CA SER A 613 20.66 38.50 -13.39
C SER A 613 19.29 37.88 -13.20
N GLN A 614 19.21 36.56 -13.33
CA GLN A 614 17.95 35.83 -13.22
C GLN A 614 17.45 35.76 -11.77
N TYR A 615 18.36 35.42 -10.86
CA TYR A 615 18.09 35.45 -9.43
C TYR A 615 17.62 36.84 -9.01
N GLU A 616 18.35 37.87 -9.43
CA GLU A 616 18.06 39.26 -9.08
C GLU A 616 16.66 39.70 -9.48
N ASN A 617 16.27 39.32 -10.70
CA ASN A 617 15.03 39.81 -11.31
C ASN A 617 13.79 39.08 -10.84
N VAL A 618 13.84 37.75 -10.88
CA VAL A 618 12.76 36.91 -10.40
C VAL A 618 12.54 37.18 -8.91
N ARG A 619 13.62 37.37 -8.15
CA ARG A 619 13.46 37.70 -6.73
C ARG A 619 12.64 38.96 -6.54
N ALA A 620 13.04 40.02 -7.24
CA ALA A 620 12.32 41.30 -7.18
C ALA A 620 10.90 41.18 -7.72
N GLU A 621 10.73 40.44 -8.81
CA GLU A 621 9.39 40.21 -9.37
C GLU A 621 8.44 39.71 -8.29
N PHE A 622 8.83 38.67 -7.56
CA PHE A 622 7.96 38.13 -6.52
C PHE A 622 7.88 39.03 -5.29
N GLU A 623 9.04 39.55 -4.85
CA GLU A 623 9.10 40.31 -3.61
C GLU A 623 8.19 41.56 -3.61
N SER A 624 8.13 42.22 -4.76
CA SER A 624 7.31 43.42 -4.98
C SER A 624 5.84 43.14 -4.80
N HIS A 625 5.41 41.99 -5.32
CA HIS A 625 4.01 41.58 -5.23
C HIS A 625 3.65 41.14 -3.82
N SER A 626 4.58 40.53 -3.10
CA SER A 626 4.37 40.20 -1.68
C SER A 626 4.17 41.46 -0.84
N ARG A 627 5.04 42.47 -1.04
CA ARG A 627 4.97 43.73 -0.29
C ARG A 627 3.65 44.48 -0.51
N ASN A 628 3.24 44.57 -1.78
CA ASN A 628 2.10 45.38 -2.18
C ASN A 628 0.75 44.69 -2.03
N TYR A 629 0.76 43.44 -1.55
CA TYR A 629 -0.46 42.67 -1.32
C TYR A 629 -1.33 43.30 -0.22
N THR A 630 -0.69 44.02 0.71
CA THR A 630 -1.42 44.63 1.81
C THR A 630 -1.53 46.16 1.71
N ASP A 631 -1.27 46.68 0.51
CA ASP A 631 -1.56 48.09 0.18
C ASP A 631 -3.07 48.41 0.30
N SER A 632 -3.37 49.58 0.86
CA SER A 632 -4.77 50.02 0.97
C SER A 632 -5.43 50.19 -0.38
N THR A 633 -4.68 50.74 -1.32
CA THR A 633 -5.20 51.06 -2.64
C THR A 633 -4.41 50.30 -3.69
N ASN A 634 -5.12 49.73 -4.66
CA ASN A 634 -4.50 48.93 -5.73
C ASN A 634 -3.44 47.95 -5.24
N PRO A 635 -3.84 47.02 -4.36
CA PRO A 635 -2.88 46.01 -3.98
C PRO A 635 -2.65 45.01 -5.12
N SER A 636 -1.49 44.37 -5.10
CA SER A 636 -1.26 43.15 -5.86
C SER A 636 -2.06 42.03 -5.22
N THR A 637 -2.74 41.25 -6.06
CA THR A 637 -3.59 40.17 -5.60
C THR A 637 -3.14 38.86 -6.20
N GLY A 638 -2.22 38.91 -7.14
CA GLY A 638 -1.71 37.70 -7.75
C GLY A 638 -0.48 37.91 -8.61
N LEU A 639 0.29 36.84 -8.75
CA LEU A 639 1.40 36.85 -9.65
C LEU A 639 1.63 35.44 -10.12
N ILE A 640 1.51 35.26 -11.43
CA ILE A 640 1.85 34.01 -12.09
C ILE A 640 3.09 34.29 -12.94
N TYR A 641 4.23 33.76 -12.52
CA TYR A 641 5.49 33.87 -13.28
C TYR A 641 5.38 33.11 -14.59
N TRP A 642 5.80 33.74 -15.68
CA TRP A 642 5.74 33.13 -17.00
C TRP A 642 7.14 32.62 -17.35
N MET A 643 7.40 31.32 -17.21
CA MET A 643 6.48 30.28 -16.73
C MET A 643 7.23 29.44 -15.69
N LEU A 644 6.51 28.62 -14.94
CA LEU A 644 7.14 27.68 -14.00
C LEU A 644 8.23 26.81 -14.66
N ASN A 645 7.93 26.31 -15.85
CA ASN A 645 8.77 25.31 -16.47
C ASN A 645 8.48 25.39 -17.95
N SER A 646 9.25 24.66 -18.74
CA SER A 646 9.14 24.74 -20.18
C SER A 646 8.64 23.41 -20.78
N PRO A 647 8.02 23.46 -21.97
CA PRO A 647 7.62 22.20 -22.59
C PRO A 647 8.81 21.34 -22.96
N TRP A 648 9.98 21.96 -23.11
CA TRP A 648 11.20 21.28 -23.57
C TRP A 648 12.45 21.98 -23.04
N THR A 649 13.59 21.67 -23.65
CA THR A 649 14.85 22.30 -23.28
C THR A 649 14.82 23.74 -23.79
N SER A 650 15.04 24.70 -22.91
CA SER A 650 14.74 26.08 -23.27
C SER A 650 15.74 27.11 -22.76
N LEU A 651 15.59 28.33 -23.25
CA LEU A 651 16.40 29.47 -22.82
C LEU A 651 15.58 30.60 -22.17
N HIS A 652 14.28 30.39 -22.02
CA HIS A 652 13.39 31.45 -21.54
C HIS A 652 12.19 30.93 -20.75
N TRP A 653 11.54 31.84 -20.03
CA TRP A 653 10.22 31.55 -19.45
C TRP A 653 10.22 30.25 -18.67
N GLN A 654 11.11 30.15 -17.67
CA GLN A 654 11.19 28.95 -16.84
C GLN A 654 11.82 29.24 -15.48
N LEU A 655 11.38 28.51 -14.47
CA LEU A 655 12.09 28.47 -13.19
C LEU A 655 12.99 27.25 -13.12
N PHE A 656 12.39 26.06 -13.24
CA PHE A 656 13.17 24.84 -13.37
C PHE A 656 13.10 24.38 -14.81
N ASP A 657 14.18 23.77 -15.30
CA ASP A 657 14.28 23.43 -16.72
C ASP A 657 13.81 22.02 -17.01
N ALA A 658 13.84 21.65 -18.29
CA ALA A 658 13.34 20.36 -18.74
C ALA A 658 13.90 19.15 -17.99
N TYR A 659 15.10 19.27 -17.42
CA TYR A 659 15.73 18.15 -16.70
C TYR A 659 15.58 18.24 -15.19
N MET A 660 14.85 19.26 -14.73
CA MET A 660 14.62 19.52 -13.31
C MET A 660 15.84 20.10 -12.64
N ASP A 661 16.78 20.63 -13.41
CA ASP A 661 17.90 21.29 -12.77
C ASP A 661 17.47 22.64 -12.25
N GLN A 662 18.32 23.24 -11.42
CA GLN A 662 17.94 24.43 -10.67
C GLN A 662 19.01 25.50 -10.83
N ASN A 663 18.59 26.62 -11.42
CA ASN A 663 19.47 27.76 -11.73
C ASN A 663 19.15 29.00 -10.86
N GLY A 664 19.69 30.16 -11.27
CA GLY A 664 19.46 31.43 -10.58
C GLY A 664 18.02 31.88 -10.50
N ALA A 665 17.28 31.73 -11.59
CA ALA A 665 15.85 32.01 -11.60
C ALA A 665 15.16 31.12 -10.57
N TYR A 666 15.55 29.84 -10.53
CA TYR A 666 15.03 28.89 -9.55
C TYR A 666 15.26 29.35 -8.12
N TYR A 667 16.51 29.67 -7.79
CA TYR A 667 16.87 30.09 -6.43
C TYR A 667 16.29 31.44 -6.01
N GLY A 668 16.17 32.35 -6.98
CA GLY A 668 15.59 33.69 -6.75
C GLY A 668 14.13 33.59 -6.35
N ALA A 669 13.36 32.84 -7.12
CA ALA A 669 11.98 32.58 -6.77
C ALA A 669 11.91 31.91 -5.42
N LYS A 670 12.77 30.91 -5.20
CA LYS A 670 12.78 30.22 -3.89
C LYS A 670 13.11 31.16 -2.73
N LYS A 671 14.05 32.09 -2.95
CA LYS A 671 14.39 33.08 -1.94
C LYS A 671 13.21 33.99 -1.62
N ALA A 672 12.65 34.60 -2.67
CA ALA A 672 11.54 35.53 -2.52
C ALA A 672 10.34 34.95 -1.75
N ASN A 673 10.10 33.65 -1.93
CA ASN A 673 8.91 32.99 -1.41
C ASN A 673 9.11 32.13 -0.14
N GLU A 674 10.14 32.45 0.63
CA GLU A 674 10.37 31.79 1.91
C GLU A 674 9.19 32.08 2.83
N PRO A 675 8.84 31.12 3.70
CA PRO A 675 7.70 31.28 4.61
C PRO A 675 7.85 32.46 5.57
N LEU A 676 9.07 32.74 6.00
CA LEU A 676 9.35 33.88 6.90
C LEU A 676 10.54 34.58 6.30
N HIS A 677 10.34 35.80 5.79
CA HIS A 677 11.26 36.34 4.80
C HIS A 677 11.63 37.79 4.99
N ILE A 678 12.92 38.10 4.81
CA ILE A 678 13.37 39.48 4.87
C ILE A 678 13.81 39.90 3.46
N GLN A 679 13.41 41.09 3.03
CA GLN A 679 13.65 41.55 1.65
C GLN A 679 13.95 43.05 1.59
N TYR A 680 14.57 43.48 0.49
CA TYR A 680 14.95 44.87 0.26
C TYR A 680 14.22 45.45 -0.95
N SER A 681 13.46 46.53 -0.73
CA SER A 681 12.71 47.21 -1.79
C SER A 681 13.61 48.02 -2.73
N HIS A 682 13.70 47.59 -3.98
CA HIS A 682 14.51 48.28 -5.01
C HIS A 682 14.05 49.70 -5.33
N ASP A 683 12.82 50.06 -4.96
CA ASP A 683 12.31 51.39 -5.27
C ASP A 683 12.65 52.47 -4.24
N ASN A 684 12.48 52.15 -2.96
CA ASN A 684 12.53 53.12 -1.84
C ASN A 684 13.41 52.69 -0.66
N ARG A 685 14.15 51.60 -0.81
CA ARG A 685 15.16 51.22 0.15
C ARG A 685 14.57 50.71 1.48
N SER A 686 13.29 50.35 1.47
CA SER A 686 12.68 49.76 2.65
C SER A 686 13.02 48.27 2.84
N VAL A 687 13.39 47.91 4.08
CA VAL A 687 13.62 46.51 4.46
C VAL A 687 12.32 45.98 5.07
N VAL A 688 11.77 44.96 4.41
CA VAL A 688 10.41 44.50 4.69
C VAL A 688 10.43 43.03 5.13
N VAL A 689 9.63 42.73 6.15
CA VAL A 689 9.47 41.37 6.61
C VAL A 689 8.09 40.87 6.17
N ILE A 690 8.07 39.68 5.56
CA ILE A 690 6.86 39.06 5.03
C ILE A 690 6.71 37.75 5.74
N ASN A 691 5.50 37.50 6.23
CA ASN A 691 5.12 36.27 6.92
C ASN A 691 4.11 35.52 6.06
N GLN A 692 4.54 34.44 5.41
CA GLN A 692 3.65 33.64 4.55
C GLN A 692 2.91 32.54 5.30
N THR A 693 3.31 32.28 6.55
CA THR A 693 2.73 31.21 7.39
C THR A 693 1.30 31.55 7.86
N SER A 694 0.63 30.58 8.43
CA SER A 694 -0.76 30.78 8.82
C SER A 694 -0.95 31.36 10.23
N ASN A 695 0.14 31.64 10.94
CA ASN A 695 0.05 32.30 12.25
C ASN A 695 0.89 33.59 12.36
N ALA A 696 0.37 34.57 13.10
CA ALA A 696 1.11 35.77 13.49
C ALA A 696 2.43 35.41 14.17
N VAL A 697 3.49 36.17 13.87
CA VAL A 697 4.79 35.95 14.50
C VAL A 697 5.26 37.20 15.27
N SER A 698 5.96 36.99 16.39
CA SER A 698 6.39 38.08 17.30
C SER A 698 7.85 37.98 17.75
N GLY A 699 8.42 39.10 18.19
CA GLY A 699 9.79 39.11 18.73
C GLY A 699 10.83 38.76 17.68
N LEU A 700 10.63 39.31 16.48
CA LEU A 700 11.58 39.15 15.38
C LEU A 700 12.66 40.24 15.43
N THR A 701 13.90 39.87 15.12
CA THR A 701 14.88 40.91 14.83
C THR A 701 15.32 40.93 13.37
N ALA A 702 15.26 42.13 12.78
CA ALA A 702 15.68 42.37 11.41
C ALA A 702 16.97 43.17 11.41
N THR A 703 18.02 42.61 10.83
CA THR A 703 19.35 43.24 10.84
C THR A 703 19.80 43.49 9.42
N THR A 704 20.02 44.77 9.11
CA THR A 704 20.52 45.15 7.80
C THR A 704 21.91 45.81 7.87
N LYS A 705 22.81 45.34 7.00
CA LYS A 705 24.18 45.80 6.93
C LYS A 705 24.62 45.93 5.48
N LEU A 706 25.26 47.06 5.15
CA LEU A 706 25.81 47.26 3.83
C LEU A 706 27.33 47.03 3.87
N TYR A 707 27.86 46.46 2.79
CA TYR A 707 29.29 46.22 2.65
C TYR A 707 29.77 46.71 1.31
N ASN A 708 30.92 47.37 1.29
CA ASN A 708 31.65 47.58 0.05
C ASN A 708 32.28 46.25 -0.43
N LEU A 709 32.65 46.18 -1.70
CA LEU A 709 33.24 44.97 -2.26
C LEU A 709 34.61 44.61 -1.68
N ASP A 710 35.17 45.52 -0.87
CA ASP A 710 36.42 45.22 -0.16
C ASP A 710 36.10 44.65 1.23
N GLY A 711 34.80 44.54 1.53
CA GLY A 711 34.34 43.92 2.77
C GLY A 711 34.19 44.88 3.92
N THR A 712 34.31 46.19 3.65
CA THR A 712 34.12 47.21 4.68
C THR A 712 32.63 47.46 4.99
N GLU A 713 32.23 47.25 6.25
CA GLU A 713 30.88 47.59 6.65
C GLU A 713 30.70 49.09 6.58
N LYS A 714 29.58 49.53 6.00
CA LYS A 714 29.32 50.95 5.75
C LYS A 714 28.01 51.39 6.36
N TYR A 715 27.15 50.44 6.69
CA TYR A 715 25.92 50.75 7.38
C TYR A 715 25.49 49.54 8.23
N SER A 716 25.02 49.80 9.44
CA SER A 716 24.39 48.74 10.22
C SER A 716 23.11 49.24 10.88
N ASN A 717 22.08 48.40 10.85
CA ASN A 717 20.82 48.65 11.58
C ASN A 717 20.25 47.38 12.18
N THR A 718 19.85 47.46 13.44
CA THR A 718 19.25 46.33 14.10
C THR A 718 17.87 46.72 14.64
N LYS A 719 16.84 46.12 14.07
CA LYS A 719 15.46 46.37 14.47
C LYS A 719 14.90 45.15 15.21
N THR A 720 14.91 45.22 16.53
CA THR A 720 14.40 44.13 17.37
C THR A 720 12.93 44.29 17.65
N GLY A 721 12.32 43.19 18.11
CA GLY A 721 10.93 43.14 18.52
C GLY A 721 9.84 43.42 17.48
N LEU A 722 10.01 42.95 16.24
CA LEU A 722 8.93 43.08 15.23
C LEU A 722 7.92 41.95 15.28
N SER A 723 6.69 42.31 14.94
CA SER A 723 5.57 41.41 14.82
C SER A 723 5.10 41.51 13.39
N VAL A 724 4.62 40.40 12.83
CA VAL A 724 4.01 40.45 11.52
C VAL A 724 2.89 39.42 11.42
N GLY A 725 1.72 39.87 10.98
CA GLY A 725 0.54 39.03 10.90
C GLY A 725 0.68 37.92 9.86
N ALA A 726 -0.31 37.05 9.83
CA ALA A 726 -0.27 35.82 9.02
C ALA A 726 -0.57 35.99 7.52
N LEU A 727 -0.12 35.01 6.74
CA LEU A 727 -0.56 34.79 5.37
C LEU A 727 -0.33 36.01 4.45
N GLY A 728 0.92 36.46 4.38
CA GLY A 728 1.25 37.52 3.46
C GLY A 728 1.32 38.95 4.00
N ALA A 729 0.96 39.15 5.27
CA ALA A 729 1.10 40.48 5.88
C ALA A 729 2.58 40.80 6.06
N LYS A 730 2.89 42.08 6.23
CA LYS A 730 4.26 42.57 6.22
C LYS A 730 4.56 43.51 7.39
N ALA A 731 5.85 43.75 7.63
CA ALA A 731 6.27 44.76 8.59
C ALA A 731 7.51 45.44 8.02
N THR A 732 7.66 46.73 8.32
CA THR A 732 8.83 47.50 7.90
C THR A 732 9.83 47.58 9.03
N ALA A 733 11.06 47.15 8.75
CA ALA A 733 12.15 47.19 9.71
C ALA A 733 12.79 48.58 9.70
N VAL A 734 13.19 49.03 8.51
CA VAL A 734 13.92 50.29 8.37
C VAL A 734 13.90 50.70 6.91
N THR A 735 14.02 52.01 6.67
CA THR A 735 14.38 52.51 5.33
C THR A 735 15.86 52.86 5.34
N VAL A 736 16.64 52.15 4.53
CA VAL A 736 18.08 52.38 4.49
C VAL A 736 18.37 53.79 3.97
N PRO A 737 19.11 54.63 4.74
CA PRO A 737 19.37 55.99 4.29
C PRO A 737 20.38 55.99 3.14
N ALA A 738 20.60 57.15 2.52
CA ALA A 738 21.63 57.29 1.51
C ALA A 738 22.96 57.23 2.23
N VAL A 739 23.72 56.20 1.99
CA VAL A 739 24.97 56.05 2.70
C VAL A 739 26.08 56.59 1.81
N SER A 740 26.92 57.43 2.40
CA SER A 740 28.08 57.96 1.68
C SER A 740 29.22 56.96 1.74
N GLY A 741 30.00 56.92 0.68
CA GLY A 741 31.22 56.12 0.61
C GLY A 741 31.12 54.70 0.04
N LEU A 742 29.99 54.38 -0.58
CA LEU A 742 29.77 53.05 -1.12
C LEU A 742 30.53 52.85 -2.41
N SER A 743 31.09 51.66 -2.59
CA SER A 743 31.65 51.30 -3.91
C SER A 743 30.50 51.30 -4.91
N THR A 744 30.76 51.70 -6.17
CA THR A 744 29.69 51.74 -7.18
C THR A 744 28.82 50.47 -7.16
N THR A 745 29.45 49.30 -7.18
CA THR A 745 28.75 48.07 -6.80
C THR A 745 29.00 47.77 -5.32
N TYR A 746 27.93 47.54 -4.56
CA TYR A 746 28.05 47.17 -3.15
C TYR A 746 27.09 46.04 -2.73
N LEU A 747 27.14 45.63 -1.47
CA LEU A 747 26.34 44.52 -0.98
C LEU A 747 25.41 44.93 0.14
N ALA A 748 24.20 44.36 0.16
CA ALA A 748 23.28 44.51 1.28
C ALA A 748 22.99 43.13 1.87
N LYS A 749 23.23 42.98 3.17
CA LYS A 749 22.96 41.73 3.86
C LYS A 749 21.76 41.91 4.81
N ASN A 750 20.67 41.24 4.49
CA ASN A 750 19.47 41.25 5.34
C ASN A 750 19.32 39.91 6.06
N VAL A 751 19.20 39.95 7.39
CA VAL A 751 19.09 38.71 8.17
C VAL A 751 17.90 38.82 9.12
N LEU A 752 17.17 37.73 9.23
CA LEU A 752 16.01 37.71 10.09
C LEU A 752 16.22 36.63 11.14
N THR A 753 16.08 37.01 12.40
CA THR A 753 16.24 36.04 13.48
C THR A 753 15.01 36.03 14.37
N ASP A 754 14.50 34.85 14.68
CA ASP A 754 13.34 34.75 15.59
C ASP A 754 13.71 34.94 17.08
N SER A 755 12.69 35.03 17.92
CA SER A 755 12.88 35.24 19.34
C SER A 755 13.73 34.17 20.06
N SER A 756 13.98 33.04 19.40
CA SER A 756 14.86 32.04 19.98
C SER A 756 16.31 32.31 19.60
N GLY A 757 16.52 33.26 18.69
CA GLY A 757 17.84 33.60 18.17
C GLY A 757 18.21 32.86 16.89
N LYS A 758 17.33 31.98 16.44
CA LYS A 758 17.53 31.28 15.17
C LYS A 758 17.47 32.24 13.96
N GLU A 759 18.44 32.10 13.06
CA GLU A 759 18.40 32.78 11.78
C GLU A 759 17.35 32.08 10.92
N VAL A 760 16.32 32.82 10.49
CA VAL A 760 15.19 32.23 9.74
C VAL A 760 15.16 32.71 8.27
N SER A 761 15.76 33.84 7.99
CA SER A 761 15.91 34.25 6.62
C SER A 761 17.21 35.00 6.46
N ARG A 762 17.93 34.67 5.39
CA ARG A 762 19.08 35.47 4.96
C ARG A 762 18.89 35.91 3.51
N ASN A 763 19.10 37.20 3.24
CA ASN A 763 18.94 37.74 1.89
C ASN A 763 20.03 38.73 1.52
N VAL A 764 20.85 38.35 0.54
CA VAL A 764 21.97 39.18 0.11
C VAL A 764 21.69 39.76 -1.27
N TYR A 765 21.89 41.06 -1.36
CA TYR A 765 21.67 41.85 -2.53
C TYR A 765 22.98 42.46 -3.04
N TRP A 766 23.17 42.41 -4.35
CA TRP A 766 24.22 43.20 -4.97
C TRP A 766 23.54 44.43 -5.56
N LEU A 767 23.93 45.58 -5.01
CA LEU A 767 23.32 46.86 -5.37
C LEU A 767 24.30 47.77 -6.11
N SER A 768 23.79 48.88 -6.63
CA SER A 768 24.64 49.86 -7.30
C SER A 768 24.30 51.25 -6.84
N THR A 769 25.30 52.14 -6.85
CA THR A 769 25.02 53.55 -6.61
C THR A 769 24.34 54.17 -7.85
N LYS A 770 24.55 53.54 -9.01
CA LYS A 770 23.98 53.97 -10.29
C LYS A 770 22.62 53.28 -10.54
N ALA A 771 21.57 54.10 -10.63
CA ALA A 771 20.20 53.61 -10.65
C ALA A 771 19.76 52.99 -11.99
N ASP A 772 18.91 51.96 -11.90
CA ASP A 772 18.08 51.52 -13.04
C ASP A 772 16.91 52.49 -13.19
N THR A 773 16.73 53.02 -14.39
CA THR A 773 15.56 53.85 -14.70
C THR A 773 14.93 53.37 -15.99
N LEU A 774 13.67 53.71 -16.19
CA LEU A 774 12.90 53.22 -17.34
C LEU A 774 12.45 54.32 -18.29
N ASN A 775 12.55 54.03 -19.58
CA ASN A 775 12.01 54.89 -20.62
C ASN A 775 10.58 54.40 -20.85
N TRP A 776 9.66 54.80 -19.95
CA TRP A 776 8.26 54.36 -20.06
C TRP A 776 7.67 54.71 -21.42
N GLY A 777 7.81 55.98 -21.81
CA GLY A 777 7.28 56.50 -23.07
C GLY A 777 7.62 55.61 -24.25
N GLY A 778 8.78 54.94 -24.17
CA GLY A 778 9.23 54.02 -25.23
C GLY A 778 8.83 52.55 -25.13
N SER A 779 7.92 52.22 -24.21
CA SER A 779 7.43 50.84 -24.07
C SER A 779 6.76 50.32 -25.33
N ASP A 780 6.86 49.02 -25.58
CA ASP A 780 5.84 48.31 -26.37
C ASP A 780 5.17 47.25 -25.50
N TRP A 781 4.43 46.33 -26.10
CA TRP A 781 3.58 45.41 -25.33
C TRP A 781 4.33 44.42 -24.44
N TYR A 782 5.55 44.09 -24.83
CA TYR A 782 6.21 42.96 -24.21
C TYR A 782 7.38 43.34 -23.29
N TYR A 783 7.78 44.62 -23.30
CA TYR A 783 8.82 45.11 -22.39
C TYR A 783 8.84 46.65 -22.37
N THR A 784 9.47 47.22 -21.34
CA THR A 784 9.71 48.67 -21.23
C THR A 784 11.23 48.87 -21.25
N PRO A 785 11.74 49.75 -22.11
CA PRO A 785 13.18 49.93 -22.22
C PRO A 785 13.74 50.81 -21.13
N GLN A 786 15.07 50.78 -21.00
CA GLN A 786 15.76 51.50 -19.94
C GLN A 786 16.34 52.79 -20.49
N SER A 787 16.24 53.86 -19.68
CA SER A 787 16.86 55.10 -20.07
C SER A 787 18.27 55.16 -19.46
N ALA A 788 18.43 54.51 -18.31
CA ALA A 788 19.74 54.34 -17.66
C ALA A 788 19.82 52.98 -16.96
N PHE A 789 21.06 52.49 -16.85
CA PHE A 789 21.38 51.15 -16.35
C PHE A 789 22.19 51.19 -15.06
N ALA A 790 21.79 50.35 -14.10
CA ALA A 790 22.62 50.07 -12.94
C ALA A 790 24.01 49.55 -13.34
N ASP A 791 24.97 49.73 -12.43
CA ASP A 791 26.33 49.30 -12.64
C ASP A 791 26.69 48.31 -11.53
N LEU A 792 26.46 47.03 -11.82
CA LEU A 792 26.81 45.92 -10.93
C LEU A 792 28.12 45.25 -11.37
N SER A 793 28.84 45.86 -12.32
CA SER A 793 30.04 45.26 -12.90
C SER A 793 31.19 45.15 -11.89
N GLY A 794 31.08 45.89 -10.79
CA GLY A 794 32.02 45.73 -9.68
C GLY A 794 32.31 44.28 -9.30
N LEU A 795 31.27 43.44 -9.34
CA LEU A 795 31.36 42.00 -9.03
C LEU A 795 32.45 41.24 -9.78
N ASN A 796 32.81 41.73 -10.97
CA ASN A 796 33.90 41.14 -11.77
C ASN A 796 35.24 41.11 -11.01
N ASN A 797 35.43 42.07 -10.11
CA ASN A 797 36.68 42.23 -9.40
C ASN A 797 36.64 41.92 -7.90
N LEU A 798 35.46 41.54 -7.38
CA LEU A 798 35.33 41.01 -6.02
C LEU A 798 36.46 40.04 -5.74
N GLY A 799 37.19 40.26 -4.64
CA GLY A 799 38.33 39.41 -4.29
C GLY A 799 37.91 37.97 -4.04
N GLN A 800 38.82 37.03 -4.22
CA GLN A 800 38.55 35.62 -3.92
C GLN A 800 38.40 35.43 -2.44
N SER A 801 37.43 34.60 -2.05
CA SER A 801 37.31 34.18 -0.67
C SER A 801 37.44 32.66 -0.63
N ALA A 802 36.88 31.99 0.37
CA ALA A 802 37.00 30.53 0.45
C ALA A 802 35.87 29.80 1.21
N VAL A 803 35.78 28.50 0.96
CA VAL A 803 34.89 27.59 1.70
C VAL A 803 35.41 26.14 1.44
N GLY A 804 35.35 25.22 2.40
CA GLY A 804 34.70 25.35 3.68
C GLY A 804 33.58 24.33 3.82
N ALA A 805 33.79 23.11 3.30
CA ALA A 805 32.66 22.19 3.09
C ALA A 805 32.81 20.73 3.54
N THR A 806 31.73 20.19 4.11
CA THR A 806 31.67 18.81 4.58
C THR A 806 30.26 18.20 4.37
N ALA A 807 30.21 16.99 3.81
CA ALA A 807 28.93 16.41 3.41
C ALA A 807 28.72 14.95 3.85
N ASN A 808 27.51 14.65 4.35
CA ASN A 808 27.15 13.28 4.73
C ASN A 808 25.75 12.90 4.24
N SER A 809 25.55 11.62 3.94
CA SER A 809 24.30 11.16 3.35
C SER A 809 23.64 9.99 4.08
N VAL A 810 22.36 10.17 4.43
CA VAL A 810 21.56 9.14 5.10
C VAL A 810 20.51 8.56 4.14
N ALA A 811 20.58 7.25 3.93
CA ALA A 811 19.65 6.54 3.05
C ALA A 811 18.42 6.03 3.81
N GLY A 812 17.30 6.76 3.71
CA GLY A 812 16.08 6.45 4.48
C GLY A 812 15.30 5.19 4.13
N ALA A 813 14.30 4.89 4.96
CA ALA A 813 13.39 3.75 4.74
C ALA A 813 12.22 4.10 3.82
N ASP A 814 12.13 5.37 3.44
CA ASP A 814 11.13 5.79 2.45
C ASP A 814 11.64 5.87 1.00
N GLY A 815 12.81 5.29 0.72
CA GLY A 815 13.39 5.34 -0.62
C GLY A 815 14.10 6.65 -0.95
N THR A 816 14.16 7.58 0.00
CA THR A 816 14.88 8.83 -0.20
C THR A 816 16.20 8.89 0.56
N THR A 817 17.13 9.66 0.01
CA THR A 817 18.38 9.96 0.67
C THR A 817 18.43 11.43 1.07
N THR A 818 18.94 11.68 2.25
CA THR A 818 19.22 13.05 2.63
C THR A 818 20.75 13.25 2.70
N THR A 819 21.24 14.17 1.87
CA THR A 819 22.61 14.64 1.97
C THR A 819 22.65 15.96 2.72
N THR A 820 23.42 16.01 3.80
CA THR A 820 23.61 17.22 4.60
C THR A 820 24.97 17.82 4.27
N VAL A 821 25.03 19.13 4.09
CA VAL A 821 26.28 19.79 3.75
C VAL A 821 26.51 21.02 4.61
N THR A 822 27.61 21.01 5.34
CA THR A 822 27.93 22.14 6.18
C THR A 822 28.96 23.00 5.48
N LEU A 823 28.62 24.27 5.26
CA LEU A 823 29.53 25.20 4.58
C LEU A 823 30.03 26.28 5.56
N LYS A 824 31.32 26.63 5.44
CA LYS A 824 31.91 27.68 6.27
C LYS A 824 32.82 28.61 5.46
N ASN A 825 32.61 29.92 5.59
CA ASN A 825 33.53 30.84 4.98
C ASN A 825 34.84 30.71 5.76
N THR A 826 35.86 30.12 5.12
CA THR A 826 37.07 29.78 5.83
C THR A 826 38.17 30.82 5.64
N SER A 827 37.86 31.88 4.91
CA SER A 827 38.86 32.86 4.50
C SER A 827 39.34 33.68 5.69
N GLY A 828 40.61 34.08 5.64
CA GLY A 828 41.22 34.84 6.72
C GLY A 828 41.15 36.35 6.52
N GLY A 829 40.35 36.79 5.55
CA GLY A 829 40.19 38.22 5.25
C GLY A 829 38.83 38.72 5.68
N ARG A 830 38.36 39.79 5.03
CA ARG A 830 37.06 40.36 5.32
C ARG A 830 36.08 40.18 4.17
N LEU A 831 36.42 39.31 3.21
CA LEU A 831 35.59 39.11 2.02
C LEU A 831 34.58 37.96 2.16
N PRO A 832 33.32 38.22 1.81
CA PRO A 832 32.29 37.22 1.91
C PRO A 832 32.43 36.15 0.83
N ALA A 833 32.02 34.92 1.14
CA ALA A 833 31.83 33.87 0.13
C ALA A 833 30.45 34.12 -0.47
N PHE A 834 30.43 34.69 -1.66
CA PHE A 834 29.22 35.21 -2.27
C PHE A 834 28.65 34.26 -3.32
N TYR A 835 27.35 33.99 -3.19
CA TYR A 835 26.61 33.14 -4.13
C TYR A 835 27.24 31.76 -4.29
N VAL A 836 27.24 31.00 -3.20
CA VAL A 836 27.78 29.65 -3.18
C VAL A 836 26.72 28.59 -3.55
N ASP A 837 26.93 27.93 -4.69
CA ASP A 837 25.96 26.98 -5.27
C ASP A 837 26.39 25.52 -5.06
N SER A 838 25.58 24.77 -4.32
CA SER A 838 25.87 23.35 -4.03
C SER A 838 24.98 22.43 -4.86
N LYS A 839 25.60 21.40 -5.44
CA LYS A 839 24.88 20.42 -6.24
C LYS A 839 25.21 19.01 -5.80
N VAL A 840 24.17 18.19 -5.64
CA VAL A 840 24.34 16.76 -5.42
C VAL A 840 24.64 16.14 -6.77
N VAL A 841 25.78 15.48 -6.84
CA VAL A 841 26.25 14.93 -8.09
C VAL A 841 26.67 13.49 -7.90
N ASP A 842 26.77 12.74 -8.99
CA ASP A 842 27.31 11.40 -8.90
C ASP A 842 28.85 11.40 -9.09
N SER A 843 29.42 10.21 -9.25
CA SER A 843 30.87 10.02 -9.31
C SER A 843 31.48 10.69 -10.52
N ALA A 844 30.67 10.83 -11.58
CA ALA A 844 31.08 11.46 -12.84
C ALA A 844 30.89 12.99 -12.81
N GLY A 845 30.37 13.50 -11.69
CA GLY A 845 30.11 14.93 -11.51
C GLY A 845 28.84 15.41 -12.20
N LYS A 846 27.95 14.47 -12.51
CA LYS A 846 26.66 14.73 -13.14
C LYS A 846 25.57 14.96 -12.07
N PRO A 847 24.82 16.06 -12.17
CA PRO A 847 23.83 16.36 -11.12
C PRO A 847 22.79 15.27 -10.94
N VAL A 848 22.43 15.01 -9.69
CA VAL A 848 21.33 14.11 -9.36
C VAL A 848 19.99 14.88 -9.34
N LEU A 849 19.06 14.49 -10.23
CA LEU A 849 17.79 15.20 -10.41
C LEU A 849 16.59 14.24 -10.48
N PRO A 850 15.43 14.63 -9.89
CA PRO A 850 15.20 15.92 -9.22
C PRO A 850 15.79 15.97 -7.82
N VAL A 851 15.83 17.17 -7.26
CA VAL A 851 16.46 17.40 -5.98
C VAL A 851 15.73 18.54 -5.26
N GLU A 852 15.75 18.51 -3.94
CA GLU A 852 15.09 19.53 -3.15
C GLU A 852 15.94 19.98 -1.96
N TRP A 853 16.44 21.20 -2.04
CA TRP A 853 17.25 21.79 -1.00
C TRP A 853 16.37 22.61 -0.07
N ASN A 854 16.72 22.68 1.22
CA ASN A 854 16.05 23.62 2.13
C ASN A 854 16.44 25.06 1.80
N ASP A 855 17.66 25.22 1.27
CA ASP A 855 18.23 26.51 0.89
C ASP A 855 19.44 26.26 -0.02
N ASN A 856 19.83 27.25 -0.83
CA ASN A 856 21.02 27.15 -1.68
C ASN A 856 21.43 28.55 -2.18
N ALA A 857 22.50 28.63 -2.99
CA ALA A 857 23.02 29.91 -3.51
C ALA A 857 23.16 30.91 -2.37
N VAL A 858 23.95 30.49 -1.40
CA VAL A 858 24.08 31.17 -0.14
C VAL A 858 25.33 32.08 -0.13
N SER A 859 25.33 33.03 0.77
CA SER A 859 26.44 33.94 0.91
C SER A 859 26.81 33.96 2.37
N LEU A 860 28.07 33.66 2.66
CA LEU A 860 28.55 33.61 4.04
C LEU A 860 29.70 34.56 4.27
N TRP A 861 29.65 35.28 5.39
CA TRP A 861 30.74 36.17 5.79
C TRP A 861 31.80 35.39 6.59
N PRO A 862 33.08 35.84 6.61
CA PRO A 862 34.16 35.04 7.23
C PRO A 862 33.83 34.51 8.61
N GLY A 863 34.17 33.25 8.87
CA GLY A 863 33.78 32.58 10.11
C GLY A 863 32.40 31.92 10.10
N GLU A 864 31.46 32.50 9.34
CA GLU A 864 30.07 32.00 9.26
C GLU A 864 29.90 30.61 8.67
N THR A 865 28.93 29.90 9.21
CA THR A 865 28.61 28.50 8.87
C THR A 865 27.09 28.38 8.58
N THR A 866 26.75 27.63 7.54
CA THR A 866 25.38 27.23 7.33
C THR A 866 25.37 25.74 7.02
N THR A 867 24.25 25.09 7.33
CA THR A 867 24.08 23.67 7.07
C THR A 867 22.91 23.49 6.11
N LEU A 868 23.15 22.80 5.00
CA LEU A 868 22.11 22.64 4.00
C LEU A 868 21.75 21.20 3.81
N THR A 869 20.49 20.97 3.44
CA THR A 869 19.93 19.63 3.27
C THR A 869 19.38 19.46 1.88
N ALA A 870 19.78 18.38 1.22
CA ALA A 870 19.23 18.05 -0.08
C ALA A 870 18.57 16.69 0.01
N LYS A 871 17.29 16.64 -0.33
CA LYS A 871 16.58 15.37 -0.40
C LYS A 871 16.30 14.93 -1.85
N TYR A 872 16.45 13.62 -2.11
CA TYR A 872 16.26 13.03 -3.43
C TYR A 872 16.07 11.51 -3.36
N ARG A 873 15.48 10.92 -4.41
CA ARG A 873 15.28 9.48 -4.48
C ARG A 873 16.60 8.74 -4.56
N THR A 874 16.79 7.80 -3.65
CA THR A 874 18.01 7.01 -3.58
C THR A 874 18.33 6.31 -4.91
N ALA A 875 17.32 5.87 -5.63
CA ALA A 875 17.51 5.17 -6.91
C ALA A 875 18.04 6.06 -8.03
N ASP A 876 17.86 7.38 -7.88
CA ASP A 876 18.30 8.36 -8.87
C ASP A 876 19.81 8.63 -8.83
N LEU A 877 20.50 7.96 -7.89
CA LEU A 877 21.94 7.88 -7.85
C LEU A 877 22.42 6.86 -8.86
N LYS A 878 21.56 5.89 -9.17
CA LYS A 878 21.87 4.74 -10.03
C LYS A 878 23.10 3.96 -9.58
N GLY A 879 23.24 3.79 -8.27
CA GLY A 879 24.35 3.01 -7.72
C GLY A 879 25.57 3.80 -7.26
N SER A 880 25.68 5.04 -7.73
CA SER A 880 26.81 5.89 -7.35
C SER A 880 26.74 6.28 -5.88
N LYS A 881 27.90 6.59 -5.32
CA LYS A 881 27.96 7.29 -4.06
C LYS A 881 27.62 8.76 -4.35
N PRO A 882 27.00 9.44 -3.38
CA PRO A 882 26.77 10.87 -3.57
C PRO A 882 28.01 11.74 -3.30
N SER A 883 28.19 12.75 -4.14
CA SER A 883 29.10 13.86 -3.83
C SER A 883 28.35 15.19 -3.87
N VAL A 884 29.02 16.25 -3.42
CA VAL A 884 28.51 17.60 -3.56
C VAL A 884 29.50 18.50 -4.31
N ARG A 885 29.04 19.11 -5.40
CA ARG A 885 29.83 20.10 -6.12
C ARG A 885 29.50 21.50 -5.60
N ILE A 886 30.53 22.30 -5.34
CA ILE A 886 30.39 23.59 -4.67
C ILE A 886 31.11 24.72 -5.43
N SER A 887 30.31 25.60 -6.04
CA SER A 887 30.85 26.69 -6.83
C SER A 887 30.37 28.00 -6.29
N GLY A 888 31.32 28.87 -5.98
CA GLY A 888 30.99 30.24 -5.58
C GLY A 888 31.41 31.22 -6.67
N TRP A 889 30.74 32.37 -6.69
CA TRP A 889 31.16 33.45 -7.58
C TRP A 889 32.66 33.69 -7.41
N ASN A 890 33.06 33.94 -6.18
CA ASN A 890 34.44 34.28 -5.84
C ASN A 890 35.11 33.21 -4.99
N THR A 891 34.72 31.95 -5.18
CA THR A 891 35.34 30.87 -4.40
C THR A 891 35.79 29.68 -5.22
N GLY A 892 35.75 29.81 -6.54
CA GLY A 892 36.12 28.69 -7.40
C GLY A 892 35.19 27.51 -7.22
N THR A 893 35.67 26.32 -7.54
CA THR A 893 34.86 25.11 -7.53
C THR A 893 35.59 23.94 -6.90
N GLN A 894 34.88 23.22 -6.05
CA GLN A 894 35.42 22.00 -5.48
C GLN A 894 34.30 20.97 -5.46
N THR A 895 34.66 19.69 -5.52
CA THR A 895 33.66 18.68 -5.22
C THR A 895 34.10 17.91 -3.98
N VAL A 896 33.18 17.70 -3.05
CA VAL A 896 33.51 16.92 -1.87
C VAL A 896 32.69 15.63 -1.90
N PRO A 897 33.19 14.56 -1.25
CA PRO A 897 32.37 13.35 -1.14
C PRO A 897 31.21 13.53 -0.14
N ALA A 898 30.18 12.71 -0.29
CA ALA A 898 29.02 12.74 0.62
C ALA A 898 28.69 11.37 1.25
N ASP A 899 29.60 10.40 1.15
N GLY B 49 19.04 0.41 27.11
CA GLY B 49 18.87 -1.00 26.62
C GLY B 49 17.52 -1.61 26.89
N ASN B 50 16.48 -0.79 26.78
CA ASN B 50 15.11 -1.20 27.11
C ASN B 50 14.18 -1.24 25.90
N ALA B 51 13.12 -2.03 26.03
CA ALA B 51 12.07 -2.12 25.04
C ALA B 51 10.78 -2.35 25.80
N THR B 52 9.89 -1.37 25.74
CA THR B 52 8.62 -1.51 26.46
C THR B 52 7.49 -1.47 25.46
N PRO B 53 6.59 -2.46 25.51
CA PRO B 53 5.38 -2.40 24.68
C PRO B 53 4.34 -1.39 25.22
N ILE B 54 3.67 -0.67 24.32
CA ILE B 54 2.61 0.25 24.69
C ILE B 54 1.46 -0.63 25.09
N PRO B 55 1.04 -0.56 26.36
CA PRO B 55 0.04 -1.52 26.86
C PRO B 55 -1.36 -1.32 26.30
N GLY B 56 -1.71 -0.10 25.90
CA GLY B 56 -3.07 0.18 25.41
C GLY B 56 -3.27 1.46 24.61
N TYR B 57 -4.47 1.61 24.06
CA TYR B 57 -4.82 2.79 23.27
C TYR B 57 -6.26 3.15 23.55
N VAL B 58 -6.63 4.40 23.25
CA VAL B 58 -8.04 4.73 23.05
C VAL B 58 -8.23 4.86 21.54
N ILE B 59 -9.37 4.45 21.02
CA ILE B 59 -9.56 4.51 19.58
C ILE B 59 -10.83 5.19 19.21
N GLN B 60 -10.85 5.77 18.01
CA GLN B 60 -12.03 6.42 17.48
C GLN B 60 -11.86 6.62 15.98
N SER B 61 -12.97 6.51 15.25
CA SER B 61 -13.02 6.84 13.83
C SER B 61 -12.43 8.24 13.59
N SER B 62 -11.79 8.40 12.44
CA SER B 62 -11.22 9.66 12.02
C SER B 62 -12.33 10.58 11.53
N ALA B 63 -13.57 10.13 11.71
CA ALA B 63 -14.79 10.92 11.49
C ALA B 63 -15.01 11.88 12.65
N GLN B 64 -14.49 11.50 13.82
CA GLN B 64 -14.55 12.38 14.99
C GLN B 64 -13.28 13.24 15.16
N VAL B 65 -12.47 13.32 14.10
CA VAL B 65 -11.26 14.16 14.07
C VAL B 65 -11.13 15.05 12.81
N SER B 66 -11.12 16.38 12.98
CA SER B 66 -11.01 17.33 11.85
C SER B 66 -9.59 17.77 11.52
N ASP B 67 -8.67 17.63 12.46
CA ASP B 67 -7.27 18.03 12.24
C ASP B 67 -6.38 16.89 12.70
N ASP B 68 -5.81 16.18 11.74
CA ASP B 68 -4.94 15.06 12.07
C ASP B 68 -3.81 15.48 13.04
N SER B 69 -3.28 16.69 12.86
CA SER B 69 -2.07 17.10 13.59
C SER B 69 -2.30 17.19 15.08
N ALA B 70 -3.55 17.38 15.47
CA ALA B 70 -3.90 17.61 16.87
C ALA B 70 -3.93 16.34 17.71
N VAL B 71 -4.11 15.19 17.07
CA VAL B 71 -4.37 13.97 17.85
C VAL B 71 -3.20 13.57 18.76
N SER B 72 -1.98 13.79 18.29
CA SER B 72 -0.79 13.42 19.03
C SER B 72 -0.21 14.57 19.85
N LYS B 73 -0.97 15.64 20.05
CA LYS B 73 -0.48 16.70 20.92
C LYS B 73 -0.94 16.37 22.32
N PRO B 74 -0.01 16.35 23.30
CA PRO B 74 -0.38 16.12 24.70
C PRO B 74 -1.54 17.00 25.12
N GLY B 75 -2.54 16.40 25.75
CA GLY B 75 -3.74 17.12 26.20
C GLY B 75 -4.94 17.05 25.26
N PHE B 76 -4.76 16.45 24.08
CA PHE B 76 -5.84 16.27 23.13
C PHE B 76 -6.97 15.50 23.81
N PRO B 77 -8.20 16.06 23.79
CA PRO B 77 -9.32 15.42 24.49
C PRO B 77 -9.83 14.18 23.77
N THR B 78 -10.13 13.15 24.55
CA THR B 78 -10.50 11.87 23.99
C THR B 78 -11.82 11.35 24.55
N SER B 79 -12.65 12.23 25.07
CA SER B 79 -13.97 11.83 25.58
C SER B 79 -14.81 11.08 24.52
N GLY B 80 -15.20 9.85 24.83
CA GLY B 80 -15.93 9.03 23.86
C GLY B 80 -15.10 7.98 23.15
N TRP B 81 -13.78 8.12 23.22
CA TRP B 81 -12.85 7.15 22.58
C TRP B 81 -12.83 5.80 23.32
N TYR B 82 -12.62 4.72 22.57
CA TYR B 82 -12.73 3.37 23.14
C TYR B 82 -11.41 2.84 23.64
N PRO B 83 -11.31 2.59 24.96
CA PRO B 83 -10.07 2.02 25.47
C PRO B 83 -9.93 0.59 24.97
N VAL B 84 -8.79 0.31 24.36
CA VAL B 84 -8.44 -1.03 23.93
C VAL B 84 -7.06 -1.48 24.42
N SER B 85 -6.90 -2.80 24.52
CA SER B 85 -5.59 -3.42 24.75
C SER B 85 -4.72 -3.33 23.51
N SER B 86 -3.43 -3.58 23.71
CA SER B 86 -2.54 -3.88 22.62
C SER B 86 -3.10 -5.03 21.75
N ARG B 87 -2.80 -5.01 20.45
CA ARG B 87 -3.09 -6.13 19.53
C ARG B 87 -4.56 -6.24 19.14
N SER B 88 -5.23 -5.07 19.14
CA SER B 88 -6.63 -4.99 18.79
C SER B 88 -6.89 -4.53 17.37
N THR B 89 -7.73 -5.28 16.67
CA THR B 89 -8.39 -4.74 15.49
C THR B 89 -9.46 -3.80 16.04
N VAL B 90 -9.95 -2.90 15.19
CA VAL B 90 -10.99 -1.93 15.59
C VAL B 90 -12.23 -2.60 16.13
N TYR B 91 -12.74 -3.60 15.42
CA TYR B 91 -13.94 -4.31 15.81
C TYR B 91 -13.75 -5.10 17.09
N ALA B 92 -12.58 -5.69 17.29
CA ALA B 92 -12.29 -6.40 18.54
C ALA B 92 -12.32 -5.43 19.74
N GLY B 93 -11.84 -4.20 19.52
CA GLY B 93 -11.83 -3.19 20.57
C GLY B 93 -13.23 -2.73 20.92
N LEU B 94 -14.08 -2.68 19.90
CA LEU B 94 -15.46 -2.35 20.08
C LEU B 94 -16.15 -3.48 20.82
N LEU B 95 -15.82 -4.73 20.49
CA LEU B 95 -16.35 -5.88 21.21
C LEU B 95 -15.86 -5.85 22.67
N GLN B 96 -14.66 -5.33 22.86
CA GLN B 96 -14.07 -5.17 24.19
C GLN B 96 -14.88 -4.18 25.07
N ASN B 97 -15.42 -3.14 24.45
CA ASN B 97 -16.24 -2.16 25.13
C ASN B 97 -17.73 -2.47 25.02
N GLY B 98 -18.05 -3.72 24.75
CA GLY B 98 -19.41 -4.22 24.68
C GLY B 98 -20.32 -3.56 23.65
N LYS B 99 -19.77 -3.07 22.55
CA LYS B 99 -20.57 -2.31 21.58
C LYS B 99 -21.50 -3.13 20.69
N TYR B 100 -21.24 -4.43 20.55
CA TYR B 100 -22.04 -5.23 19.64
C TYR B 100 -22.25 -6.61 20.22
N ALA B 101 -23.30 -7.29 19.73
CA ALA B 101 -23.65 -8.65 20.16
C ALA B 101 -22.58 -9.66 19.73
N ASP B 102 -22.50 -10.77 20.45
CA ASP B 102 -21.51 -11.82 20.21
C ASP B 102 -21.54 -12.33 18.75
N PRO B 103 -20.48 -12.03 17.96
CA PRO B 103 -20.41 -12.43 16.54
C PRO B 103 -20.34 -13.95 16.33
N PHE B 104 -20.00 -14.69 17.38
CA PHE B 104 -20.03 -16.16 17.32
C PHE B 104 -21.45 -16.72 17.33
N TYR B 105 -22.46 -15.94 17.66
CA TYR B 105 -23.83 -16.47 17.67
C TYR B 105 -24.71 -16.02 16.50
N SER B 106 -25.30 -17.02 15.83
CA SER B 106 -26.27 -16.82 14.75
C SER B 106 -25.73 -15.80 13.74
N THR B 107 -26.54 -14.83 13.34
CA THR B 107 -26.12 -13.83 12.38
C THR B 107 -25.73 -12.49 12.99
N ASN B 108 -25.41 -12.47 14.27
CA ASN B 108 -25.09 -11.20 14.93
C ASN B 108 -24.09 -10.34 14.19
N MET B 109 -23.12 -10.98 13.54
CA MET B 109 -22.03 -10.26 12.90
C MET B 109 -22.53 -9.47 11.68
N GLN B 110 -23.63 -9.91 11.07
CA GLN B 110 -24.25 -9.24 9.94
C GLN B 110 -24.82 -7.87 10.35
N ASN B 111 -25.01 -7.67 11.64
CA ASN B 111 -25.73 -6.50 12.09
C ASN B 111 -24.83 -5.30 12.40
N VAL B 112 -23.51 -5.54 12.44
CA VAL B 112 -22.55 -4.46 12.60
C VAL B 112 -22.52 -3.59 11.35
N PRO B 113 -22.79 -2.28 11.50
CA PRO B 113 -22.68 -1.30 10.40
C PRO B 113 -21.27 -1.27 9.83
N ALA B 114 -21.18 -1.46 8.52
CA ALA B 114 -19.90 -1.54 7.79
C ALA B 114 -19.30 -0.18 7.47
N ALA B 115 -20.16 0.77 7.09
CA ALA B 115 -19.75 2.08 6.60
C ALA B 115 -18.70 2.78 7.46
N GLN B 116 -18.83 2.66 8.78
CA GLN B 116 -17.90 3.27 9.74
C GLN B 116 -16.44 2.81 9.58
N PHE B 117 -16.22 1.66 8.95
CA PHE B 117 -14.88 1.08 8.73
C PHE B 117 -14.35 1.35 7.30
N SER B 118 -14.98 2.32 6.62
CA SER B 118 -14.54 2.73 5.28
C SER B 118 -13.59 3.93 5.36
N VAL B 119 -13.48 4.54 6.53
CA VAL B 119 -12.48 5.58 6.76
C VAL B 119 -11.43 5.12 7.78
N PRO B 120 -10.31 5.86 7.91
CA PRO B 120 -9.37 5.41 8.93
C PRO B 120 -9.87 5.55 10.36
N TRP B 121 -9.17 4.88 11.28
CA TRP B 121 -9.46 4.96 12.71
C TRP B 121 -8.16 5.30 13.44
N TRP B 122 -8.25 6.26 14.37
CA TRP B 122 -7.11 6.63 15.21
C TRP B 122 -6.87 5.71 16.37
N TYR B 123 -5.61 5.36 16.59
CA TYR B 123 -5.12 4.66 17.77
C TYR B 123 -4.14 5.59 18.44
N ARG B 124 -4.46 6.00 19.67
CA ARG B 124 -3.74 7.07 20.37
C ARG B 124 -3.34 6.64 21.78
N THR B 125 -2.16 7.10 22.20
CA THR B 125 -1.69 6.84 23.56
C THR B 125 -0.73 7.93 24.08
N ASP B 126 -0.77 8.16 25.38
CA ASP B 126 0.26 8.92 26.08
C ASP B 126 1.51 8.05 26.35
N LEU B 127 2.62 8.72 26.62
CA LEU B 127 3.90 8.06 26.85
C LEU B 127 4.70 8.90 27.80
N ASN B 128 5.04 8.32 28.94
CA ASN B 128 5.84 9.01 29.93
C ASN B 128 7.31 8.86 29.63
N VAL B 129 7.97 9.99 29.39
CA VAL B 129 9.41 10.00 29.15
C VAL B 129 10.14 10.65 30.33
N ASP B 130 11.00 9.86 30.98
CA ASP B 130 11.77 10.28 32.16
C ASP B 130 12.78 11.39 31.86
N ASP B 131 13.60 11.20 30.83
CA ASP B 131 14.48 12.25 30.36
C ASP B 131 14.88 11.98 28.93
N THR B 132 15.39 13.01 28.26
CA THR B 132 15.71 12.91 26.84
C THR B 132 17.19 12.65 26.57
N SER B 133 17.87 12.00 27.52
CA SER B 133 19.28 11.69 27.34
C SER B 133 19.46 10.50 26.39
N SER B 134 18.55 9.54 26.49
CA SER B 134 18.52 8.45 25.52
C SER B 134 17.76 8.87 24.26
N ARG B 135 18.06 8.20 23.15
CA ARG B 135 17.24 8.32 21.97
C ARG B 135 15.97 7.47 22.15
N THR B 136 14.96 7.71 21.32
CA THR B 136 13.66 7.03 21.48
C THR B 136 13.19 6.53 20.14
N TYR B 137 12.68 5.31 20.12
CA TYR B 137 12.24 4.70 18.88
C TYR B 137 10.86 4.03 19.02
N LEU B 138 10.07 4.10 17.95
CA LEU B 138 8.90 3.24 17.83
C LEU B 138 9.31 2.04 17.00
N ASP B 139 9.09 0.83 17.50
CA ASP B 139 9.47 -0.41 16.82
C ASP B 139 8.22 -1.29 16.83
N PHE B 140 7.75 -1.65 15.66
CA PHE B 140 6.44 -2.26 15.53
C PHE B 140 6.19 -2.88 14.15
N SER B 141 5.25 -3.81 14.11
CA SER B 141 4.76 -4.33 12.84
C SER B 141 3.31 -4.63 13.16
N GLY B 142 2.56 -5.14 12.18
CA GLY B 142 1.19 -5.59 12.46
C GLY B 142 0.12 -4.55 12.23
N VAL B 143 0.40 -3.57 11.37
CA VAL B 143 -0.60 -2.60 11.02
C VAL B 143 -1.33 -2.94 9.71
N LEU B 144 -2.64 -3.20 9.85
CA LEU B 144 -3.52 -3.46 8.72
C LEU B 144 -4.44 -2.25 8.49
N SER B 145 -4.34 -1.62 7.32
CA SER B 145 -3.46 -2.08 6.24
C SER B 145 -2.14 -1.29 6.14
N LYS B 146 -2.15 -0.12 6.77
CA LYS B 146 -1.09 0.90 6.67
C LYS B 146 -1.48 2.05 7.61
N ALA B 147 -0.51 2.91 7.98
CA ALA B 147 -0.77 4.08 8.84
C ALA B 147 0.15 5.27 8.63
N ASP B 148 -0.39 6.46 8.85
CA ASP B 148 0.40 7.62 9.24
C ASP B 148 0.67 7.47 10.75
N VAL B 149 1.83 7.96 11.19
CA VAL B 149 2.28 7.84 12.57
C VAL B 149 2.64 9.26 13.00
N TRP B 150 2.12 9.70 14.14
CA TRP B 150 2.24 11.08 14.56
C TRP B 150 2.79 11.10 15.98
N VAL B 151 3.70 12.03 16.27
CA VAL B 151 4.23 12.16 17.64
C VAL B 151 4.28 13.62 18.00
N ASN B 152 3.62 13.98 19.09
CA ASN B 152 3.62 15.37 19.57
C ASN B 152 3.29 16.38 18.46
N GLY B 153 2.40 15.97 17.57
CA GLY B 153 1.89 16.86 16.53
C GLY B 153 2.69 16.89 15.24
N THR B 154 3.71 16.03 15.16
CA THR B 154 4.55 15.91 13.98
C THR B 154 4.29 14.57 13.32
N LYS B 155 4.08 14.56 12.00
CA LYS B 155 3.92 13.30 11.26
C LYS B 155 5.30 12.71 10.92
N VAL B 156 5.62 11.62 11.59
CA VAL B 156 6.96 11.04 11.52
C VAL B 156 7.08 10.02 10.41
N ALA B 157 5.97 9.46 9.97
CA ALA B 157 5.95 8.54 8.84
C ALA B 157 4.57 8.59 8.18
N THR B 158 4.51 8.24 6.90
CA THR B 158 3.24 8.21 6.16
C THR B 158 2.79 6.77 5.90
N LYS B 159 1.50 6.59 5.62
CA LYS B 159 0.95 5.32 5.16
C LYS B 159 1.62 4.75 3.91
N ASP B 160 2.31 5.57 3.12
CA ASP B 160 3.11 5.05 2.00
C ASP B 160 4.32 4.26 2.53
N GLN B 161 4.78 4.62 3.72
CA GLN B 161 5.90 3.94 4.36
C GLN B 161 5.47 2.84 5.35
N VAL B 162 4.65 3.20 6.34
CA VAL B 162 4.06 2.21 7.24
C VAL B 162 2.92 1.50 6.49
N ASN B 163 3.25 0.39 5.83
CA ASN B 163 2.36 -0.22 4.89
C ASN B 163 2.62 -1.71 4.82
N GLY B 164 1.55 -2.51 4.95
CA GLY B 164 1.66 -3.97 4.95
C GLY B 164 1.72 -4.50 6.36
N ALA B 165 0.86 -5.47 6.68
CA ALA B 165 0.77 -6.07 8.03
C ALA B 165 2.10 -6.61 8.58
N TYR B 166 2.96 -7.11 7.69
CA TYR B 166 4.17 -7.82 8.09
C TYR B 166 5.45 -6.95 8.14
N THR B 167 5.35 -5.72 7.63
CA THR B 167 6.51 -4.86 7.59
C THR B 167 6.83 -4.32 8.97
N ARG B 168 8.10 -4.44 9.32
CA ARG B 168 8.62 -3.88 10.55
C ARG B 168 9.09 -2.45 10.29
N HIS B 169 8.93 -1.58 11.29
CA HIS B 169 9.29 -0.17 11.22
C HIS B 169 10.05 0.23 12.47
N ASP B 170 11.14 0.94 12.27
CA ASP B 170 12.01 1.35 13.38
C ASP B 170 12.15 2.86 13.28
N LEU B 171 11.23 3.57 13.93
CA LEU B 171 11.11 5.02 13.72
C LEU B 171 11.85 5.80 14.81
N ASP B 172 12.92 6.50 14.42
CA ASP B 172 13.65 7.34 15.36
C ASP B 172 12.86 8.61 15.64
N ILE B 173 12.34 8.71 16.86
CA ILE B 173 11.45 9.80 17.19
C ILE B 173 12.08 10.74 18.21
N THR B 174 13.40 10.68 18.29
CA THR B 174 14.17 11.43 19.30
C THR B 174 13.94 12.93 19.19
N ALA B 175 13.92 13.40 17.95
CA ALA B 175 13.77 14.83 17.65
C ALA B 175 12.41 15.34 18.04
N GLN B 176 11.44 14.43 18.11
CA GLN B 176 10.09 14.77 18.48
C GLN B 176 9.82 14.65 19.98
N VAL B 177 10.63 13.88 20.69
CA VAL B 177 10.27 13.59 22.08
C VAL B 177 10.82 14.62 23.09
N HIS B 178 10.09 14.79 24.19
CA HIS B 178 10.45 15.70 25.27
C HIS B 178 10.21 15.05 26.62
N THR B 179 10.64 15.71 27.69
CA THR B 179 10.49 15.18 29.05
C THR B 179 9.05 15.22 29.53
N GLY B 180 8.66 14.18 30.25
CA GLY B 180 7.29 14.06 30.73
C GLY B 180 6.34 13.44 29.73
N VAL B 181 5.11 13.97 29.68
CA VAL B 181 4.04 13.37 28.90
C VAL B 181 4.14 13.63 27.39
N ASN B 182 4.38 12.56 26.63
CA ASN B 182 4.27 12.61 25.18
C ASN B 182 3.04 11.86 24.68
N SER B 183 2.65 12.15 23.45
CA SER B 183 1.59 11.41 22.83
C SER B 183 2.03 10.91 21.48
N VAL B 184 1.47 9.76 21.09
CA VAL B 184 1.74 9.11 19.84
C VAL B 184 0.37 8.73 19.26
N ALA B 185 0.16 8.93 17.97
CA ALA B 185 -1.06 8.42 17.34
C ALA B 185 -0.84 7.83 15.96
N PHE B 186 -1.51 6.70 15.72
CA PHE B 186 -1.56 6.06 14.40
C PHE B 186 -2.90 6.30 13.73
N LYS B 187 -2.88 6.77 12.48
CA LYS B 187 -4.10 6.86 11.69
C LYS B 187 -4.12 5.64 10.80
N VAL B 188 -4.96 4.69 11.17
CA VAL B 188 -4.87 3.36 10.57
C VAL B 188 -5.93 3.22 9.51
N TYR B 189 -5.48 2.81 8.33
CA TYR B 189 -6.27 2.85 7.12
C TYR B 189 -7.05 1.56 6.95
N PRO B 190 -8.26 1.66 6.35
CA PRO B 190 -9.12 0.52 6.10
C PRO B 190 -8.35 -0.62 5.41
N ASN B 191 -8.79 -1.85 5.65
CA ASN B 191 -8.12 -3.00 5.08
C ASN B 191 -8.95 -3.64 3.97
N ASP B 192 -8.34 -3.76 2.79
CA ASP B 192 -8.87 -4.62 1.72
C ASP B 192 -7.81 -5.67 1.35
N PRO B 193 -8.05 -6.94 1.72
CA PRO B 193 -7.01 -7.95 1.59
C PRO B 193 -6.67 -8.27 0.15
N ASN B 194 -7.53 -7.82 -0.78
CA ASN B 194 -7.31 -8.02 -2.21
C ASN B 194 -6.37 -6.98 -2.78
N ARG B 195 -6.32 -5.85 -2.10
CA ARG B 195 -5.57 -4.67 -2.52
C ARG B 195 -4.33 -4.52 -1.68
N ASP B 196 -4.41 -4.90 -0.40
CA ASP B 196 -3.30 -4.66 0.56
C ASP B 196 -2.57 -5.93 0.86
N LEU B 197 -1.25 -5.84 0.96
CA LEU B 197 -0.43 -6.99 1.35
C LEU B 197 -0.60 -7.15 2.85
N SER B 198 -1.67 -7.88 3.18
CA SER B 198 -2.22 -7.88 4.51
C SER B 198 -2.58 -9.31 4.92
N MET B 199 -3.76 -9.46 5.51
CA MET B 199 -4.34 -10.78 5.75
C MET B 199 -5.81 -10.69 5.37
N GLY B 200 -6.30 -11.75 4.73
CA GLY B 200 -7.74 -11.89 4.44
C GLY B 200 -8.24 -13.27 4.82
N TRP B 201 -9.53 -13.51 4.72
CA TRP B 201 -10.08 -14.77 5.24
C TRP B 201 -10.53 -15.77 4.19
N ILE B 202 -10.13 -15.53 2.94
CA ILE B 202 -10.30 -16.52 1.88
C ILE B 202 -11.75 -17.06 1.95
N ASP B 203 -11.94 -18.36 2.18
CA ASP B 203 -13.30 -18.89 2.36
C ASP B 203 -13.48 -19.65 3.67
N TRP B 204 -12.62 -19.38 4.64
CA TRP B 204 -12.61 -20.08 5.92
C TRP B 204 -13.81 -19.83 6.81
N ALA B 205 -14.36 -18.62 6.74
CA ALA B 205 -15.44 -18.18 7.60
C ALA B 205 -16.37 -17.18 6.88
N GLN B 206 -16.55 -16.02 7.52
CA GLN B 206 -17.25 -14.87 6.98
C GLN B 206 -16.38 -13.63 7.23
N THR B 207 -16.60 -12.57 6.44
CA THR B 207 -15.76 -11.37 6.47
C THR B 207 -16.03 -10.61 7.73
N PRO B 208 -14.97 -10.31 8.50
CA PRO B 208 -15.12 -9.47 9.69
C PRO B 208 -15.48 -8.04 9.25
N PRO B 209 -16.41 -7.39 9.99
CA PRO B 209 -16.98 -6.09 9.62
C PRO B 209 -15.96 -5.00 9.25
N ASP B 210 -14.84 -4.95 9.98
CA ASP B 210 -13.77 -3.93 9.79
C ASP B 210 -12.62 -4.51 8.99
N GLN B 211 -12.79 -5.77 8.61
CA GLN B 211 -11.81 -6.44 7.80
C GLN B 211 -10.42 -6.38 8.49
N ASN B 212 -10.44 -6.47 9.82
CA ASN B 212 -9.26 -6.49 10.67
C ASN B 212 -8.37 -5.24 10.74
N MET B 213 -8.89 -4.07 10.33
CA MET B 213 -8.04 -2.88 10.35
C MET B 213 -7.64 -2.65 11.79
N GLY B 214 -6.44 -2.13 12.00
CA GLY B 214 -5.96 -1.92 13.36
C GLY B 214 -4.50 -2.33 13.49
N ILE B 215 -4.07 -2.70 14.69
CA ILE B 215 -2.65 -2.95 15.01
C ILE B 215 -2.56 -4.24 15.82
N VAL B 216 -2.12 -5.33 15.20
CA VAL B 216 -2.37 -6.67 15.78
C VAL B 216 -1.16 -7.27 16.51
N ARG B 217 -0.06 -6.52 16.49
CA ARG B 217 1.12 -6.77 17.33
C ARG B 217 1.43 -5.55 18.20
N ASP B 218 2.29 -5.75 19.20
CA ASP B 218 2.80 -4.67 20.04
C ASP B 218 3.54 -3.58 19.28
N VAL B 219 3.33 -2.34 19.73
CA VAL B 219 4.28 -1.26 19.42
C VAL B 219 5.24 -1.21 20.58
N LEU B 220 6.53 -1.33 20.28
CA LEU B 220 7.57 -1.16 21.30
C LEU B 220 8.07 0.27 21.32
N VAL B 221 8.20 0.84 22.51
CA VAL B 221 8.92 2.10 22.67
C VAL B 221 10.32 1.71 23.12
N ARG B 222 11.31 2.00 22.30
CA ARG B 222 12.70 1.66 22.64
C ARG B 222 13.51 2.86 23.17
N ARG B 223 14.34 2.60 24.19
CA ARG B 223 15.28 3.58 24.73
C ARG B 223 16.69 3.02 24.61
N SER B 224 17.56 3.81 24.00
CA SER B 224 18.98 3.49 23.84
C SER B 224 19.81 4.78 23.76
N GLY B 225 21.13 4.65 23.90
CA GLY B 225 22.03 5.80 23.86
C GLY B 225 22.40 6.17 22.43
N ALA B 226 23.67 6.41 22.21
CA ALA B 226 24.16 6.81 20.91
C ALA B 226 24.04 5.69 19.87
N VAL B 227 24.11 4.45 20.35
CA VAL B 227 24.08 3.27 19.46
C VAL B 227 22.84 2.38 19.65
N ALA B 228 22.22 2.02 18.53
CA ALA B 228 21.09 1.11 18.49
C ALA B 228 21.55 -0.31 18.15
N LEU B 229 21.21 -1.25 19.01
CA LEU B 229 21.41 -2.67 18.74
C LEU B 229 20.19 -3.23 18.01
N ARG B 230 20.39 -3.91 16.90
CA ARG B 230 19.22 -4.46 16.17
C ARG B 230 19.55 -5.80 15.50
N SER B 231 18.52 -6.59 15.22
CA SER B 231 18.65 -7.77 14.35
C SER B 231 19.73 -8.78 14.76
N ALA B 232 19.96 -8.88 16.07
CA ALA B 232 20.84 -9.88 16.63
C ALA B 232 20.30 -11.27 16.33
N HIS B 233 21.18 -12.13 15.81
CA HIS B 233 20.83 -13.54 15.56
C HIS B 233 22.01 -14.53 15.64
N VAL B 234 21.68 -15.82 15.58
CA VAL B 234 22.67 -16.88 15.65
C VAL B 234 22.55 -17.79 14.43
N ILE B 235 23.55 -17.78 13.56
CA ILE B 235 23.63 -18.85 12.59
C ILE B 235 24.15 -20.09 13.31
N GLN B 236 23.47 -21.20 13.10
CA GLN B 236 23.66 -22.41 13.87
C GLN B 236 23.76 -23.62 12.91
N LYS B 237 24.92 -24.28 12.95
CA LYS B 237 25.20 -25.48 12.14
C LYS B 237 25.55 -26.68 13.03
N LEU B 238 24.71 -27.71 12.96
CA LEU B 238 24.94 -28.97 13.66
C LEU B 238 25.63 -29.97 12.73
N ASN B 239 26.63 -30.71 13.23
CA ASN B 239 27.22 -31.79 12.43
C ASN B 239 26.25 -32.98 12.39
N SER B 240 26.45 -33.90 11.46
CA SER B 240 25.45 -34.93 11.25
C SER B 240 25.45 -36.00 12.34
N ALA B 241 26.53 -36.07 13.11
CA ALA B 241 26.52 -36.93 14.30
C ALA B 241 25.73 -36.30 15.44
N LEU B 242 25.44 -35.00 15.31
CA LEU B 242 24.64 -34.18 16.25
C LEU B 242 25.31 -33.96 17.61
N ASP B 243 26.64 -34.02 17.62
CA ASP B 243 27.42 -33.79 18.84
C ASP B 243 28.37 -32.58 18.76
N HIS B 244 28.39 -31.90 17.61
CA HIS B 244 29.10 -30.63 17.53
C HIS B 244 28.29 -29.64 16.71
N ALA B 245 28.18 -28.43 17.25
CA ALA B 245 27.52 -27.34 16.56
C ALA B 245 28.42 -26.12 16.45
N ASP B 246 28.29 -25.41 15.34
CA ASP B 246 28.96 -24.14 15.13
C ASP B 246 27.98 -22.96 15.10
N LEU B 247 28.29 -21.98 15.95
CA LEU B 247 27.49 -20.78 16.21
C LEU B 247 28.19 -19.51 15.69
N THR B 248 27.54 -18.83 14.74
CA THR B 248 28.04 -17.58 14.15
C THR B 248 27.10 -16.41 14.53
N VAL B 249 27.45 -15.71 15.61
CA VAL B 249 26.59 -14.64 16.09
C VAL B 249 26.73 -13.42 15.17
N LYS B 250 25.60 -12.85 14.76
CA LYS B 250 25.58 -11.63 13.95
C LYS B 250 24.62 -10.60 14.58
N ALA B 251 25.06 -9.36 14.68
CA ALA B 251 24.20 -8.28 15.22
C ALA B 251 24.46 -6.96 14.53
N ASP B 252 23.39 -6.16 14.35
CA ASP B 252 23.51 -4.84 13.74
C ASP B 252 23.69 -3.73 14.80
N VAL B 253 24.52 -2.73 14.49
CA VAL B 253 24.70 -1.56 15.38
C VAL B 253 24.62 -0.27 14.56
N ARG B 254 23.84 0.69 15.03
CA ARG B 254 23.61 1.90 14.30
C ARG B 254 23.91 3.11 15.19
N ASN B 255 24.93 3.87 14.79
CA ASN B 255 25.29 5.10 15.47
C ASN B 255 24.33 6.21 15.07
N ASP B 256 23.31 6.45 15.90
CA ASP B 256 22.29 7.46 15.62
C ASP B 256 22.64 8.86 16.15
N SER B 257 23.78 9.00 16.81
CA SER B 257 24.27 10.30 17.29
C SER B 257 24.91 11.12 16.17
N ALA B 258 25.39 12.31 16.51
CA ALA B 258 25.99 13.21 15.53
C ALA B 258 27.49 13.01 15.45
N ASN B 259 28.03 12.13 16.28
CA ASN B 259 29.47 11.94 16.32
C ASN B 259 29.89 10.50 16.21
N ALA B 260 30.95 10.30 15.44
CA ALA B 260 31.65 9.02 15.37
C ALA B 260 31.88 8.44 16.77
N VAL B 261 31.77 7.12 16.88
CA VAL B 261 32.00 6.40 18.15
C VAL B 261 32.72 5.10 17.89
N GLN B 262 33.21 4.49 18.96
CA GLN B 262 33.73 3.14 18.96
C GLN B 262 32.71 2.42 19.82
N THR B 263 32.19 1.29 19.33
CA THR B 263 31.25 0.52 20.16
C THR B 263 31.73 -0.90 20.48
N THR B 264 31.41 -1.39 21.68
CA THR B 264 31.67 -2.78 22.04
C THR B 264 30.43 -3.65 22.22
N VAL B 265 30.26 -4.59 21.29
CA VAL B 265 29.17 -5.57 21.33
C VAL B 265 29.63 -6.85 22.04
N ALA B 266 29.13 -7.08 23.24
CA ALA B 266 29.63 -8.18 24.08
C ALA B 266 28.52 -8.87 24.83
N GLY B 267 28.73 -10.16 25.08
CA GLY B 267 27.90 -10.91 26.01
C GLY B 267 28.11 -12.40 25.86
N THR B 268 27.02 -13.16 25.80
CA THR B 268 27.11 -14.62 25.71
C THR B 268 26.16 -15.24 24.69
N VAL B 269 26.61 -16.34 24.12
CA VAL B 269 25.83 -17.19 23.24
C VAL B 269 26.04 -18.62 23.72
N ALA B 270 24.95 -19.28 24.09
CA ALA B 270 24.99 -20.58 24.76
C ALA B 270 25.89 -20.61 25.99
N GLY B 271 25.90 -19.50 26.74
CA GLY B 271 26.74 -19.38 27.93
C GLY B 271 28.20 -19.07 27.64
N LYS B 272 28.52 -18.86 26.36
CA LYS B 272 29.89 -18.68 25.90
C LYS B 272 30.24 -17.21 25.60
N PRO B 273 31.31 -16.68 26.23
CA PRO B 273 31.55 -15.23 26.15
C PRO B 273 32.08 -14.73 24.80
N ILE B 274 31.51 -13.62 24.32
CA ILE B 274 31.90 -13.03 23.02
C ILE B 274 32.09 -11.51 23.11
N SER B 275 32.90 -10.96 22.22
CA SER B 275 33.16 -9.52 22.22
C SER B 275 33.81 -9.03 20.91
N GLN B 276 33.19 -8.04 20.30
CA GLN B 276 33.75 -7.42 19.12
C GLN B 276 33.63 -5.92 19.29
N THR B 277 34.71 -5.21 19.01
CA THR B 277 34.70 -3.77 19.03
C THR B 277 34.70 -3.29 17.60
N VAL B 278 33.81 -2.35 17.29
CA VAL B 278 33.83 -1.69 15.97
C VAL B 278 33.71 -0.19 16.07
N SER B 279 34.11 0.46 14.99
CA SER B 279 33.96 1.90 14.88
C SER B 279 32.74 2.24 13.99
N LEU B 280 32.04 3.31 14.36
CA LEU B 280 30.87 3.79 13.59
C LEU B 280 30.90 5.29 13.34
N ALA B 281 31.04 5.68 12.07
CA ALA B 281 30.87 7.10 11.69
C ALA B 281 29.49 7.61 12.09
N ALA B 282 29.29 8.93 12.05
CA ALA B 282 27.98 9.51 12.35
C ALA B 282 26.96 8.91 11.39
N LYS B 283 25.87 8.39 11.95
CA LYS B 283 24.75 7.81 11.17
C LYS B 283 25.05 6.43 10.56
N GLU B 284 26.17 5.80 10.95
CA GLU B 284 26.57 4.54 10.32
C GLU B 284 25.92 3.33 10.96
N ARG B 285 25.58 2.37 10.11
CA ARG B 285 25.10 1.08 10.56
C ARG B 285 26.07 0.01 10.05
N LYS B 286 26.48 -0.90 10.94
CA LYS B 286 27.26 -2.06 10.52
C LYS B 286 26.62 -3.37 10.92
N THR B 287 26.82 -4.41 10.10
CA THR B 287 26.57 -5.76 10.55
C THR B 287 27.86 -6.33 11.18
N VAL B 288 27.79 -6.67 12.46
CA VAL B 288 28.90 -7.30 13.16
C VAL B 288 28.81 -8.83 13.09
N THR B 289 29.82 -9.48 12.50
CA THR B 289 29.96 -10.93 12.53
C THR B 289 30.99 -11.38 13.58
N PHE B 290 30.57 -12.25 14.49
CA PHE B 290 31.47 -12.82 15.50
C PHE B 290 32.29 -14.00 15.01
N PRO B 291 33.54 -14.18 15.54
CA PRO B 291 34.29 -15.40 15.25
C PRO B 291 33.44 -16.60 15.64
N LEU B 292 33.51 -17.64 14.84
CA LEU B 292 32.80 -18.87 15.12
C LEU B 292 32.96 -19.29 16.58
N VAL B 293 31.90 -19.88 17.14
CA VAL B 293 31.93 -20.38 18.50
C VAL B 293 31.55 -21.83 18.40
N GLY B 294 32.40 -22.69 18.91
CA GLY B 294 32.14 -24.12 18.91
C GLY B 294 31.40 -24.55 20.15
N LEU B 295 30.52 -25.52 19.99
CA LEU B 295 29.68 -26.02 21.05
C LEU B 295 29.68 -27.54 20.97
N ASP B 296 30.19 -28.16 22.03
CA ASP B 296 30.35 -29.60 22.11
C ASP B 296 29.18 -30.26 22.80
N ARG B 297 28.69 -31.32 22.18
CA ARG B 297 27.54 -32.08 22.66
C ARG B 297 26.39 -31.13 23.04
N PRO B 298 25.95 -30.29 22.07
CA PRO B 298 24.86 -29.34 22.38
C PRO B 298 23.60 -30.06 22.80
N ASN B 299 22.79 -29.42 23.64
CA ASN B 299 21.44 -29.92 23.90
C ASN B 299 20.59 -29.65 22.67
N VAL B 300 20.52 -30.64 21.78
CA VAL B 300 19.84 -30.52 20.49
C VAL B 300 18.33 -30.44 20.71
N TRP B 301 17.71 -29.50 20.01
CA TRP B 301 16.25 -29.36 20.01
C TRP B 301 15.62 -30.42 19.08
N TRP B 302 14.51 -30.99 19.54
CA TRP B 302 13.79 -32.04 18.84
C TRP B 302 12.28 -31.80 18.86
N PRO B 303 11.56 -32.35 17.86
CA PRO B 303 10.10 -32.32 17.91
C PRO B 303 9.64 -33.17 19.09
N ALA B 304 8.40 -32.92 19.56
CA ALA B 304 7.82 -33.66 20.70
C ALA B 304 7.87 -35.16 20.51
N GLY B 305 8.18 -35.86 21.59
CA GLY B 305 8.29 -37.31 21.56
C GLY B 305 9.66 -37.81 21.09
N MET B 306 10.48 -36.94 20.51
CA MET B 306 11.75 -37.38 19.93
C MET B 306 12.99 -37.01 20.76
N GLY B 307 12.77 -36.27 21.84
CA GLY B 307 13.86 -35.75 22.62
C GLY B 307 13.40 -34.51 23.33
N GLY B 308 14.36 -33.65 23.66
CA GLY B 308 14.10 -32.42 24.40
C GLY B 308 13.87 -31.25 23.48
N GLN B 309 13.43 -30.15 24.07
CA GLN B 309 13.09 -28.91 23.36
C GLN B 309 13.89 -27.74 23.90
N HIS B 310 15.17 -27.96 24.15
CA HIS B 310 16.01 -26.92 24.74
C HIS B 310 16.26 -25.81 23.74
N ARG B 311 16.26 -24.58 24.27
CA ARG B 311 16.68 -23.38 23.57
C ARG B 311 17.71 -22.62 24.38
N TYR B 312 18.76 -22.17 23.68
CA TYR B 312 19.86 -21.45 24.30
C TYR B 312 19.61 -19.95 24.24
N ASP B 313 20.41 -19.18 24.96
CA ASP B 313 20.26 -17.75 24.98
C ASP B 313 21.36 -17.03 24.22
N LEU B 314 20.97 -15.98 23.51
CA LEU B 314 21.86 -14.94 22.99
C LEU B 314 21.63 -13.68 23.83
N ASP B 315 22.69 -13.18 24.43
CA ASP B 315 22.58 -12.03 25.31
C ASP B 315 23.72 -11.06 24.99
N LEU B 316 23.34 -9.91 24.44
CA LEU B 316 24.27 -8.95 23.90
C LEU B 316 23.99 -7.56 24.42
N THR B 317 25.05 -6.77 24.54
CA THR B 317 24.96 -5.38 24.94
C THR B 317 25.92 -4.61 24.03
N ALA B 318 25.43 -3.52 23.44
CA ALA B 318 26.29 -2.58 22.75
C ALA B 318 26.66 -1.46 23.73
N SER B 319 27.95 -1.24 23.92
CA SER B 319 28.40 -0.21 24.84
C SER B 319 29.15 0.88 24.12
N VAL B 320 29.12 2.08 24.70
CA VAL B 320 29.95 3.20 24.26
C VAL B 320 30.46 3.94 25.51
N GLY B 321 31.76 4.25 25.49
CA GLY B 321 32.43 4.85 26.64
C GLY B 321 32.35 4.01 27.91
N GLY B 322 32.21 2.69 27.76
CA GLY B 322 32.16 1.82 28.93
C GLY B 322 30.85 1.90 29.71
N THR B 323 29.80 2.47 29.11
CA THR B 323 28.42 2.33 29.62
C THR B 323 27.51 1.71 28.53
N PRO B 324 26.47 0.96 28.94
CA PRO B 324 25.60 0.35 27.95
C PRO B 324 24.81 1.40 27.16
N SER B 325 24.71 1.22 25.86
CA SER B 325 23.85 2.04 25.03
C SER B 325 22.51 1.33 24.74
N ASP B 326 22.57 0.05 24.36
CA ASP B 326 21.39 -0.73 24.02
C ASP B 326 21.69 -2.20 24.32
N ALA B 327 20.64 -3.01 24.50
CA ALA B 327 20.80 -4.44 24.74
C ALA B 327 19.61 -5.25 24.20
N ALA B 328 19.84 -6.54 23.98
CA ALA B 328 18.81 -7.44 23.46
C ALA B 328 19.11 -8.88 23.78
N LYS B 329 18.13 -9.54 24.39
CA LYS B 329 18.20 -10.97 24.64
C LYS B 329 17.26 -11.70 23.69
N SER B 330 17.68 -12.84 23.17
CA SER B 330 16.85 -13.63 22.26
C SER B 330 17.21 -15.10 22.42
N LYS B 331 16.44 -15.97 21.79
CA LYS B 331 16.74 -17.39 21.86
C LYS B 331 16.98 -18.03 20.49
N PHE B 332 17.48 -19.25 20.53
CA PHE B 332 17.66 -20.05 19.32
C PHE B 332 17.72 -21.52 19.72
N GLY B 333 17.38 -22.39 18.78
CA GLY B 333 17.46 -23.84 19.01
C GLY B 333 18.56 -24.44 18.18
N VAL B 334 19.20 -25.48 18.70
CA VAL B 334 20.20 -26.23 17.93
C VAL B 334 19.60 -27.51 17.32
N ARG B 335 19.37 -27.46 16.00
CA ARG B 335 18.45 -28.35 15.29
C ARG B 335 18.74 -28.17 13.80
N ASP B 336 18.79 -29.24 13.03
CA ASP B 336 18.89 -29.14 11.58
C ASP B 336 17.61 -29.64 10.88
N VAL B 337 17.22 -28.97 9.81
CA VAL B 337 16.03 -29.40 9.06
C VAL B 337 16.24 -29.39 7.56
N LYS B 338 15.76 -30.45 6.92
CA LYS B 338 15.74 -30.51 5.47
C LYS B 338 14.36 -30.86 4.93
N ALA B 339 14.05 -30.30 3.77
CA ALA B 339 12.88 -30.71 3.00
C ALA B 339 13.31 -30.87 1.54
N THR B 340 13.47 -32.10 1.09
CA THR B 340 13.93 -32.37 -0.28
C THR B 340 12.93 -33.26 -1.00
N LEU B 341 13.14 -33.40 -2.30
CA LEU B 341 12.27 -34.17 -3.15
C LEU B 341 12.76 -35.62 -3.17
N ASN B 342 11.85 -36.59 -3.06
CA ASN B 342 12.27 -37.99 -3.13
C ASN B 342 12.29 -38.46 -4.59
N SER B 343 12.59 -39.73 -4.82
CA SER B 343 12.67 -40.24 -6.19
C SER B 343 11.32 -40.22 -6.92
N SER B 344 10.24 -40.07 -6.14
CA SER B 344 8.88 -39.95 -6.68
C SER B 344 8.42 -38.49 -6.80
N GLY B 345 9.27 -37.57 -6.40
CA GLY B 345 8.95 -36.15 -6.47
C GLY B 345 8.04 -35.64 -5.36
N GLY B 346 7.90 -36.40 -4.28
CA GLY B 346 7.23 -35.93 -3.06
C GLY B 346 8.18 -35.22 -2.09
N ARG B 347 7.77 -34.04 -1.60
CA ARG B 347 8.52 -33.28 -0.58
C ARG B 347 8.63 -34.06 0.73
N GLN B 348 9.87 -34.27 1.17
CA GLN B 348 10.15 -35.08 2.36
C GLN B 348 10.99 -34.32 3.38
N TYR B 349 10.36 -34.01 4.51
CA TYR B 349 11.00 -33.30 5.61
C TYR B 349 11.79 -34.24 6.50
N SER B 350 12.90 -33.72 7.03
CA SER B 350 13.63 -34.42 8.08
C SER B 350 14.11 -33.43 9.16
N VAL B 351 14.21 -33.91 10.40
CA VAL B 351 14.73 -33.10 11.51
C VAL B 351 15.93 -33.80 12.11
N ASN B 352 17.04 -33.06 12.25
CA ASN B 352 18.30 -33.65 12.70
C ASN B 352 18.56 -35.05 12.11
N GLY B 353 18.34 -35.20 10.80
CA GLY B 353 18.62 -36.45 10.09
C GLY B 353 17.58 -37.55 10.22
N LYS B 354 16.51 -37.28 10.96
CA LYS B 354 15.41 -38.24 11.07
C LYS B 354 14.30 -37.83 10.11
N PRO B 355 14.09 -38.64 9.04
CA PRO B 355 12.93 -38.35 8.19
C PRO B 355 11.63 -38.57 8.96
N LEU B 356 10.60 -37.81 8.59
CA LEU B 356 9.34 -37.76 9.29
C LEU B 356 8.20 -37.65 8.29
N LEU B 357 7.10 -38.35 8.57
CA LEU B 357 5.84 -38.00 7.93
C LEU B 357 5.24 -36.79 8.66
N ILE B 358 5.04 -35.68 7.93
CA ILE B 358 4.34 -34.54 8.50
C ILE B 358 2.88 -34.88 8.70
N ARG B 359 2.45 -34.90 9.96
CA ARG B 359 1.05 -35.11 10.35
C ARG B 359 0.58 -33.89 11.12
N GLY B 360 -0.33 -33.14 10.51
CA GLY B 360 -0.76 -31.87 11.07
C GLY B 360 -2.11 -31.35 10.60
N GLY B 361 -2.31 -30.06 10.87
CA GLY B 361 -3.51 -29.38 10.46
C GLY B 361 -3.24 -27.92 10.15
N GLY B 362 -4.14 -27.33 9.36
CA GLY B 362 -4.13 -25.92 9.08
C GLY B 362 -4.63 -25.17 10.32
N TYR B 363 -3.72 -24.40 10.90
CA TYR B 363 -4.02 -23.54 12.00
C TYR B 363 -4.44 -22.14 11.51
N THR B 364 -5.42 -21.59 12.19
CA THR B 364 -5.85 -20.21 11.99
C THR B 364 -5.95 -19.51 13.33
N PRO B 365 -5.68 -18.20 13.38
CA PRO B 365 -5.94 -17.47 14.62
C PRO B 365 -7.40 -17.04 14.65
N ASP B 366 -7.75 -16.23 15.65
CA ASP B 366 -9.12 -15.69 15.84
C ASP B 366 -9.57 -14.79 14.68
N LEU B 367 -10.84 -14.86 14.31
CA LEU B 367 -11.37 -14.12 13.17
C LEU B 367 -11.13 -12.61 13.28
N PHE B 368 -10.96 -12.12 14.51
CA PHE B 368 -10.73 -10.70 14.76
C PHE B 368 -9.35 -10.48 15.35
N LEU B 369 -8.51 -11.48 15.17
CA LEU B 369 -7.09 -11.46 15.54
C LEU B 369 -6.91 -11.06 17.00
N ARG B 370 -7.85 -11.51 17.84
CA ARG B 370 -7.75 -11.27 19.25
C ARG B 370 -6.71 -12.23 19.80
N TRP B 371 -5.70 -11.65 20.45
CA TRP B 371 -4.56 -12.41 20.95
C TRP B 371 -4.64 -12.73 22.43
N ASN B 372 -4.35 -13.98 22.75
CA ASN B 372 -4.21 -14.39 24.13
C ASN B 372 -3.21 -15.54 24.20
N GLU B 373 -2.15 -15.29 24.97
CA GLU B 373 -1.02 -16.20 25.12
C GLU B 373 -1.41 -17.57 25.61
N THR B 374 -2.14 -17.61 26.73
CA THR B 374 -2.69 -18.85 27.27
C THR B 374 -3.49 -19.61 26.21
N ALA B 375 -4.37 -18.90 25.50
CA ALA B 375 -5.19 -19.49 24.43
C ALA B 375 -4.33 -20.07 23.34
N ALA B 376 -3.25 -19.35 23.00
CA ALA B 376 -2.30 -19.82 22.00
C ALA B 376 -1.68 -21.11 22.48
N ALA B 377 -1.29 -21.13 23.75
CA ALA B 377 -0.65 -22.30 24.36
C ALA B 377 -1.61 -23.49 24.42
N ASP B 378 -2.86 -23.22 24.83
CA ASP B 378 -3.90 -24.25 24.87
C ASP B 378 -4.09 -24.86 23.48
N LYS B 379 -4.21 -24.00 22.46
CA LYS B 379 -4.38 -24.48 21.07
C LYS B 379 -3.20 -25.32 20.58
N LEU B 380 -1.97 -24.87 20.86
CA LEU B 380 -0.79 -25.68 20.55
C LEU B 380 -0.68 -26.99 21.35
N LYS B 381 -1.10 -27.01 22.62
CA LYS B 381 -1.23 -28.28 23.39
C LYS B 381 -2.22 -29.30 22.79
N TYR B 382 -3.32 -28.81 22.22
CA TYR B 382 -4.29 -29.68 21.56
C TYR B 382 -3.64 -30.53 20.44
N VAL B 383 -2.85 -29.85 19.62
CA VAL B 383 -2.02 -30.44 18.59
C VAL B 383 -1.34 -31.67 19.16
N LEU B 384 -0.68 -31.51 20.30
CA LEU B 384 -0.08 -32.66 20.99
C LEU B 384 -1.12 -33.69 21.55
N ASN B 385 -2.19 -33.24 22.19
CA ASN B 385 -3.27 -34.15 22.62
C ASN B 385 -3.79 -35.04 21.46
N LEU B 386 -3.92 -34.44 20.28
CA LEU B 386 -4.29 -35.18 19.05
C LEU B 386 -3.21 -36.15 18.58
N GLY B 387 -1.96 -35.91 18.99
CA GLY B 387 -0.82 -36.69 18.51
C GLY B 387 -0.25 -36.21 17.18
N LEU B 388 -0.68 -35.03 16.72
CA LEU B 388 -0.08 -34.39 15.54
C LEU B 388 1.34 -33.93 15.81
N ASN B 389 2.15 -33.76 14.75
CA ASN B 389 3.47 -33.16 14.90
C ASN B 389 3.63 -31.74 14.34
N THR B 390 2.63 -31.24 13.61
CA THR B 390 2.82 -30.00 12.83
C THR B 390 1.54 -29.15 12.65
N VAL B 391 1.70 -27.82 12.65
CA VAL B 391 0.63 -26.95 12.18
C VAL B 391 1.11 -26.15 10.96
N ARG B 392 0.24 -26.01 9.98
CA ARG B 392 0.55 -25.15 8.86
C ARG B 392 -0.15 -23.81 9.09
N LEU B 393 0.55 -22.73 8.80
CA LEU B 393 -0.02 -21.38 8.83
C LEU B 393 -0.02 -20.84 7.40
N GLU B 394 -1.21 -20.82 6.78
CA GLU B 394 -1.37 -20.16 5.49
C GLU B 394 -1.67 -18.71 5.79
N GLY B 395 -0.63 -17.88 5.69
CA GLY B 395 -0.71 -16.47 6.11
C GLY B 395 -1.17 -16.35 7.55
N HIS B 396 -1.68 -15.19 7.92
CA HIS B 396 -2.09 -14.92 9.30
C HIS B 396 -0.99 -15.31 10.28
N ILE B 397 0.26 -15.07 9.92
CA ILE B 397 1.35 -15.60 10.73
C ILE B 397 1.41 -14.93 12.09
N GLU B 398 1.28 -15.76 13.14
CA GLU B 398 1.04 -15.31 14.52
C GLU B 398 2.19 -14.51 15.12
N PRO B 399 1.94 -13.75 16.21
CA PRO B 399 3.00 -13.07 16.96
C PRO B 399 4.10 -14.02 17.49
N ASP B 400 5.20 -13.45 18.02
CA ASP B 400 6.40 -14.19 18.45
C ASP B 400 6.09 -15.30 19.45
N GLU B 401 5.28 -14.98 20.46
CA GLU B 401 4.97 -15.87 21.57
C GLU B 401 4.37 -17.21 21.10
N PHE B 402 3.53 -17.15 20.07
CA PHE B 402 2.99 -18.38 19.47
C PHE B 402 4.15 -19.30 19.05
N PHE B 403 5.21 -18.73 18.48
CA PHE B 403 6.36 -19.54 18.08
C PHE B 403 7.22 -19.96 19.27
N ASP B 404 7.34 -19.07 20.28
CA ASP B 404 7.99 -19.44 21.54
C ASP B 404 7.34 -20.72 22.06
N ILE B 405 6.03 -20.71 22.11
CA ILE B 405 5.25 -21.80 22.65
C ILE B 405 5.45 -23.05 21.82
N ALA B 406 5.40 -22.91 20.49
CA ALA B 406 5.67 -24.08 19.63
C ALA B 406 7.07 -24.62 19.85
N ASP B 407 8.05 -23.72 19.99
CA ASP B 407 9.40 -24.12 20.32
C ASP B 407 9.37 -24.90 21.62
N ASP B 408 8.80 -24.32 22.69
CA ASP B 408 8.86 -24.97 24.01
C ASP B 408 8.18 -26.33 24.00
N LEU B 409 7.14 -26.48 23.18
CA LEU B 409 6.33 -27.70 23.17
C LEU B 409 6.82 -28.73 22.18
N GLY B 410 7.61 -28.28 21.21
CA GLY B 410 8.08 -29.19 20.17
C GLY B 410 7.09 -29.38 19.03
N VAL B 411 6.23 -28.39 18.79
CA VAL B 411 5.26 -28.49 17.71
C VAL B 411 5.90 -27.83 16.49
N LEU B 412 5.99 -28.57 15.37
CA LEU B 412 6.60 -28.04 14.16
C LEU B 412 5.61 -27.09 13.51
N THR B 413 6.12 -26.09 12.80
CA THR B 413 5.28 -25.07 12.19
C THR B 413 5.71 -24.86 10.75
N MET B 414 4.74 -24.58 9.89
CA MET B 414 4.97 -24.38 8.46
C MET B 414 4.34 -23.07 8.05
N PRO B 415 5.00 -21.94 8.36
CA PRO B 415 4.41 -20.66 8.02
C PRO B 415 4.59 -20.41 6.53
N GLY B 416 3.86 -19.43 5.99
CA GLY B 416 3.95 -19.09 4.58
C GLY B 416 2.93 -18.01 4.23
N TRP B 417 2.98 -17.52 3.01
CA TRP B 417 1.99 -16.55 2.58
C TRP B 417 0.67 -17.25 2.27
N GLU B 418 -0.41 -16.48 2.17
CA GLU B 418 -1.74 -17.00 1.82
C GLU B 418 -2.10 -16.86 0.32
N CYS B 419 -3.03 -17.69 -0.13
CA CYS B 419 -3.57 -17.68 -1.50
C CYS B 419 -4.67 -16.66 -1.62
N CYS B 420 -5.23 -16.53 -2.83
CA CYS B 420 -6.60 -16.02 -3.02
C CYS B 420 -6.87 -14.60 -2.54
N ASP B 421 -5.85 -13.75 -2.56
CA ASP B 421 -6.01 -12.32 -2.31
C ASP B 421 -4.78 -11.57 -2.85
N LYS B 422 -4.45 -10.40 -2.31
CA LYS B 422 -3.33 -9.61 -2.83
C LYS B 422 -1.95 -10.33 -3.02
N TRP B 423 -1.52 -11.13 -2.04
CA TRP B 423 -0.22 -11.82 -2.15
C TRP B 423 -0.04 -12.54 -3.47
N GLU B 424 -1.11 -13.15 -3.95
CA GLU B 424 -1.05 -13.92 -5.18
C GLU B 424 -1.58 -13.15 -6.40
N GLY B 425 -1.93 -11.87 -6.19
CA GLY B 425 -2.60 -11.03 -7.19
C GLY B 425 -1.87 -10.87 -8.52
N GLN B 426 -0.55 -10.89 -8.51
CA GLN B 426 0.22 -10.81 -9.73
C GLN B 426 0.23 -12.14 -10.49
N VAL B 427 -0.13 -13.23 -9.82
CA VAL B 427 0.02 -14.56 -10.42
C VAL B 427 -1.27 -15.36 -10.57
N ASN B 428 -2.36 -14.93 -9.93
CA ASN B 428 -3.50 -15.84 -9.79
C ASN B 428 -4.67 -15.68 -10.77
N GLY B 429 -4.44 -14.94 -11.86
CA GLY B 429 -5.47 -14.83 -12.92
C GLY B 429 -6.76 -14.23 -12.40
N GLU B 430 -7.89 -14.92 -12.57
CA GLU B 430 -9.16 -14.27 -12.16
C GLU B 430 -9.50 -14.40 -10.69
N GLU B 431 -8.68 -15.13 -9.94
CA GLU B 431 -8.87 -15.34 -8.52
C GLU B 431 -8.81 -13.98 -7.84
N LYS B 432 -9.49 -13.83 -6.70
CA LYS B 432 -9.46 -12.57 -5.98
C LYS B 432 -8.02 -12.17 -5.65
N GLY B 433 -7.75 -10.87 -5.66
CA GLY B 433 -6.40 -10.34 -5.42
C GLY B 433 -5.96 -9.49 -6.60
N GLU B 434 -5.67 -8.22 -6.35
CA GLU B 434 -5.35 -7.29 -7.43
C GLU B 434 -3.94 -7.53 -8.02
N PRO B 435 -3.74 -7.25 -9.34
CA PRO B 435 -2.41 -7.28 -9.98
C PRO B 435 -1.47 -6.29 -9.31
N TRP B 436 -0.17 -6.59 -9.26
CA TRP B 436 0.75 -5.72 -8.53
C TRP B 436 1.20 -4.51 -9.33
N VAL B 437 1.25 -3.38 -8.63
CA VAL B 437 1.83 -2.16 -9.15
C VAL B 437 3.23 -1.96 -8.53
N GLU B 438 4.04 -1.12 -9.15
CA GLU B 438 5.44 -0.95 -8.73
C GLU B 438 5.64 -0.81 -7.23
N SER B 439 4.71 -0.17 -6.53
CA SER B 439 4.90 0.08 -5.12
C SER B 439 4.66 -1.16 -4.27
N ASP B 440 4.05 -2.18 -4.87
CA ASP B 440 3.79 -3.44 -4.16
C ASP B 440 5.06 -4.22 -3.94
N TYR B 441 5.98 -4.12 -4.90
CA TYR B 441 7.19 -4.95 -4.89
C TYR B 441 8.04 -4.83 -3.61
N PRO B 442 8.51 -3.61 -3.27
CA PRO B 442 9.30 -3.42 -2.05
C PRO B 442 8.55 -3.72 -0.74
N ILE B 443 7.23 -3.56 -0.72
CA ILE B 443 6.44 -3.94 0.44
C ILE B 443 6.47 -5.46 0.63
N ALA B 444 6.28 -6.21 -0.45
CA ALA B 444 6.32 -7.67 -0.38
C ALA B 444 7.69 -8.17 0.08
N LYS B 445 8.73 -7.66 -0.58
CA LYS B 445 10.10 -8.03 -0.27
C LYS B 445 10.39 -7.70 1.21
N ALA B 446 9.92 -6.53 1.66
CA ALA B 446 10.23 -6.10 3.02
C ALA B 446 9.45 -6.92 4.07
N SER B 447 8.20 -7.28 3.73
CA SER B 447 7.41 -8.28 4.50
C SER B 447 8.19 -9.59 4.69
N MET B 448 8.76 -10.08 3.60
CA MET B 448 9.56 -11.29 3.64
C MET B 448 10.76 -11.08 4.53
N PHE B 449 11.40 -9.92 4.41
CA PHE B 449 12.56 -9.68 5.25
C PHE B 449 12.15 -9.67 6.71
N SER B 450 11.09 -8.93 7.06
CA SER B 450 10.72 -8.80 8.48
C SER B 450 10.26 -10.13 9.06
N GLU B 451 9.59 -10.94 8.25
CA GLU B 451 9.15 -12.26 8.66
C GLU B 451 10.33 -13.23 8.82
N ALA B 452 11.26 -13.20 7.86
CA ALA B 452 12.41 -14.10 7.95
C ALA B 452 13.27 -13.76 9.17
N GLU B 453 13.38 -12.47 9.47
CA GLU B 453 14.13 -11.97 10.64
C GLU B 453 13.45 -12.40 11.93
N ARG B 454 12.13 -12.30 11.95
CA ARG B 454 11.31 -12.77 13.06
C ARG B 454 11.46 -14.27 13.35
N LEU B 455 11.51 -15.08 12.29
CA LEU B 455 11.25 -16.51 12.41
C LEU B 455 12.50 -17.38 12.38
N ARG B 456 13.60 -16.84 11.88
CA ARG B 456 14.83 -17.60 11.67
C ARG B 456 15.37 -18.35 12.90
N ASP B 457 15.11 -17.83 14.08
CA ASP B 457 15.75 -18.37 15.28
C ASP B 457 14.79 -19.27 16.05
N HIS B 458 13.66 -19.57 15.41
CA HIS B 458 12.70 -20.48 16.01
C HIS B 458 12.90 -21.87 15.46
N PRO B 459 13.33 -22.82 16.31
CA PRO B 459 13.54 -24.23 15.95
C PRO B 459 12.29 -24.92 15.41
N SER B 460 11.12 -24.50 15.88
CA SER B 460 9.89 -25.14 15.47
C SER B 460 9.58 -24.90 14.00
N VAL B 461 10.12 -23.82 13.44
CA VAL B 461 9.86 -23.48 12.02
C VAL B 461 10.61 -24.48 11.15
N ILE B 462 9.91 -25.18 10.26
CA ILE B 462 10.55 -26.20 9.44
C ILE B 462 10.69 -25.80 7.96
N SER B 463 10.00 -24.73 7.57
CA SER B 463 10.02 -24.17 6.19
C SER B 463 9.22 -22.87 6.05
N PHE B 464 9.34 -22.21 4.91
CA PHE B 464 8.45 -21.11 4.54
C PHE B 464 7.93 -21.31 3.12
N HIS B 465 6.63 -21.21 2.97
CA HIS B 465 6.00 -21.24 1.67
C HIS B 465 5.93 -19.82 1.11
N ILE B 466 6.63 -19.58 0.00
CA ILE B 466 6.55 -18.28 -0.68
C ILE B 466 5.33 -18.19 -1.63
N GLY B 467 4.55 -19.24 -1.68
CA GLY B 467 3.34 -19.27 -2.51
C GLY B 467 2.46 -20.33 -1.95
N SER B 468 1.15 -20.20 -2.16
CA SER B 468 0.21 -21.18 -1.63
C SER B 468 -0.49 -21.93 -2.76
N ASP B 469 -1.53 -21.36 -3.36
CA ASP B 469 -2.13 -21.92 -4.58
C ASP B 469 -1.24 -21.70 -5.80
N PHE B 470 -0.76 -20.47 -5.97
CA PHE B 470 0.13 -20.15 -7.08
C PHE B 470 1.56 -19.86 -6.64
N ALA B 471 2.52 -20.44 -7.35
CA ALA B 471 3.94 -20.11 -7.15
C ALA B 471 4.22 -18.66 -7.56
N PRO B 472 5.18 -17.99 -6.89
CA PRO B 472 5.43 -16.61 -7.33
C PRO B 472 6.03 -16.64 -8.74
N ASP B 473 6.05 -15.50 -9.41
CA ASP B 473 6.77 -15.40 -10.69
C ASP B 473 8.23 -15.10 -10.36
N ARG B 474 9.07 -14.99 -11.39
CA ARG B 474 10.52 -14.88 -11.22
C ARG B 474 10.93 -13.66 -10.42
N ARG B 475 10.42 -12.50 -10.84
CA ARG B 475 10.68 -11.24 -10.15
C ARG B 475 10.34 -11.27 -8.65
N ILE B 476 9.17 -11.83 -8.34
CA ILE B 476 8.65 -11.81 -6.99
C ILE B 476 9.40 -12.84 -6.16
N GLU B 477 9.61 -14.04 -6.72
CA GLU B 477 10.40 -15.07 -6.07
C GLU B 477 11.81 -14.59 -5.78
N GLN B 478 12.39 -13.88 -6.74
CA GLN B 478 13.75 -13.36 -6.55
C GLN B 478 13.77 -12.37 -5.38
N GLY B 479 12.78 -11.49 -5.31
CA GLY B 479 12.61 -10.58 -4.18
C GLY B 479 12.64 -11.32 -2.84
N TYR B 480 11.82 -12.38 -2.75
CA TYR B 480 11.68 -13.15 -1.52
C TYR B 480 12.98 -13.87 -1.13
N LEU B 481 13.58 -14.55 -2.09
CA LEU B 481 14.82 -15.24 -1.86
C LEU B 481 15.91 -14.27 -1.35
N ASP B 482 15.95 -13.07 -1.95
CA ASP B 482 16.97 -12.07 -1.64
C ASP B 482 16.80 -11.59 -0.19
N ALA B 483 15.55 -11.26 0.16
CA ALA B 483 15.15 -10.93 1.53
C ALA B 483 15.53 -12.02 2.55
N MET B 484 15.27 -13.28 2.22
CA MET B 484 15.63 -14.36 3.10
C MET B 484 17.16 -14.52 3.22
N LYS B 485 17.88 -14.25 2.13
CA LYS B 485 19.35 -14.29 2.18
C LYS B 485 19.90 -13.18 3.05
N ALA B 486 19.39 -11.95 2.89
CA ALA B 486 19.85 -10.84 3.74
C ALA B 486 19.55 -11.11 5.22
N ALA B 487 18.48 -11.85 5.49
CA ALA B 487 18.06 -12.19 6.85
C ALA B 487 18.78 -13.43 7.41
N ASP B 488 19.68 -14.05 6.63
CA ASP B 488 20.26 -15.35 7.01
C ASP B 488 19.17 -16.36 7.41
N PHE B 489 18.05 -16.32 6.68
CA PHE B 489 17.00 -17.31 6.83
C PHE B 489 17.33 -18.54 6.02
N LEU B 490 17.65 -19.63 6.69
CA LEU B 490 18.22 -20.75 5.98
C LEU B 490 17.29 -21.94 5.80
N LEU B 491 16.01 -21.77 6.10
CA LEU B 491 15.12 -22.91 6.16
C LEU B 491 14.64 -23.27 4.78
N PRO B 492 14.04 -24.46 4.61
CA PRO B 492 13.57 -24.84 3.28
C PRO B 492 12.47 -23.91 2.72
N VAL B 493 12.59 -23.51 1.46
CA VAL B 493 11.62 -22.64 0.87
C VAL B 493 10.73 -23.52 0.00
N ILE B 494 9.42 -23.41 0.21
CA ILE B 494 8.49 -24.14 -0.65
C ILE B 494 7.79 -23.16 -1.54
N PRO B 495 7.89 -23.39 -2.86
CA PRO B 495 7.36 -22.49 -3.87
C PRO B 495 5.84 -22.45 -3.84
N ALA B 496 5.21 -23.60 -3.57
CA ALA B 496 3.75 -23.66 -3.41
C ALA B 496 3.28 -24.82 -2.55
N ALA B 497 2.00 -24.78 -2.17
CA ALA B 497 1.34 -25.89 -1.51
C ALA B 497 0.62 -26.73 -2.57
N SER B 498 0.46 -26.15 -3.77
CA SER B 498 -0.04 -26.88 -4.94
C SER B 498 1.13 -27.51 -5.67
N ALA B 499 0.85 -28.24 -6.75
CA ALA B 499 1.91 -28.87 -7.53
C ALA B 499 2.60 -27.89 -8.47
N ARG B 500 2.23 -26.62 -8.35
CA ARG B 500 2.76 -25.60 -9.23
C ARG B 500 4.22 -25.28 -8.89
N PRO B 501 5.10 -25.26 -9.91
CA PRO B 501 6.48 -24.87 -9.64
C PRO B 501 6.69 -23.37 -9.79
N SER B 502 7.74 -22.85 -9.16
CA SER B 502 8.23 -21.50 -9.37
C SER B 502 9.45 -21.56 -10.30
N PRO B 503 9.83 -20.42 -10.92
CA PRO B 503 10.98 -20.45 -11.83
C PRO B 503 12.35 -20.77 -11.17
N ILE B 504 12.62 -20.23 -9.99
CA ILE B 504 13.96 -20.42 -9.42
C ILE B 504 14.01 -21.62 -8.50
N THR B 505 13.22 -21.60 -7.42
CA THR B 505 13.20 -22.69 -6.42
C THR B 505 12.72 -24.02 -6.99
N GLY B 506 11.86 -23.98 -8.00
CA GLY B 506 11.51 -25.19 -8.76
C GLY B 506 10.22 -25.89 -8.32
N ALA B 507 10.22 -27.22 -8.40
CA ALA B 507 9.05 -28.04 -8.06
C ALA B 507 8.69 -27.97 -6.56
N SER B 508 7.40 -27.98 -6.22
CA SER B 508 7.01 -27.94 -4.81
C SER B 508 7.19 -29.27 -4.07
N GLY B 509 6.89 -30.37 -4.77
CA GLY B 509 6.81 -31.68 -4.18
C GLY B 509 5.58 -31.85 -3.31
N MET B 510 4.56 -31.02 -3.57
CA MET B 510 3.31 -31.02 -2.81
C MET B 510 2.10 -31.08 -3.74
N LYS B 511 0.94 -31.44 -3.18
CA LYS B 511 -0.28 -31.44 -3.98
C LYS B 511 -1.46 -30.70 -3.33
N MET B 512 -2.24 -30.03 -4.18
CA MET B 512 -3.49 -29.38 -3.78
C MET B 512 -4.63 -29.84 -4.70
N ASN B 513 -4.94 -31.13 -4.64
CA ASN B 513 -5.93 -31.72 -5.52
C ASN B 513 -7.32 -31.80 -4.91
N GLY B 514 -7.53 -31.22 -3.75
CA GLY B 514 -8.75 -31.50 -2.98
C GLY B 514 -8.72 -32.92 -2.40
N PRO B 515 -9.84 -33.38 -1.79
CA PRO B 515 -11.14 -32.79 -1.56
C PRO B 515 -11.20 -31.77 -0.40
N TYR B 516 -12.31 -31.06 -0.32
CA TYR B 516 -12.59 -30.11 0.73
C TYR B 516 -14.00 -30.31 1.17
N ASP B 517 -14.60 -31.43 0.73
CA ASP B 517 -16.00 -31.75 1.02
C ASP B 517 -16.18 -33.26 0.92
N TYR B 518 -17.40 -33.75 1.12
CA TYR B 518 -17.53 -35.17 1.44
C TYR B 518 -17.00 -36.14 0.40
N VAL B 519 -16.09 -37.00 0.87
CA VAL B 519 -15.67 -38.23 0.21
C VAL B 519 -15.69 -39.33 1.28
N PRO B 520 -15.97 -40.60 0.89
CA PRO B 520 -16.02 -41.72 1.83
C PRO B 520 -14.62 -42.20 2.28
N PRO B 521 -14.55 -42.87 3.45
CA PRO B 521 -13.22 -43.24 3.98
C PRO B 521 -12.27 -43.91 2.98
N VAL B 522 -12.76 -44.92 2.25
CA VAL B 522 -11.91 -45.63 1.27
C VAL B 522 -11.26 -44.70 0.25
N TYR B 523 -11.87 -43.54 0.01
CA TYR B 523 -11.27 -42.57 -0.91
C TYR B 523 -9.81 -42.32 -0.56
N TRP B 524 -9.53 -42.15 0.73
CA TRP B 524 -8.19 -41.75 1.15
C TRP B 524 -7.11 -42.78 0.83
N TYR B 525 -7.54 -44.02 0.57
CA TYR B 525 -6.59 -45.12 0.29
C TYR B 525 -6.11 -45.23 -1.16
N ASP B 526 -6.58 -44.31 -2.01
CA ASP B 526 -6.35 -44.41 -3.43
C ASP B 526 -5.00 -43.86 -3.82
N LYS B 527 -4.31 -44.60 -4.69
CA LYS B 527 -3.04 -44.18 -5.29
C LYS B 527 -3.10 -44.17 -6.82
N SER B 528 -4.23 -44.61 -7.37
CA SER B 528 -4.40 -44.78 -8.82
C SER B 528 -4.79 -43.51 -9.60
N GLN B 529 -5.53 -42.60 -8.95
CA GLN B 529 -5.90 -41.32 -9.56
C GLN B 529 -4.86 -40.20 -9.34
N LYS B 530 -4.23 -39.73 -10.41
CA LYS B 530 -3.11 -38.79 -10.35
C LYS B 530 -3.55 -37.37 -10.01
N ASP B 531 -4.83 -37.08 -10.25
CA ASP B 531 -5.42 -35.76 -10.01
C ASP B 531 -6.23 -35.62 -8.72
N ARG B 532 -6.06 -36.55 -7.78
CA ARG B 532 -6.87 -36.56 -6.56
C ARG B 532 -6.02 -36.61 -5.28
N GLY B 533 -6.70 -36.65 -4.14
CA GLY B 533 -6.07 -36.47 -2.83
C GLY B 533 -5.74 -37.73 -2.05
N GLY B 534 -5.63 -38.86 -2.73
CA GLY B 534 -5.18 -40.10 -2.10
C GLY B 534 -3.88 -39.96 -1.32
N ALA B 535 -3.64 -40.87 -0.38
CA ALA B 535 -2.43 -40.89 0.43
C ALA B 535 -1.23 -41.18 -0.44
N TRP B 536 -0.73 -40.15 -1.09
CA TRP B 536 0.54 -40.25 -1.81
C TRP B 536 1.02 -38.83 -2.05
N SER B 537 2.34 -38.63 -2.09
CA SER B 537 2.95 -37.29 -2.10
C SER B 537 2.62 -36.49 -0.81
N PHE B 538 2.74 -35.16 -0.88
CA PHE B 538 2.54 -34.30 0.31
C PHE B 538 1.21 -33.58 0.22
N ASN B 539 0.21 -34.09 0.93
CA ASN B 539 -1.12 -33.43 0.98
C ASN B 539 -1.09 -32.17 1.87
N SER B 540 -0.88 -31.02 1.26
CA SER B 540 -0.70 -29.76 1.98
C SER B 540 -1.98 -29.19 2.63
N GLU B 541 -3.14 -29.68 2.21
CA GLU B 541 -4.40 -29.17 2.72
C GLU B 541 -5.60 -29.90 2.14
N THR B 542 -6.24 -30.73 2.96
CA THR B 542 -7.36 -31.52 2.46
C THR B 542 -8.19 -32.10 3.58
N SER B 543 -9.50 -32.14 3.35
CA SER B 543 -10.41 -32.80 4.28
C SER B 543 -11.67 -33.23 3.55
N ALA B 544 -12.59 -33.83 4.32
CA ALA B 544 -13.91 -34.20 3.81
C ALA B 544 -15.00 -33.17 4.15
N GLY B 545 -14.60 -31.97 4.56
CA GLY B 545 -15.53 -30.82 4.64
C GLY B 545 -16.19 -30.55 5.98
N VAL B 546 -17.45 -30.94 6.08
CA VAL B 546 -18.32 -30.63 7.20
C VAL B 546 -17.88 -31.35 8.49
N ASP B 547 -17.89 -30.59 9.59
CA ASP B 547 -17.48 -31.07 10.89
C ASP B 547 -18.40 -30.40 11.93
N ILE B 548 -19.59 -30.94 12.10
CA ILE B 548 -20.57 -30.46 13.10
C ILE B 548 -19.92 -30.55 14.48
N PRO B 549 -19.87 -29.42 15.21
CA PRO B 549 -19.32 -29.44 16.56
C PRO B 549 -20.21 -30.22 17.53
N THR B 550 -19.86 -30.22 18.82
CA THR B 550 -20.67 -30.90 19.83
C THR B 550 -22.00 -30.18 20.00
N MET B 551 -23.01 -30.91 20.48
CA MET B 551 -24.30 -30.29 20.79
C MET B 551 -24.10 -29.06 21.65
N ASP B 552 -23.18 -29.13 22.60
CA ASP B 552 -22.95 -28.00 23.50
C ASP B 552 -22.52 -26.73 22.77
N THR B 553 -21.63 -26.88 21.79
CA THR B 553 -21.16 -25.75 21.01
C THR B 553 -22.25 -25.25 20.05
N LEU B 554 -22.93 -26.20 19.40
CA LEU B 554 -24.08 -25.90 18.53
C LEU B 554 -25.07 -24.89 19.13
N LYS B 555 -25.48 -25.16 20.37
CA LYS B 555 -26.50 -24.38 21.05
C LYS B 555 -25.95 -23.04 21.49
N ARG B 556 -24.63 -22.86 21.43
CA ARG B 556 -24.01 -21.56 21.77
C ARG B 556 -23.86 -20.68 20.55
N MET B 557 -23.90 -21.30 19.37
CA MET B 557 -23.57 -20.64 18.09
C MET B 557 -24.75 -20.44 17.12
N MET B 558 -25.83 -21.23 17.30
CA MET B 558 -26.98 -21.16 16.41
C MET B 558 -28.29 -21.26 17.19
N SER B 559 -29.38 -20.71 16.65
CA SER B 559 -30.68 -20.76 17.33
C SER B 559 -31.33 -22.09 17.05
N ALA B 560 -32.40 -22.39 17.78
CA ALA B 560 -33.11 -23.64 17.56
C ALA B 560 -33.65 -23.70 16.15
N SER B 561 -34.08 -22.56 15.61
CA SER B 561 -34.63 -22.56 14.24
C SER B 561 -33.58 -22.82 13.16
N GLU B 562 -32.39 -22.21 13.31
CA GLU B 562 -31.22 -22.51 12.45
C GLU B 562 -30.81 -23.97 12.57
N LEU B 563 -30.75 -24.48 13.79
CA LEU B 563 -30.35 -25.88 13.99
C LEU B 563 -31.38 -26.84 13.36
N ASP B 564 -32.65 -26.47 13.46
CA ASP B 564 -33.74 -27.25 12.88
C ASP B 564 -33.67 -27.28 11.35
N THR B 565 -33.31 -26.15 10.75
CA THR B 565 -33.11 -26.04 9.31
C THR B 565 -31.86 -26.81 8.93
N MET B 566 -30.88 -26.83 9.82
CA MET B 566 -29.65 -27.59 9.54
C MET B 566 -29.95 -29.08 9.25
N TRP B 567 -30.67 -29.75 10.16
CA TRP B 567 -30.88 -31.20 9.99
C TRP B 567 -31.99 -31.57 9.01
N LYS B 568 -33.05 -30.76 8.95
CA LYS B 568 -34.11 -30.97 7.95
C LYS B 568 -33.63 -30.71 6.52
N ASN B 569 -32.77 -29.71 6.36
CA ASN B 569 -32.31 -29.36 5.02
C ASN B 569 -30.84 -28.92 4.94
N PRO B 570 -29.93 -29.90 4.98
CA PRO B 570 -28.48 -29.68 4.83
C PRO B 570 -28.12 -28.85 3.60
N SER B 571 -28.99 -28.87 2.59
CA SER B 571 -28.81 -28.10 1.36
C SER B 571 -28.91 -26.58 1.52
N ALA B 572 -29.49 -26.12 2.61
CA ALA B 572 -29.66 -24.70 2.81
C ALA B 572 -28.35 -24.00 3.22
N LYS B 573 -28.17 -22.76 2.76
CA LYS B 573 -27.01 -21.94 3.16
C LYS B 573 -26.88 -21.92 4.66
N GLN B 574 -25.64 -21.99 5.13
CA GLN B 574 -25.38 -21.74 6.55
C GLN B 574 -24.33 -20.66 6.73
N TYR B 575 -24.69 -19.63 7.51
CA TYR B 575 -23.78 -18.53 7.79
C TYR B 575 -22.50 -19.02 8.48
N HIS B 576 -22.63 -19.97 9.40
CA HIS B 576 -21.44 -20.53 10.08
C HIS B 576 -20.74 -21.68 9.37
N ARG B 577 -21.04 -21.90 8.09
CA ARG B 577 -20.08 -22.61 7.26
C ARG B 577 -19.17 -21.59 6.56
N SER B 578 -19.47 -21.23 5.32
CA SER B 578 -18.63 -20.35 4.55
C SER B 578 -19.36 -19.25 3.78
N SER B 579 -18.68 -18.13 3.58
CA SER B 579 -19.17 -17.08 2.69
C SER B 579 -19.17 -17.59 1.25
N SER B 580 -18.39 -18.63 0.99
CA SER B 580 -18.24 -19.23 -0.33
C SER B 580 -19.49 -19.97 -0.79
N ASP B 581 -19.84 -19.84 -2.06
CA ASP B 581 -21.04 -20.51 -2.58
C ASP B 581 -20.81 -22.01 -2.73
N THR B 582 -19.57 -22.36 -3.03
CA THR B 582 -19.17 -23.74 -3.15
C THR B 582 -19.26 -24.44 -1.80
N PHE B 583 -18.93 -23.73 -0.71
CA PHE B 583 -19.01 -24.32 0.63
C PHE B 583 -20.01 -23.60 1.49
N GLY B 584 -21.12 -23.20 0.90
CA GLY B 584 -22.11 -22.42 1.62
C GLY B 584 -23.10 -23.30 2.36
N ASN B 585 -23.21 -24.56 1.93
CA ASN B 585 -24.19 -25.48 2.49
C ASN B 585 -23.60 -26.82 2.88
N LEU B 586 -24.44 -27.68 3.45
CA LEU B 586 -24.02 -29.02 3.90
C LEU B 586 -24.63 -30.12 3.03
N LYS B 587 -24.97 -29.79 1.78
CA LYS B 587 -25.65 -30.72 0.88
C LYS B 587 -24.91 -32.05 0.74
N LEU B 588 -23.70 -32.03 0.17
CA LEU B 588 -22.93 -33.26 -0.06
C LEU B 588 -22.72 -34.11 1.21
N PHE B 589 -22.60 -33.44 2.36
CA PHE B 589 -22.52 -34.11 3.66
C PHE B 589 -23.85 -34.70 4.12
N GLY B 590 -24.92 -33.93 3.99
CA GLY B 590 -26.23 -34.40 4.42
C GLY B 590 -26.73 -35.56 3.58
N ASP B 591 -26.45 -35.51 2.26
CA ASP B 591 -26.82 -36.60 1.35
C ASP B 591 -26.10 -37.91 1.71
N ALA B 592 -24.79 -37.85 1.89
CA ALA B 592 -24.01 -39.04 2.25
C ALA B 592 -24.38 -39.55 3.65
N LEU B 593 -24.68 -38.63 4.57
CA LEU B 593 -25.11 -39.03 5.92
C LEU B 593 -26.38 -39.85 5.84
N THR B 594 -27.35 -39.32 5.09
CA THR B 594 -28.63 -40.00 4.85
C THR B 594 -28.42 -41.36 4.20
N LYS B 595 -27.59 -41.41 3.15
CA LYS B 595 -27.36 -42.68 2.44
C LYS B 595 -26.52 -43.73 3.16
N ARG B 596 -25.59 -43.29 4.01
CA ARG B 596 -24.67 -44.21 4.68
C ARG B 596 -25.12 -44.62 6.08
N TYR B 597 -25.63 -43.67 6.86
CA TYR B 597 -26.11 -43.90 8.24
C TYR B 597 -27.64 -44.02 8.36
N GLY B 598 -28.37 -43.63 7.31
CA GLY B 598 -29.84 -43.56 7.37
C GLY B 598 -30.32 -42.14 7.66
N ALA B 599 -31.49 -41.81 7.14
CA ALA B 599 -32.09 -40.50 7.31
C ALA B 599 -32.28 -40.13 8.78
N SER B 600 -32.18 -38.84 9.09
CA SER B 600 -32.28 -38.36 10.48
C SER B 600 -33.70 -38.14 10.96
N ALA B 601 -33.95 -38.53 12.20
CA ALA B 601 -35.29 -38.52 12.80
C ALA B 601 -35.54 -37.22 13.52
N ASN B 602 -34.43 -36.52 13.84
CA ASN B 602 -34.44 -35.25 14.60
C ASN B 602 -33.02 -34.66 14.67
N LEU B 603 -32.88 -33.51 15.35
CA LEU B 603 -31.58 -32.85 15.50
C LEU B 603 -30.56 -33.79 16.16
N ASN B 604 -30.94 -34.39 17.30
CA ASN B 604 -30.04 -35.31 18.01
C ASN B 604 -29.46 -36.42 17.13
N ASP B 605 -30.31 -37.03 16.29
CA ASP B 605 -29.93 -38.13 15.44
C ASP B 605 -28.92 -37.68 14.41
N PHE B 606 -29.21 -36.52 13.82
CA PHE B 606 -28.32 -35.91 12.82
C PHE B 606 -26.92 -35.73 13.40
N VAL B 607 -26.85 -35.10 14.57
CA VAL B 607 -25.60 -34.77 15.26
C VAL B 607 -24.78 -36.03 15.58
N ARG B 608 -25.46 -37.02 16.14
CA ARG B 608 -24.85 -38.29 16.55
C ARG B 608 -24.31 -39.07 15.37
N LYS B 609 -24.94 -38.92 14.20
CA LYS B 609 -24.47 -39.61 13.01
C LYS B 609 -23.32 -38.82 12.43
N ALA B 610 -23.39 -37.50 12.57
CA ALA B 610 -22.33 -36.60 12.07
C ALA B 610 -21.01 -36.89 12.80
N GLN B 611 -21.09 -37.01 14.14
CA GLN B 611 -19.93 -37.36 14.94
C GLN B 611 -19.25 -38.63 14.44
N LEU B 612 -20.05 -39.66 14.14
CA LEU B 612 -19.49 -40.94 13.70
C LEU B 612 -18.88 -40.84 12.33
N SER B 613 -19.59 -40.17 11.44
CA SER B 613 -19.14 -39.95 10.08
C SER B 613 -17.82 -39.21 10.13
N GLN B 614 -17.75 -38.18 10.98
CA GLN B 614 -16.57 -37.35 11.10
C GLN B 614 -15.42 -38.11 11.74
N TYR B 615 -15.71 -38.86 12.81
CA TYR B 615 -14.74 -39.80 13.40
C TYR B 615 -14.23 -40.74 12.33
N GLU B 616 -15.16 -41.50 11.74
CA GLU B 616 -14.84 -42.50 10.69
C GLU B 616 -13.93 -41.97 9.57
N ASN B 617 -14.27 -40.79 9.05
CA ASN B 617 -13.58 -40.20 7.92
C ASN B 617 -12.21 -39.62 8.28
N VAL B 618 -12.17 -38.87 9.37
CA VAL B 618 -10.94 -38.22 9.82
C VAL B 618 -9.90 -39.31 10.17
N ARG B 619 -10.35 -40.33 10.89
CA ARG B 619 -9.53 -41.50 11.19
C ARG B 619 -8.97 -42.10 9.91
N ALA B 620 -9.82 -42.26 8.90
CA ALA B 620 -9.35 -42.84 7.64
C ALA B 620 -8.34 -41.93 6.91
N GLU B 621 -8.60 -40.61 6.94
CA GLU B 621 -7.70 -39.67 6.28
C GLU B 621 -6.26 -39.85 6.81
N PHE B 622 -6.10 -39.81 8.12
CA PHE B 622 -4.78 -39.94 8.71
C PHE B 622 -4.22 -41.32 8.55
N GLU B 623 -5.01 -42.33 8.90
CA GLU B 623 -4.52 -43.72 8.88
C GLU B 623 -3.92 -44.18 7.54
N SER B 624 -4.53 -43.74 6.43
CA SER B 624 -4.01 -44.05 5.09
C SER B 624 -2.63 -43.47 4.85
N HIS B 625 -2.50 -42.20 5.22
CA HIS B 625 -1.26 -41.48 5.05
C HIS B 625 -0.15 -42.03 5.93
N SER B 626 -0.50 -42.48 7.15
CA SER B 626 0.46 -43.14 8.03
C SER B 626 0.93 -44.45 7.40
N ARG B 627 0.02 -45.18 6.78
CA ARG B 627 0.35 -46.50 6.24
C ARG B 627 1.22 -46.38 4.98
N ASN B 628 0.85 -45.46 4.11
CA ASN B 628 1.53 -45.33 2.84
C ASN B 628 2.83 -44.54 2.97
N TYR B 629 3.13 -44.08 4.18
CA TYR B 629 4.38 -43.36 4.43
C TYR B 629 5.62 -44.16 3.99
N THR B 630 5.61 -45.47 4.25
CA THR B 630 6.75 -46.34 3.93
C THR B 630 6.67 -47.14 2.60
N ASP B 631 5.75 -46.78 1.70
CA ASP B 631 5.73 -47.39 0.36
C ASP B 631 7.02 -47.07 -0.40
N SER B 632 7.52 -48.02 -1.18
CA SER B 632 8.77 -47.77 -1.93
C SER B 632 8.57 -46.85 -3.13
N THR B 633 7.37 -46.88 -3.71
CA THR B 633 7.00 -45.99 -4.82
C THR B 633 5.85 -45.07 -4.38
N ASN B 634 6.02 -43.77 -4.67
CA ASN B 634 5.01 -42.76 -4.37
C ASN B 634 4.45 -42.78 -2.94
N PRO B 635 5.30 -42.67 -1.92
CA PRO B 635 4.75 -42.68 -0.56
C PRO B 635 4.04 -41.39 -0.20
N SER B 636 3.14 -41.46 0.78
CA SER B 636 2.63 -40.25 1.44
C SER B 636 3.74 -39.67 2.31
N THR B 637 4.03 -38.38 2.15
CA THR B 637 5.14 -37.75 2.86
C THR B 637 4.65 -36.62 3.78
N GLY B 638 3.35 -36.41 3.81
CA GLY B 638 2.78 -35.28 4.57
C GLY B 638 1.28 -35.18 4.44
N LEU B 639 0.64 -34.78 5.53
CA LEU B 639 -0.80 -34.52 5.54
C LEU B 639 -1.11 -33.39 6.49
N ILE B 640 -1.70 -32.34 5.93
CA ILE B 640 -2.18 -31.21 6.70
C ILE B 640 -3.71 -31.26 6.60
N TYR B 641 -4.36 -31.64 7.69
CA TYR B 641 -5.82 -31.70 7.71
C TYR B 641 -6.35 -30.29 7.56
N TRP B 642 -7.33 -30.11 6.68
CA TRP B 642 -7.90 -28.79 6.48
C TRP B 642 -9.23 -28.73 7.24
N MET B 643 -9.28 -28.10 8.42
CA MET B 643 -8.19 -27.38 9.07
C MET B 643 -8.15 -27.85 10.52
N LEU B 644 -7.05 -27.57 11.23
CA LEU B 644 -6.96 -27.91 12.67
C LEU B 644 -8.11 -27.30 13.44
N ASN B 645 -8.46 -26.07 13.07
CA ASN B 645 -9.42 -25.29 13.80
C ASN B 645 -9.96 -24.17 12.93
N SER B 646 -10.84 -23.38 13.54
CA SER B 646 -11.61 -22.38 12.86
C SER B 646 -11.37 -20.97 13.44
N PRO B 647 -11.54 -19.92 12.62
CA PRO B 647 -11.45 -18.53 13.09
C PRO B 647 -12.57 -18.15 14.07
N TRP B 648 -13.64 -18.94 14.05
CA TRP B 648 -14.83 -18.62 14.81
C TRP B 648 -15.67 -19.89 15.01
N THR B 649 -16.91 -19.72 15.46
CA THR B 649 -17.86 -20.83 15.54
C THR B 649 -18.22 -21.30 14.14
N SER B 650 -18.01 -22.58 13.88
CA SER B 650 -18.04 -23.07 12.53
C SER B 650 -18.74 -24.41 12.37
N LEU B 651 -19.15 -24.72 11.14
CA LEU B 651 -19.67 -26.03 10.82
C LEU B 651 -18.71 -26.88 10.00
N HIS B 652 -17.52 -26.37 9.68
CA HIS B 652 -16.65 -27.13 8.77
C HIS B 652 -15.15 -26.97 9.03
N TRP B 653 -14.35 -27.85 8.45
CA TRP B 653 -12.88 -27.75 8.43
C TRP B 653 -12.28 -27.46 9.79
N GLN B 654 -12.56 -28.31 10.78
CA GLN B 654 -12.00 -28.12 12.10
C GLN B 654 -11.78 -29.46 12.79
N LEU B 655 -10.93 -29.46 13.81
CA LEU B 655 -10.79 -30.64 14.64
C LEU B 655 -11.29 -30.28 16.01
N PHE B 656 -10.74 -29.22 16.58
CA PHE B 656 -11.36 -28.63 17.75
C PHE B 656 -12.06 -27.36 17.32
N ASP B 657 -13.19 -27.07 17.97
CA ASP B 657 -14.00 -25.89 17.68
C ASP B 657 -13.54 -24.66 18.45
N ALA B 658 -14.13 -23.52 18.10
CA ALA B 658 -13.76 -22.23 18.68
C ALA B 658 -13.73 -22.20 20.22
N TYR B 659 -14.51 -23.08 20.86
CA TYR B 659 -14.57 -23.11 22.32
C TYR B 659 -13.65 -24.15 22.90
N MET B 660 -12.90 -24.84 22.03
CA MET B 660 -11.99 -25.92 22.42
C MET B 660 -12.72 -27.22 22.74
N ASP B 661 -13.98 -27.34 22.33
CA ASP B 661 -14.68 -28.61 22.58
C ASP B 661 -14.21 -29.66 21.57
N GLN B 662 -14.44 -30.92 21.91
CA GLN B 662 -13.89 -32.06 21.20
C GLN B 662 -15.02 -33.00 20.80
N ASN B 663 -15.16 -33.21 19.49
CA ASN B 663 -16.24 -33.99 18.90
C ASN B 663 -15.69 -35.21 18.17
N GLY B 664 -16.48 -35.71 17.20
CA GLY B 664 -16.14 -36.89 16.45
C GLY B 664 -14.89 -36.74 15.62
N ALA B 665 -14.79 -35.60 14.92
CA ALA B 665 -13.61 -35.28 14.13
C ALA B 665 -12.37 -35.28 15.01
N TYR B 666 -12.46 -34.58 16.15
CA TYR B 666 -11.34 -34.50 17.09
C TYR B 666 -10.87 -35.88 17.53
N TYR B 667 -11.79 -36.72 18.00
CA TYR B 667 -11.42 -38.02 18.52
C TYR B 667 -10.95 -38.97 17.43
N GLY B 668 -11.47 -38.82 16.23
CA GLY B 668 -11.04 -39.63 15.10
C GLY B 668 -9.59 -39.37 14.71
N ALA B 669 -9.20 -38.08 14.76
CA ALA B 669 -7.83 -37.68 14.48
C ALA B 669 -6.90 -38.12 15.61
N LYS B 670 -7.31 -37.85 16.85
CA LYS B 670 -6.58 -38.35 18.01
C LYS B 670 -6.37 -39.87 17.94
N LYS B 671 -7.42 -40.62 17.61
CA LYS B 671 -7.34 -42.07 17.49
C LYS B 671 -6.30 -42.52 16.45
N ALA B 672 -6.30 -41.88 15.28
CA ALA B 672 -5.41 -42.29 14.20
C ALA B 672 -3.95 -42.00 14.49
N ASN B 673 -3.72 -41.01 15.34
CA ASN B 673 -2.39 -40.47 15.52
C ASN B 673 -1.72 -40.96 16.80
N GLU B 674 -2.30 -42.00 17.42
CA GLU B 674 -1.72 -42.63 18.61
C GLU B 674 -0.26 -43.01 18.35
N PRO B 675 0.62 -42.86 19.38
CA PRO B 675 2.06 -43.16 19.23
C PRO B 675 2.28 -44.64 18.88
N LEU B 676 1.54 -45.52 19.51
CA LEU B 676 1.65 -46.92 19.24
C LEU B 676 0.25 -47.40 18.89
N HIS B 677 -0.01 -47.65 17.61
CA HIS B 677 -1.38 -47.65 17.09
C HIS B 677 -1.70 -48.80 16.16
N ILE B 678 -2.93 -49.33 16.29
CA ILE B 678 -3.43 -50.42 15.42
C ILE B 678 -4.60 -49.89 14.59
N GLN B 679 -4.72 -50.30 13.34
CA GLN B 679 -5.68 -49.66 12.41
C GLN B 679 -6.13 -50.60 11.29
N TYR B 680 -7.37 -50.42 10.83
CA TYR B 680 -7.94 -51.25 9.78
C TYR B 680 -7.96 -50.47 8.48
N SER B 681 -7.39 -51.08 7.44
CA SER B 681 -7.30 -50.51 6.11
C SER B 681 -8.59 -50.72 5.35
N HIS B 682 -9.31 -49.64 5.04
CA HIS B 682 -10.57 -49.71 4.31
C HIS B 682 -10.48 -50.30 2.89
N ASP B 683 -9.31 -50.23 2.25
CA ASP B 683 -9.13 -50.75 0.87
C ASP B 683 -8.86 -52.26 0.75
N ASN B 684 -7.97 -52.80 1.58
CA ASN B 684 -7.60 -54.22 1.48
C ASN B 684 -7.82 -55.05 2.76
N ARG B 685 -8.47 -54.46 3.75
CA ARG B 685 -8.71 -55.10 5.05
C ARG B 685 -7.45 -55.58 5.78
N SER B 686 -6.28 -55.08 5.37
CA SER B 686 -5.08 -55.39 6.17
C SER B 686 -5.24 -54.74 7.53
N VAL B 687 -4.78 -55.43 8.56
CA VAL B 687 -4.77 -54.88 9.90
C VAL B 687 -3.33 -54.49 10.16
N VAL B 688 -3.11 -53.19 10.33
CA VAL B 688 -1.75 -52.66 10.37
C VAL B 688 -1.42 -51.99 11.71
N VAL B 689 -0.15 -52.04 12.07
CA VAL B 689 0.36 -51.42 13.29
C VAL B 689 1.38 -50.37 12.93
N ILE B 690 1.19 -49.15 13.45
CA ILE B 690 2.08 -48.02 13.20
C ILE B 690 2.76 -47.61 14.51
N ASN B 691 4.05 -47.33 14.44
CA ASN B 691 4.82 -46.91 15.62
C ASN B 691 5.36 -45.50 15.32
N GLN B 692 4.77 -44.50 15.96
CA GLN B 692 5.24 -43.13 15.77
C GLN B 692 6.50 -42.77 16.59
N THR B 693 6.74 -43.51 17.67
CA THR B 693 7.85 -43.20 18.61
C THR B 693 9.22 -43.29 17.97
N SER B 694 10.22 -42.74 18.65
CA SER B 694 11.59 -42.77 18.12
C SER B 694 12.37 -44.02 18.49
N ASN B 695 11.65 -45.05 18.97
CA ASN B 695 12.28 -46.33 19.28
C ASN B 695 11.50 -47.51 18.72
N ALA B 696 12.24 -48.43 18.09
CA ALA B 696 11.71 -49.73 17.65
C ALA B 696 10.98 -50.40 18.79
N VAL B 697 9.91 -51.10 18.47
CA VAL B 697 9.13 -51.83 19.47
C VAL B 697 8.95 -53.27 19.03
N SER B 698 9.05 -54.20 19.98
CA SER B 698 8.91 -55.60 19.67
C SER B 698 8.05 -56.30 20.72
N GLY B 699 7.76 -57.59 20.48
CA GLY B 699 6.91 -58.39 21.38
C GLY B 699 5.48 -57.89 21.54
N LEU B 700 4.95 -57.26 20.49
CA LEU B 700 3.59 -56.75 20.50
C LEU B 700 2.65 -57.82 20.00
N THR B 701 1.45 -57.83 20.53
CA THR B 701 0.40 -58.69 19.97
C THR B 701 -0.89 -57.96 19.52
N ALA B 702 -1.33 -58.28 18.30
CA ALA B 702 -2.58 -57.78 17.69
C ALA B 702 -3.73 -58.80 17.71
N THR B 703 -4.83 -58.38 18.31
CA THR B 703 -6.05 -59.17 18.37
C THR B 703 -7.11 -58.45 17.53
N THR B 704 -7.67 -59.17 16.56
CA THR B 704 -8.67 -58.58 15.68
C THR B 704 -9.87 -59.49 15.56
N LYS B 705 -11.02 -58.92 15.92
CA LYS B 705 -12.27 -59.65 15.98
C LYS B 705 -13.32 -58.95 15.18
N LEU B 706 -14.19 -59.75 14.57
CA LEU B 706 -15.38 -59.24 13.90
C LEU B 706 -16.63 -59.63 14.68
N TYR B 707 -17.60 -58.71 14.76
CA TYR B 707 -18.86 -59.00 15.38
C TYR B 707 -20.03 -58.55 14.54
N ASN B 708 -21.11 -59.31 14.57
CA ASN B 708 -22.38 -58.81 14.07
C ASN B 708 -23.00 -57.90 15.11
N LEU B 709 -23.94 -57.07 14.68
CA LEU B 709 -24.63 -56.15 15.58
C LEU B 709 -25.44 -56.82 16.70
N ASP B 710 -25.63 -58.14 16.63
CA ASP B 710 -26.31 -58.84 17.73
C ASP B 710 -25.29 -59.33 18.78
N GLY B 711 -24.01 -59.17 18.45
CA GLY B 711 -22.90 -59.53 19.34
C GLY B 711 -22.15 -60.79 18.94
N THR B 712 -22.71 -61.54 17.99
CA THR B 712 -22.11 -62.79 17.57
C THR B 712 -20.74 -62.50 17.00
N GLU B 713 -19.74 -63.14 17.59
CA GLU B 713 -18.38 -63.06 17.10
C GLU B 713 -18.30 -63.88 15.82
N LYS B 714 -17.74 -63.29 14.78
CA LYS B 714 -17.71 -63.89 13.46
C LYS B 714 -16.33 -64.25 13.00
N TYR B 715 -15.33 -63.59 13.59
CA TYR B 715 -13.93 -63.79 13.23
C TYR B 715 -13.03 -63.45 14.42
N SER B 716 -11.96 -64.23 14.55
CA SER B 716 -10.93 -63.99 15.55
C SER B 716 -9.54 -64.30 15.02
N ASN B 717 -8.59 -63.45 15.38
CA ASN B 717 -7.21 -63.64 15.01
C ASN B 717 -6.39 -63.01 16.11
N THR B 718 -5.33 -63.71 16.50
CA THR B 718 -4.40 -63.21 17.49
C THR B 718 -3.02 -63.41 16.88
N LYS B 719 -2.23 -62.34 16.87
CA LYS B 719 -0.95 -62.33 16.19
C LYS B 719 0.12 -61.82 17.14
N THR B 720 1.09 -62.67 17.41
CA THR B 720 2.13 -62.39 18.40
C THR B 720 3.47 -62.12 17.77
N GLY B 721 4.35 -61.53 18.59
CA GLY B 721 5.73 -61.29 18.21
C GLY B 721 5.86 -60.22 17.17
N LEU B 722 4.90 -59.30 17.10
CA LEU B 722 5.01 -58.18 16.18
C LEU B 722 6.08 -57.21 16.64
N SER B 723 7.00 -56.87 15.75
CA SER B 723 7.89 -55.73 16.02
C SER B 723 7.84 -54.70 14.90
N VAL B 724 7.97 -53.45 15.27
CA VAL B 724 7.83 -52.40 14.30
C VAL B 724 8.85 -51.30 14.57
N GLY B 725 9.51 -50.87 13.50
CA GLY B 725 10.56 -49.86 13.58
C GLY B 725 10.05 -48.49 13.99
N ALA B 726 10.98 -47.53 14.07
CA ALA B 726 10.72 -46.22 14.66
C ALA B 726 10.13 -45.22 13.67
N LEU B 727 9.59 -44.13 14.23
CA LEU B 727 9.30 -42.92 13.47
C LEU B 727 8.38 -43.13 12.26
N GLY B 728 7.34 -43.95 12.42
CA GLY B 728 6.32 -44.08 11.39
C GLY B 728 6.34 -45.37 10.60
N ALA B 729 7.24 -46.28 10.92
CA ALA B 729 7.30 -47.60 10.29
C ALA B 729 6.04 -48.35 10.67
N LYS B 730 5.70 -49.41 9.92
CA LYS B 730 4.48 -50.20 10.18
C LYS B 730 4.74 -51.72 10.29
N ALA B 731 3.71 -52.49 10.61
CA ALA B 731 3.73 -53.93 10.38
C ALA B 731 2.32 -54.46 10.12
N THR B 732 2.18 -55.40 9.19
CA THR B 732 0.89 -56.07 8.97
C THR B 732 0.73 -57.24 9.95
N ALA B 733 -0.38 -57.25 10.68
CA ALA B 733 -0.70 -58.31 11.64
C ALA B 733 -1.48 -59.45 11.00
N VAL B 734 -2.40 -59.09 10.11
CA VAL B 734 -3.17 -60.06 9.36
C VAL B 734 -4.04 -59.32 8.34
N THR B 735 -4.37 -59.99 7.23
CA THR B 735 -5.44 -59.48 6.36
C THR B 735 -6.73 -60.25 6.67
N VAL B 736 -7.75 -59.52 7.11
CA VAL B 736 -9.04 -60.11 7.37
C VAL B 736 -9.63 -60.72 6.09
N PRO B 737 -9.82 -62.05 6.07
CA PRO B 737 -10.46 -62.70 4.92
C PRO B 737 -11.95 -62.37 4.86
N ALA B 738 -12.57 -62.70 3.73
CA ALA B 738 -14.01 -62.55 3.60
C ALA B 738 -14.68 -63.50 4.59
N VAL B 739 -15.63 -62.99 5.36
CA VAL B 739 -16.28 -63.81 6.37
C VAL B 739 -17.76 -63.91 6.05
N SER B 740 -18.30 -65.11 6.16
CA SER B 740 -19.71 -65.39 5.88
C SER B 740 -20.63 -65.08 7.05
N GLY B 741 -21.81 -64.55 6.74
CA GLY B 741 -22.89 -64.35 7.70
C GLY B 741 -22.83 -63.05 8.46
N LEU B 742 -21.96 -62.14 8.04
CA LEU B 742 -21.87 -60.81 8.66
C LEU B 742 -23.15 -60.03 8.42
N SER B 743 -23.67 -59.42 9.48
CA SER B 743 -24.71 -58.42 9.30
C SER B 743 -24.20 -57.33 8.35
N THR B 744 -25.14 -56.71 7.62
CA THR B 744 -24.83 -55.68 6.62
C THR B 744 -23.95 -54.57 7.19
N THR B 745 -24.34 -54.05 8.35
CA THR B 745 -23.48 -53.24 9.18
C THR B 745 -22.93 -54.13 10.30
N TYR B 746 -21.61 -54.19 10.40
CA TYR B 746 -20.95 -55.00 11.44
C TYR B 746 -19.77 -54.26 12.10
N LEU B 747 -19.21 -54.88 13.14
CA LEU B 747 -18.12 -54.25 13.90
C LEU B 747 -16.81 -54.99 13.75
N ALA B 748 -15.73 -54.22 13.77
CA ALA B 748 -14.37 -54.75 13.80
C ALA B 748 -13.75 -54.21 15.07
N LYS B 749 -13.10 -55.08 15.82
CA LYS B 749 -12.46 -54.69 17.07
C LYS B 749 -10.97 -55.00 16.96
N ASN B 750 -10.15 -53.95 16.92
CA ASN B 750 -8.71 -54.10 16.94
C ASN B 750 -8.19 -53.74 18.34
N VAL B 751 -7.33 -54.59 18.89
CA VAL B 751 -6.70 -54.33 20.21
C VAL B 751 -5.21 -54.70 20.14
N LEU B 752 -4.35 -53.72 20.45
CA LEU B 752 -2.91 -53.93 20.46
C LEU B 752 -2.43 -53.95 21.90
N THR B 753 -1.51 -54.87 22.21
CA THR B 753 -0.93 -54.99 23.56
C THR B 753 0.58 -55.11 23.51
N ASP B 754 1.28 -54.56 24.51
CA ASP B 754 2.74 -54.66 24.53
C ASP B 754 3.25 -55.98 25.13
N SER B 755 4.57 -56.14 25.13
CA SER B 755 5.24 -57.29 25.74
C SER B 755 4.83 -57.46 27.22
N SER B 756 4.59 -56.33 27.88
CA SER B 756 4.07 -56.29 29.26
C SER B 756 2.59 -56.73 29.39
N GLY B 757 1.94 -56.98 28.27
CA GLY B 757 0.54 -57.37 28.25
C GLY B 757 -0.41 -56.20 28.37
N LYS B 758 0.11 -54.98 28.25
CA LYS B 758 -0.76 -53.80 28.40
C LYS B 758 -1.34 -53.30 27.08
N GLU B 759 -2.59 -52.86 27.13
CA GLU B 759 -3.31 -52.44 25.94
C GLU B 759 -2.82 -51.05 25.59
N VAL B 760 -2.16 -50.92 24.46
CA VAL B 760 -1.59 -49.65 24.05
C VAL B 760 -2.53 -48.91 23.08
N SER B 761 -3.35 -49.68 22.34
CA SER B 761 -4.27 -49.15 21.32
C SER B 761 -5.51 -50.00 21.15
N ARG B 762 -6.66 -49.34 21.18
CA ARG B 762 -7.93 -49.96 20.91
C ARG B 762 -8.58 -49.15 19.81
N ASN B 763 -9.08 -49.84 18.80
CA ASN B 763 -9.64 -49.18 17.65
C ASN B 763 -10.80 -50.00 17.14
N VAL B 764 -11.99 -49.41 17.14
CA VAL B 764 -13.17 -50.12 16.66
C VAL B 764 -13.77 -49.44 15.43
N TYR B 765 -14.04 -50.24 14.41
CA TYR B 765 -14.66 -49.76 13.20
C TYR B 765 -16.06 -50.31 13.02
N TRP B 766 -16.98 -49.44 12.63
CA TRP B 766 -18.29 -49.86 12.12
C TRP B 766 -18.20 -49.93 10.60
N LEU B 767 -18.40 -51.13 10.08
CA LEU B 767 -18.14 -51.45 8.68
C LEU B 767 -19.40 -51.98 7.98
N SER B 768 -19.32 -52.17 6.68
CA SER B 768 -20.47 -52.68 5.93
C SER B 768 -20.07 -53.77 4.95
N THR B 769 -21.00 -54.68 4.68
CA THR B 769 -20.81 -55.69 3.61
C THR B 769 -21.01 -55.01 2.25
N LYS B 770 -21.62 -53.82 2.29
CA LYS B 770 -21.79 -53.00 1.10
C LYS B 770 -20.74 -51.85 1.10
N ALA B 771 -19.92 -51.82 0.06
CA ALA B 771 -18.79 -50.90 -0.01
C ALA B 771 -19.15 -49.52 -0.56
N ASP B 772 -18.38 -48.52 -0.15
CA ASP B 772 -18.32 -47.24 -0.85
C ASP B 772 -17.41 -47.46 -2.05
N THR B 773 -17.83 -46.97 -3.21
CA THR B 773 -16.97 -47.00 -4.38
C THR B 773 -17.11 -45.62 -5.00
N LEU B 774 -16.07 -45.21 -5.70
CA LEU B 774 -16.01 -43.85 -6.20
C LEU B 774 -16.40 -43.71 -7.67
N ASN B 775 -17.16 -42.65 -7.97
CA ASN B 775 -17.38 -42.26 -9.36
C ASN B 775 -16.28 -41.30 -9.78
N TRP B 776 -15.09 -41.83 -10.01
CA TRP B 776 -13.97 -40.96 -10.29
C TRP B 776 -14.30 -39.94 -11.39
N GLY B 777 -14.98 -40.40 -12.44
CA GLY B 777 -15.26 -39.57 -13.61
C GLY B 777 -16.07 -38.33 -13.33
N GLY B 778 -17.08 -38.44 -12.47
CA GLY B 778 -17.89 -37.27 -12.11
C GLY B 778 -17.20 -36.39 -11.08
N SER B 779 -15.87 -36.49 -11.04
CA SER B 779 -15.05 -35.78 -10.07
C SER B 779 -15.09 -34.29 -10.37
N ASP B 780 -15.40 -33.49 -9.35
CA ASP B 780 -15.25 -32.05 -9.44
C ASP B 780 -13.89 -31.69 -8.83
N TRP B 781 -13.52 -30.41 -8.85
CA TRP B 781 -12.23 -29.96 -8.29
C TRP B 781 -12.07 -30.13 -6.74
N TYR B 782 -13.19 -30.25 -6.03
CA TYR B 782 -13.14 -30.20 -4.56
C TYR B 782 -13.72 -31.44 -3.88
N TYR B 783 -14.09 -32.45 -4.66
CA TYR B 783 -14.71 -33.68 -4.13
C TYR B 783 -14.98 -34.70 -5.23
N THR B 784 -15.15 -35.95 -4.82
CA THR B 784 -15.46 -37.02 -5.77
C THR B 784 -16.75 -37.70 -5.33
N PRO B 785 -17.75 -37.77 -6.22
CA PRO B 785 -19.03 -38.38 -5.88
C PRO B 785 -18.90 -39.90 -5.78
N GLN B 786 -19.95 -40.59 -5.34
CA GLN B 786 -19.83 -42.04 -5.13
C GLN B 786 -20.61 -42.82 -6.18
N SER B 787 -20.11 -44.00 -6.53
CA SER B 787 -20.83 -44.89 -7.44
C SER B 787 -21.58 -46.02 -6.68
N ALA B 788 -21.40 -46.04 -5.37
CA ALA B 788 -22.13 -46.90 -4.44
C ALA B 788 -21.85 -46.38 -3.04
N PHE B 789 -22.80 -46.55 -2.14
CA PHE B 789 -22.70 -46.04 -0.78
C PHE B 789 -22.72 -47.17 0.24
N ALA B 790 -21.78 -47.15 1.17
CA ALA B 790 -21.73 -48.14 2.25
C ALA B 790 -23.04 -48.11 3.01
N ASP B 791 -23.36 -49.23 3.64
CA ASP B 791 -24.55 -49.29 4.48
C ASP B 791 -24.18 -49.50 5.96
N LEU B 792 -24.15 -48.40 6.71
CA LEU B 792 -23.95 -48.44 8.18
C LEU B 792 -25.22 -48.12 8.98
N SER B 793 -26.36 -48.12 8.30
CA SER B 793 -27.65 -47.87 8.94
C SER B 793 -28.06 -48.88 10.02
N GLY B 794 -27.39 -50.03 10.09
CA GLY B 794 -27.64 -51.00 11.17
C GLY B 794 -27.48 -50.40 12.56
N LEU B 795 -26.63 -49.38 12.67
CA LEU B 795 -26.37 -48.68 13.94
C LEU B 795 -27.62 -48.16 14.63
N ASN B 796 -28.61 -47.75 13.83
CA ASN B 796 -29.92 -47.36 14.32
C ASN B 796 -30.59 -48.46 15.17
N ASN B 797 -30.27 -49.71 14.90
CA ASN B 797 -30.93 -50.85 15.58
C ASN B 797 -30.04 -51.65 16.52
N LEU B 798 -28.93 -51.05 16.94
CA LEU B 798 -28.05 -51.73 17.89
C LEU B 798 -28.78 -51.73 19.23
N GLY B 799 -29.10 -52.92 19.72
CA GLY B 799 -29.74 -53.06 21.02
C GLY B 799 -29.01 -52.27 22.09
N GLN B 800 -29.70 -51.87 23.14
CA GLN B 800 -29.09 -51.08 24.21
C GLN B 800 -28.17 -51.96 25.05
N SER B 801 -27.03 -51.38 25.43
CA SER B 801 -26.09 -52.00 26.34
C SER B 801 -25.99 -51.12 27.61
N ALA B 802 -24.98 -51.35 28.42
CA ALA B 802 -24.83 -50.50 29.61
C ALA B 802 -23.38 -50.26 29.99
N VAL B 803 -23.14 -49.16 30.67
CA VAL B 803 -21.81 -48.84 31.09
C VAL B 803 -21.84 -48.26 32.47
N GLY B 804 -21.02 -48.82 33.36
CA GLY B 804 -20.88 -48.33 34.71
C GLY B 804 -19.62 -47.50 34.81
N ALA B 805 -19.68 -46.43 35.60
CA ALA B 805 -18.57 -45.51 35.69
C ALA B 805 -18.25 -45.11 37.14
N THR B 806 -16.95 -45.04 37.44
CA THR B 806 -16.42 -44.50 38.68
C THR B 806 -15.56 -43.28 38.34
N ALA B 807 -15.72 -42.20 39.09
CA ALA B 807 -14.93 -40.98 38.86
C ALA B 807 -14.39 -40.34 40.15
N ASN B 808 -13.19 -39.78 40.07
CA ASN B 808 -12.55 -39.05 41.17
C ASN B 808 -11.51 -38.04 40.63
N SER B 809 -11.30 -36.96 41.37
CA SER B 809 -10.40 -35.89 40.92
C SER B 809 -9.37 -35.50 41.97
N VAL B 810 -8.20 -35.08 41.52
CA VAL B 810 -7.16 -34.61 42.41
C VAL B 810 -6.74 -33.22 41.95
N ALA B 811 -7.00 -32.23 42.79
CA ALA B 811 -6.54 -30.87 42.52
C ALA B 811 -5.06 -30.74 42.89
N GLY B 812 -4.18 -30.59 41.90
CA GLY B 812 -2.72 -30.56 42.12
C GLY B 812 -2.15 -29.19 42.39
N ALA B 813 -1.01 -29.15 43.07
CA ALA B 813 -0.33 -27.88 43.46
C ALA B 813 -0.11 -26.90 42.32
N ASP B 814 -0.03 -27.41 41.09
CA ASP B 814 0.26 -26.61 39.89
C ASP B 814 -0.95 -25.89 39.26
N GLY B 815 -2.13 -26.02 39.89
CA GLY B 815 -3.34 -25.35 39.41
C GLY B 815 -4.09 -26.16 38.36
N THR B 816 -3.68 -27.40 38.16
CA THR B 816 -4.40 -28.29 37.25
C THR B 816 -5.12 -29.34 38.08
N THR B 817 -6.20 -29.89 37.50
CA THR B 817 -6.91 -30.98 38.12
C THR B 817 -6.83 -32.19 37.22
N THR B 818 -6.64 -33.37 37.82
CA THR B 818 -6.77 -34.62 37.09
C THR B 818 -8.01 -35.40 37.54
N THR B 819 -8.91 -35.68 36.60
CA THR B 819 -10.04 -36.52 36.89
C THR B 819 -9.77 -37.87 36.23
N THR B 820 -9.86 -38.92 37.03
CA THR B 820 -9.72 -40.30 36.59
C THR B 820 -11.12 -40.90 36.49
N VAL B 821 -11.40 -41.58 35.38
CA VAL B 821 -12.69 -42.23 35.23
C VAL B 821 -12.50 -43.66 34.80
N THR B 822 -13.18 -44.56 35.49
CA THR B 822 -13.12 -45.98 35.18
C THR B 822 -14.44 -46.41 34.58
N LEU B 823 -14.37 -47.06 33.42
CA LEU B 823 -15.57 -47.49 32.70
C LEU B 823 -15.66 -49.00 32.60
N LYS B 824 -16.87 -49.54 32.73
CA LYS B 824 -17.05 -50.99 32.59
C LYS B 824 -18.31 -51.29 31.78
N ASN B 825 -18.21 -52.25 30.86
CA ASN B 825 -19.41 -52.74 30.20
C ASN B 825 -20.07 -53.69 31.19
N THR B 826 -21.17 -53.23 31.75
CA THR B 826 -21.86 -53.90 32.83
C THR B 826 -23.19 -54.52 32.41
N SER B 827 -23.36 -54.81 31.13
CA SER B 827 -24.59 -55.43 30.66
C SER B 827 -24.50 -56.96 30.75
N GLY B 828 -25.64 -57.63 30.70
CA GLY B 828 -25.66 -59.08 30.84
C GLY B 828 -25.59 -59.78 29.49
N GLY B 829 -25.83 -59.01 28.43
CA GLY B 829 -25.86 -59.55 27.08
C GLY B 829 -24.50 -59.69 26.43
N ARG B 830 -24.49 -59.79 25.10
CA ARG B 830 -23.27 -59.85 24.34
C ARG B 830 -22.92 -58.50 23.67
N LEU B 831 -23.80 -57.50 23.86
CA LEU B 831 -23.66 -56.19 23.19
C LEU B 831 -22.59 -55.26 23.78
N PRO B 832 -21.64 -54.83 22.93
CA PRO B 832 -20.61 -53.86 23.30
C PRO B 832 -21.23 -52.52 23.70
N ALA B 833 -20.56 -51.82 24.61
CA ALA B 833 -20.93 -50.43 24.91
C ALA B 833 -20.19 -49.58 23.89
N PHE B 834 -20.93 -49.08 22.91
CA PHE B 834 -20.35 -48.51 21.70
C PHE B 834 -20.29 -46.99 21.73
N TYR B 835 -19.10 -46.49 21.40
CA TYR B 835 -18.87 -45.06 21.23
C TYR B 835 -19.24 -44.23 22.47
N VAL B 836 -18.56 -44.54 23.57
CA VAL B 836 -18.78 -43.91 24.85
C VAL B 836 -17.89 -42.68 25.00
N ASP B 837 -18.52 -41.53 25.15
CA ASP B 837 -17.85 -40.23 25.20
C ASP B 837 -17.99 -39.68 26.61
N SER B 838 -16.86 -39.36 27.22
CA SER B 838 -16.83 -38.85 28.58
C SER B 838 -16.47 -37.38 28.56
N LYS B 839 -17.17 -36.61 29.36
CA LYS B 839 -17.08 -35.17 29.29
C LYS B 839 -17.03 -34.59 30.70
N VAL B 840 -15.94 -33.91 31.02
CA VAL B 840 -15.84 -33.16 32.26
C VAL B 840 -16.88 -32.05 32.22
N VAL B 841 -17.79 -32.04 33.18
CA VAL B 841 -18.78 -30.94 33.27
C VAL B 841 -18.79 -30.30 34.63
N ASP B 842 -19.29 -29.06 34.70
CA ASP B 842 -19.54 -28.43 35.98
C ASP B 842 -20.87 -28.95 36.51
N SER B 843 -21.37 -28.35 37.58
CA SER B 843 -22.55 -28.85 38.30
C SER B 843 -23.82 -28.63 37.50
N ALA B 844 -23.72 -27.75 36.50
CA ALA B 844 -24.82 -27.41 35.60
C ALA B 844 -24.77 -28.20 34.31
N GLY B 845 -23.73 -29.02 34.15
CA GLY B 845 -23.55 -29.83 32.93
C GLY B 845 -22.86 -29.14 31.75
N LYS B 846 -22.30 -27.97 31.98
CA LYS B 846 -21.53 -27.26 30.95
C LYS B 846 -20.15 -27.92 30.86
N PRO B 847 -19.68 -28.27 29.65
CA PRO B 847 -18.33 -28.85 29.55
C PRO B 847 -17.26 -27.92 30.11
N VAL B 848 -16.27 -28.49 30.79
CA VAL B 848 -15.17 -27.72 31.32
C VAL B 848 -14.06 -27.77 30.26
N LEU B 849 -13.67 -26.59 29.76
CA LEU B 849 -12.76 -26.51 28.61
C LEU B 849 -11.76 -25.37 28.79
N PRO B 850 -10.57 -25.50 28.20
CA PRO B 850 -10.07 -26.65 27.45
C PRO B 850 -9.83 -27.85 28.37
N VAL B 851 -9.67 -29.03 27.77
CA VAL B 851 -9.52 -30.28 28.51
C VAL B 851 -8.65 -31.25 27.70
N GLU B 852 -7.97 -32.17 28.39
CA GLU B 852 -7.07 -33.12 27.74
C GLU B 852 -7.20 -34.56 28.25
N TRP B 853 -7.69 -35.44 27.39
CA TRP B 853 -7.89 -36.83 27.75
C TRP B 853 -6.77 -37.66 27.15
N ASN B 854 -6.43 -38.75 27.81
CA ASN B 854 -5.48 -39.73 27.27
C ASN B 854 -6.16 -40.55 26.15
N ASP B 855 -7.46 -40.81 26.31
CA ASP B 855 -8.25 -41.54 25.33
C ASP B 855 -9.73 -41.18 25.55
N ASN B 856 -10.58 -41.38 24.54
CA ASN B 856 -12.02 -41.12 24.69
C ASN B 856 -12.81 -41.76 23.54
N ALA B 857 -14.12 -41.55 23.51
CA ALA B 857 -15.02 -42.21 22.55
C ALA B 857 -14.64 -43.67 22.43
N VAL B 858 -14.75 -44.38 23.55
CA VAL B 858 -14.25 -45.76 23.66
C VAL B 858 -15.38 -46.78 23.44
N SER B 859 -15.03 -47.96 22.93
CA SER B 859 -15.98 -49.06 22.85
C SER B 859 -15.47 -50.22 23.67
N LEU B 860 -16.39 -50.83 24.43
CA LEU B 860 -16.09 -51.87 25.43
C LEU B 860 -17.07 -53.05 25.34
N TRP B 861 -16.54 -54.25 25.12
CA TRP B 861 -17.35 -55.46 25.13
C TRP B 861 -17.59 -55.91 26.58
N PRO B 862 -18.56 -56.81 26.80
CA PRO B 862 -18.95 -57.20 28.16
C PRO B 862 -17.78 -57.69 29.00
N GLY B 863 -17.68 -57.18 30.22
CA GLY B 863 -16.56 -57.50 31.12
C GLY B 863 -15.23 -56.81 30.80
N GLU B 864 -15.27 -55.81 29.91
CA GLU B 864 -14.09 -54.99 29.65
C GLU B 864 -14.16 -53.70 30.47
N THR B 865 -12.99 -53.27 30.88
CA THR B 865 -12.84 -52.10 31.71
C THR B 865 -11.87 -51.18 31.01
N THR B 866 -12.08 -49.88 31.17
CA THR B 866 -11.03 -48.93 30.82
C THR B 866 -10.97 -47.79 31.82
N THR B 867 -9.77 -47.27 32.00
CA THR B 867 -9.51 -46.15 32.88
C THR B 867 -8.98 -44.95 32.09
N LEU B 868 -9.71 -43.83 32.20
CA LEU B 868 -9.44 -42.64 31.41
C LEU B 868 -8.99 -41.47 32.29
N THR B 869 -8.06 -40.67 31.78
CA THR B 869 -7.56 -39.49 32.53
C THR B 869 -7.82 -38.18 31.80
N ALA B 870 -8.41 -37.22 32.53
CA ALA B 870 -8.69 -35.87 32.05
C ALA B 870 -7.91 -34.85 32.84
N LYS B 871 -7.19 -34.01 32.11
CA LYS B 871 -6.40 -32.94 32.71
C LYS B 871 -6.93 -31.60 32.19
N TYR B 872 -7.12 -30.65 33.11
CA TYR B 872 -7.60 -29.31 32.81
C TYR B 872 -7.22 -28.37 33.93
N ARG B 873 -7.46 -27.07 33.74
CA ARG B 873 -7.19 -26.09 34.77
C ARG B 873 -8.31 -26.05 35.81
N THR B 874 -7.93 -26.26 37.07
CA THR B 874 -8.84 -26.17 38.23
C THR B 874 -9.74 -24.92 38.14
N ALA B 875 -9.17 -23.79 37.77
CA ALA B 875 -9.90 -22.52 37.70
C ALA B 875 -11.04 -22.56 36.68
N ASP B 876 -10.92 -23.38 35.63
CA ASP B 876 -11.95 -23.46 34.59
C ASP B 876 -13.25 -24.16 35.05
N LEU B 877 -13.22 -24.70 36.26
CA LEU B 877 -14.41 -25.14 36.98
C LEU B 877 -15.21 -23.95 37.48
N LYS B 878 -14.52 -22.83 37.69
CA LYS B 878 -15.12 -21.58 38.15
C LYS B 878 -15.90 -21.79 39.44
N GLY B 879 -15.29 -22.56 40.34
CA GLY B 879 -15.87 -22.80 41.67
C GLY B 879 -16.59 -24.14 41.79
N SER B 880 -17.04 -24.70 40.67
CA SER B 880 -17.81 -25.94 40.70
C SER B 880 -17.03 -27.18 41.13
N LYS B 881 -17.77 -28.17 41.64
CA LYS B 881 -17.22 -29.49 41.82
C LYS B 881 -17.23 -30.17 40.44
N PRO B 882 -16.22 -31.02 40.16
CA PRO B 882 -16.21 -31.67 38.85
C PRO B 882 -17.18 -32.86 38.75
N SER B 883 -17.73 -33.06 37.56
CA SER B 883 -18.48 -34.28 37.24
C SER B 883 -18.12 -34.81 35.86
N VAL B 884 -18.60 -36.00 35.53
CA VAL B 884 -18.34 -36.63 34.24
C VAL B 884 -19.64 -37.10 33.55
N ARG B 885 -20.04 -36.37 32.52
CA ARG B 885 -21.16 -36.76 31.64
C ARG B 885 -20.70 -37.82 30.69
N ILE B 886 -21.34 -38.97 30.76
CA ILE B 886 -20.96 -40.13 29.99
C ILE B 886 -22.09 -40.52 29.04
N SER B 887 -21.84 -40.40 27.74
CA SER B 887 -22.87 -40.70 26.75
C SER B 887 -22.41 -41.73 25.76
N GLY B 888 -23.22 -42.75 25.58
CA GLY B 888 -22.93 -43.76 24.59
C GLY B 888 -23.99 -43.80 23.51
N TRP B 889 -23.59 -44.22 22.32
CA TRP B 889 -24.55 -44.42 21.24
C TRP B 889 -25.72 -45.29 21.71
N ASN B 890 -25.41 -46.40 22.37
CA ASN B 890 -26.43 -47.34 22.81
C ASN B 890 -26.40 -47.57 24.31
N THR B 891 -26.01 -46.55 25.07
CA THR B 891 -25.93 -46.68 26.53
C THR B 891 -26.50 -45.45 27.21
N GLY B 892 -27.06 -44.55 26.42
CA GLY B 892 -27.69 -43.34 26.94
C GLY B 892 -26.73 -42.39 27.62
N THR B 893 -27.27 -41.58 28.55
CA THR B 893 -26.48 -40.59 29.26
C THR B 893 -26.72 -40.64 30.77
N GLN B 894 -25.62 -40.71 31.52
CA GLN B 894 -25.62 -40.55 32.98
C GLN B 894 -24.54 -39.52 33.32
N THR B 895 -24.65 -38.83 34.44
CA THR B 895 -23.50 -38.06 34.88
C THR B 895 -23.09 -38.42 36.30
N VAL B 896 -21.89 -38.97 36.45
CA VAL B 896 -21.39 -39.33 37.78
C VAL B 896 -20.58 -38.18 38.37
N PRO B 897 -20.65 -38.00 39.71
CA PRO B 897 -19.81 -36.99 40.39
C PRO B 897 -18.34 -37.41 40.36
N ALA B 898 -17.43 -36.44 40.42
CA ALA B 898 -16.00 -36.79 40.50
C ALA B 898 -15.30 -36.27 41.76
N ASP B 899 -15.88 -36.57 42.92
#